data_5UFV
#
_entry.id   5UFV
#
_cell.length_a   70.937
_cell.length_b   134.302
_cell.length_c   79.402
_cell.angle_alpha   90.000
_cell.angle_beta   92.920
_cell.angle_gamma   90.000
#
_symmetry.space_group_name_H-M   'P 1 21 1'
#
loop_
_entity.id
_entity.type
_entity.pdbx_description
1 polymer 'Glycoside hydrolase family 61 protein'
2 non-polymer 'COPPER (II) ION'
3 water water
#
_entity_poly.entity_id   1
_entity_poly.type   'polypeptide(L)'
_entity_poly.pdbx_seq_one_letter_code
;(HIC)GAVTSYNIAGKDYPGYSGFAPTGQDVIQWQWPDYNPVLSASDPKLRCNGGTGAALYAEAAPGDTITATWAQWTHS
QGPILVWMYKCPGDFSSCDGSGAGWFKIDEAGFHGDGTTVFLDTETPSGWDIAKLVGGNKSWSSKIPDGLAPGNYLVRHE
LIALHQANNPQFYPECAQIKVTGSGTAEPAASYKAAIPGYCQQSDPNISFNINDHSLPQEYKIPGPPVFKGTASAKARAF
QA
;
_entity_poly.pdbx_strand_id   A,B,C,D,E,F
#
loop_
_chem_comp.id
_chem_comp.type
_chem_comp.name
_chem_comp.formula
CU non-polymer 'COPPER (II) ION' 'Cu 2'
#
# COMPACT_ATOMS: atom_id res chain seq x y z
N HIC A 1 20.39 -17.34 -1.01
CA HIC A 1 19.49 -18.50 -1.34
C HIC A 1 19.21 -18.65 -2.82
O HIC A 1 18.68 -17.77 -3.48
CB HIC A 1 18.19 -18.42 -0.53
CG HIC A 1 18.45 -18.65 0.94
ND1 HIC A 1 19.33 -18.01 1.74
CD2 HIC A 1 17.82 -19.57 1.77
CE1 HIC A 1 19.28 -18.49 3.00
NE2 HIC A 1 18.34 -19.45 3.01
CZ HIC A 1 17.95 -20.25 4.19
N GLY A 2 19.55 -19.82 -3.37
CA GLY A 2 19.28 -20.12 -4.75
C GLY A 2 20.19 -21.24 -5.17
N ALA A 3 20.00 -21.71 -6.40
CA ALA A 3 20.85 -22.79 -6.94
C ALA A 3 20.83 -22.71 -8.45
N VAL A 4 21.80 -23.36 -9.08
CA VAL A 4 21.75 -23.49 -10.53
C VAL A 4 20.63 -24.44 -10.83
N THR A 5 19.63 -23.95 -11.54
CA THR A 5 18.49 -24.77 -11.88
C THR A 5 18.45 -25.41 -13.29
N SER A 6 19.29 -24.95 -14.22
CA SER A 6 19.30 -25.46 -15.58
C SER A 6 20.55 -24.97 -16.31
N TYR A 7 20.87 -25.54 -17.47
CA TYR A 7 22.09 -25.18 -18.18
C TYR A 7 21.85 -25.03 -19.69
N ASN A 8 22.71 -24.23 -20.33
CA ASN A 8 22.86 -24.25 -21.77
C ASN A 8 24.32 -24.54 -22.12
N ILE A 9 24.54 -25.68 -22.76
CA ILE A 9 25.89 -26.13 -23.06
C ILE A 9 26.03 -26.44 -24.53
N ALA A 10 26.91 -25.68 -25.17
CA ALA A 10 27.20 -25.78 -26.60
C ALA A 10 25.92 -25.56 -27.35
N GLY A 11 25.14 -24.55 -26.92
CA GLY A 11 23.86 -24.24 -27.54
C GLY A 11 22.65 -25.15 -27.23
N LYS A 12 22.78 -26.17 -26.38
CA LYS A 12 21.63 -27.04 -26.05
C LYS A 12 21.19 -26.87 -24.61
N ASP A 13 19.91 -27.14 -24.39
CA ASP A 13 19.28 -26.89 -23.10
C ASP A 13 19.27 -28.16 -22.29
N TYR A 14 19.67 -28.04 -21.03
CA TYR A 14 19.70 -29.18 -20.15
C TYR A 14 19.02 -28.80 -18.84
N PRO A 15 17.88 -29.44 -18.53
CA PRO A 15 17.25 -29.16 -17.25
C PRO A 15 18.08 -29.64 -16.07
N GLY A 16 17.98 -28.93 -14.97
CA GLY A 16 18.64 -29.39 -13.79
C GLY A 16 17.78 -30.37 -13.00
N TYR A 17 18.40 -30.90 -11.95
CA TYR A 17 17.72 -31.66 -10.94
C TYR A 17 16.77 -30.74 -10.24
N SER A 18 15.63 -31.28 -9.83
CA SER A 18 14.66 -30.51 -9.13
C SER A 18 14.74 -30.78 -7.63
N GLY A 19 15.64 -30.04 -6.97
CA GLY A 19 15.95 -30.18 -5.55
C GLY A 19 14.75 -30.28 -4.62
N PHE A 20 13.76 -29.41 -4.82
CA PHE A 20 12.61 -29.37 -3.90
C PHE A 20 11.54 -30.42 -4.16
N ALA A 21 11.61 -31.08 -5.31
CA ALA A 21 10.64 -32.10 -5.70
C ALA A 21 11.20 -32.89 -6.87
N PRO A 22 12.11 -33.82 -6.57
CA PRO A 22 12.73 -34.56 -7.66
C PRO A 22 11.70 -35.30 -8.47
N THR A 23 11.87 -35.26 -9.77
CA THR A 23 10.94 -35.79 -10.75
C THR A 23 11.25 -37.24 -11.09
N GLY A 24 12.44 -37.70 -10.74
CA GLY A 24 12.89 -39.03 -11.19
C GLY A 24 13.35 -39.08 -12.64
N GLN A 25 13.44 -37.94 -13.30
CA GLN A 25 13.86 -37.90 -14.70
C GLN A 25 15.40 -37.77 -14.77
N ASP A 26 15.99 -38.43 -15.77
CA ASP A 26 17.43 -38.35 -16.03
C ASP A 26 17.90 -36.92 -16.31
N VAL A 27 18.96 -36.48 -15.61
CA VAL A 27 19.55 -35.15 -15.86
C VAL A 27 21.09 -35.18 -15.87
N ILE A 28 21.73 -34.07 -16.19
CA ILE A 28 23.21 -33.99 -16.18
C ILE A 28 23.76 -33.53 -14.81
N GLN A 29 22.87 -32.97 -14.00
CA GLN A 29 23.22 -32.34 -12.72
C GLN A 29 23.14 -33.32 -11.53
N TRP A 30 24.12 -33.21 -10.64
CA TRP A 30 24.15 -33.97 -9.40
C TRP A 30 23.12 -33.39 -8.46
N GLN A 31 22.62 -34.22 -7.55
CA GLN A 31 21.46 -33.84 -6.75
C GLN A 31 21.86 -32.71 -5.82
N TRP A 32 20.88 -31.93 -5.44
CA TRP A 32 21.06 -30.90 -4.43
C TRP A 32 19.74 -30.87 -3.67
N PRO A 33 19.78 -30.54 -2.38
CA PRO A 33 18.61 -30.76 -1.52
C PRO A 33 17.60 -29.60 -1.50
N ASP A 34 18.09 -28.38 -1.66
CA ASP A 34 17.26 -27.18 -1.49
C ASP A 34 18.19 -25.99 -1.66
N TYR A 35 17.73 -24.81 -1.27
CA TYR A 35 18.49 -23.59 -1.47
C TYR A 35 19.32 -23.11 -0.28
N ASN A 36 19.43 -23.91 0.76
CA ASN A 36 20.18 -23.50 1.95
C ASN A 36 21.66 -23.53 1.71
N PRO A 37 22.37 -22.59 2.33
CA PRO A 37 23.81 -22.52 2.16
C PRO A 37 24.54 -23.65 2.88
N VAL A 38 25.74 -23.96 2.40
CA VAL A 38 26.73 -24.71 3.16
C VAL A 38 27.44 -23.61 3.94
N LEU A 39 27.61 -23.83 5.26
CA LEU A 39 28.10 -22.79 6.17
C LEU A 39 29.54 -22.96 6.60
N SER A 40 30.15 -24.10 6.29
CA SER A 40 31.53 -24.35 6.67
C SER A 40 32.41 -24.83 5.49
N ALA A 41 33.53 -24.14 5.30
CA ALA A 41 34.54 -24.49 4.31
C ALA A 41 35.08 -25.93 4.37
N SER A 42 35.00 -26.59 5.50
CA SER A 42 35.48 -27.95 5.54
C SER A 42 34.35 -29.00 5.43
N ASP A 43 33.12 -28.56 5.16
CA ASP A 43 31.98 -29.45 5.04
C ASP A 43 32.02 -30.18 3.69
N PRO A 44 31.86 -31.52 3.68
CA PRO A 44 31.87 -32.26 2.40
C PRO A 44 30.76 -31.85 1.42
N LYS A 45 29.67 -31.32 1.96
CA LYS A 45 28.59 -30.78 1.18
C LYS A 45 29.09 -29.65 0.31
N LEU A 46 30.19 -29.00 0.68
CA LEU A 46 30.78 -27.98 -0.18
C LEU A 46 31.08 -28.43 -1.62
N ARG A 47 31.41 -29.69 -1.83
CA ARG A 47 31.79 -30.16 -3.16
C ARG A 47 30.66 -30.04 -4.18
N CYS A 48 29.59 -30.79 -3.95
CA CYS A 48 28.49 -30.82 -4.89
C CYS A 48 27.17 -30.80 -4.14
N ASN A 49 27.16 -30.11 -3.00
CA ASN A 49 25.95 -29.97 -2.19
C ASN A 49 25.37 -31.33 -1.86
N GLY A 50 26.24 -32.31 -1.63
CA GLY A 50 25.82 -33.66 -1.20
C GLY A 50 25.33 -34.59 -2.30
N GLY A 51 25.26 -34.14 -3.55
CA GLY A 51 24.93 -35.02 -4.67
C GLY A 51 25.95 -36.15 -4.81
N THR A 52 25.55 -37.18 -5.54
CA THR A 52 26.40 -38.37 -5.72
C THR A 52 26.62 -38.69 -7.15
N GLY A 53 25.80 -38.16 -8.05
CA GLY A 53 25.93 -38.46 -9.46
C GLY A 53 24.73 -38.11 -10.28
N ALA A 54 24.78 -38.52 -11.53
CA ALA A 54 23.76 -38.21 -12.50
C ALA A 54 23.84 -39.17 -13.70
N ALA A 55 22.73 -39.34 -14.41
CA ALA A 55 22.62 -40.36 -15.47
C ALA A 55 23.14 -39.89 -16.83
N LEU A 56 23.00 -38.59 -17.07
CA LEU A 56 23.36 -38.02 -18.36
C LEU A 56 24.56 -37.09 -18.30
N TYR A 57 25.06 -36.74 -19.48
CA TYR A 57 26.14 -35.78 -19.69
C TYR A 57 25.78 -34.87 -20.87
N ALA A 58 26.34 -33.66 -20.89
CA ALA A 58 26.26 -32.80 -22.05
C ALA A 58 27.55 -32.95 -22.87
N GLU A 59 27.44 -32.96 -24.19
CA GLU A 59 28.63 -32.92 -25.05
C GLU A 59 29.10 -31.50 -25.24
N ALA A 60 30.41 -31.35 -25.31
CA ALA A 60 31.00 -30.04 -25.56
C ALA A 60 32.44 -30.19 -25.97
N ALA A 61 32.86 -29.29 -26.83
CA ALA A 61 34.25 -29.23 -27.23
C ALA A 61 34.89 -28.04 -26.53
N PRO A 62 36.22 -28.04 -26.47
CA PRO A 62 36.93 -26.90 -25.96
C PRO A 62 36.50 -25.65 -26.69
N GLY A 63 36.42 -24.52 -25.98
CA GLY A 63 35.97 -23.25 -26.55
C GLY A 63 34.46 -23.07 -26.55
N ASP A 64 33.70 -24.15 -26.35
CA ASP A 64 32.26 -24.04 -26.25
C ASP A 64 31.86 -23.35 -24.95
N THR A 65 30.67 -22.76 -24.97
CA THR A 65 30.15 -22.00 -23.84
C THR A 65 29.31 -22.89 -22.89
N ILE A 66 29.60 -22.77 -21.58
CA ILE A 66 28.78 -23.31 -20.51
C ILE A 66 28.02 -22.18 -19.80
N THR A 67 26.70 -22.19 -19.92
CA THR A 67 25.87 -21.21 -19.28
C THR A 67 25.01 -21.90 -18.23
N ALA A 68 25.07 -21.42 -16.99
CA ALA A 68 24.23 -21.89 -15.90
C ALA A 68 23.19 -20.83 -15.54
N THR A 69 21.98 -21.27 -15.23
CA THR A 69 20.90 -20.37 -14.85
C THR A 69 20.43 -20.61 -13.42
N TRP A 70 20.21 -19.52 -12.69
CA TRP A 70 19.74 -19.56 -11.34
C TRP A 70 18.33 -19.07 -11.43
N ALA A 71 17.37 -19.96 -11.20
CA ALA A 71 16.00 -19.57 -11.20
C ALA A 71 15.73 -18.48 -10.17
N GLN A 72 16.46 -18.50 -9.06
CA GLN A 72 16.32 -17.53 -7.96
C GLN A 72 17.71 -17.26 -7.39
N TRP A 73 17.96 -16.02 -6.97
CA TRP A 73 19.19 -15.68 -6.30
C TRP A 73 19.05 -14.34 -5.61
N THR A 74 19.41 -14.27 -4.34
CA THR A 74 19.06 -13.12 -3.56
C THR A 74 20.22 -12.22 -3.12
N HIS A 75 21.47 -12.65 -3.22
CA HIS A 75 22.58 -11.88 -2.59
C HIS A 75 23.45 -11.11 -3.57
N SER A 76 23.81 -9.89 -3.19
CA SER A 76 24.54 -8.98 -4.06
C SER A 76 26.01 -8.81 -3.72
N GLN A 77 26.49 -9.49 -2.70
CA GLN A 77 27.91 -9.49 -2.37
C GLN A 77 28.53 -10.87 -2.33
N GLY A 78 29.57 -11.06 -3.12
CA GLY A 78 30.46 -12.18 -2.99
C GLY A 78 30.88 -12.67 -4.37
N PRO A 79 31.88 -13.55 -4.42
CA PRO A 79 32.39 -14.04 -5.69
C PRO A 79 31.58 -15.17 -6.37
N ILE A 80 31.86 -15.34 -7.65
CA ILE A 80 31.35 -16.42 -8.45
C ILE A 80 32.58 -17.24 -8.81
N LEU A 81 32.49 -18.57 -8.63
CA LEU A 81 33.52 -19.45 -9.09
C LEU A 81 32.96 -20.59 -9.94
N VAL A 82 33.65 -20.92 -11.03
CA VAL A 82 33.28 -22.03 -11.85
C VAL A 82 34.48 -22.91 -12.02
N TRP A 83 34.34 -24.19 -11.70
CA TRP A 83 35.44 -25.11 -11.70
C TRP A 83 35.11 -26.31 -12.53
N MET A 84 36.15 -27.07 -12.84
CA MET A 84 36.03 -28.31 -13.55
C MET A 84 36.94 -29.34 -12.91
N TYR A 85 36.72 -30.59 -13.28
CA TYR A 85 37.39 -31.70 -12.63
C TYR A 85 37.39 -32.84 -13.62
N LYS A 86 38.58 -33.35 -13.89
CA LYS A 86 38.75 -34.44 -14.82
C LYS A 86 38.48 -35.79 -14.16
N CYS A 87 37.37 -36.42 -14.50
CA CYS A 87 37.08 -37.75 -14.00
C CYS A 87 38.12 -38.76 -14.54
N PRO A 88 38.69 -39.59 -13.64
CA PRO A 88 39.66 -40.60 -14.07
C PRO A 88 39.09 -41.54 -15.10
N GLY A 89 37.82 -41.94 -14.96
CA GLY A 89 37.17 -42.76 -15.97
C GLY A 89 35.71 -42.47 -16.16
N ASP A 90 34.90 -43.46 -15.81
CA ASP A 90 33.45 -43.39 -15.90
C ASP A 90 32.93 -42.29 -14.96
N PHE A 91 31.93 -41.53 -15.38
CA PHE A 91 31.25 -40.61 -14.45
C PHE A 91 30.76 -41.31 -13.18
N SER A 92 30.30 -42.54 -13.31
CA SER A 92 29.71 -43.23 -12.16
C SER A 92 30.70 -43.49 -11.04
N SER A 93 32.00 -43.55 -11.34
CA SER A 93 32.98 -43.85 -10.28
C SER A 93 33.73 -42.59 -9.86
N CYS A 94 33.27 -41.45 -10.37
CA CYS A 94 33.84 -40.15 -10.08
C CYS A 94 33.09 -39.59 -8.86
N ASP A 95 33.80 -39.38 -7.75
CA ASP A 95 33.26 -38.67 -6.57
C ASP A 95 33.79 -37.23 -6.40
N GLY A 96 34.74 -36.83 -7.24
CA GLY A 96 35.26 -35.47 -7.22
C GLY A 96 36.33 -35.28 -6.17
N SER A 97 36.94 -36.38 -5.75
CA SER A 97 37.86 -36.32 -4.61
C SER A 97 39.28 -36.08 -5.06
N GLY A 98 40.10 -35.65 -4.12
CA GLY A 98 41.49 -35.31 -4.43
C GLY A 98 41.63 -33.92 -5.02
N ALA A 99 42.83 -33.60 -5.48
CA ALA A 99 43.15 -32.27 -5.97
C ALA A 99 43.06 -32.30 -7.47
N GLY A 100 41.84 -32.44 -7.94
CA GLY A 100 41.55 -32.41 -9.35
C GLY A 100 40.83 -31.16 -9.78
N TRP A 101 40.31 -30.38 -8.84
CA TRP A 101 39.50 -29.21 -9.22
C TRP A 101 40.32 -28.01 -9.66
N PHE A 102 40.01 -27.48 -10.83
CA PHE A 102 40.64 -26.28 -11.29
C PHE A 102 39.58 -25.27 -11.74
N LYS A 103 39.85 -23.99 -11.51
CA LYS A 103 38.98 -22.89 -11.93
C LYS A 103 39.10 -22.62 -13.41
N ILE A 104 37.95 -22.44 -14.05
CA ILE A 104 37.90 -21.95 -15.41
C ILE A 104 37.33 -20.53 -15.51
N ASP A 105 36.58 -20.09 -14.50
CA ASP A 105 36.01 -18.74 -14.50
C ASP A 105 35.93 -18.20 -13.07
N GLU A 106 35.86 -16.88 -12.92
CA GLU A 106 35.68 -16.27 -11.60
C GLU A 106 35.30 -14.80 -11.75
N ALA A 107 34.57 -14.27 -10.79
CA ALA A 107 34.26 -12.84 -10.79
C ALA A 107 34.13 -12.43 -9.35
N GLY A 108 34.62 -11.23 -9.03
CA GLY A 108 34.62 -10.71 -7.70
C GLY A 108 34.19 -9.26 -7.66
N PHE A 109 34.99 -8.46 -6.98
CA PHE A 109 34.58 -7.15 -6.59
C PHE A 109 35.28 -6.12 -7.47
N HIS A 110 34.52 -5.18 -8.01
CA HIS A 110 35.07 -4.17 -8.91
C HIS A 110 34.70 -2.75 -8.48
N GLY A 111 34.24 -2.58 -7.25
CA GLY A 111 33.82 -1.27 -6.77
C GLY A 111 34.99 -0.36 -6.49
N ASP A 112 34.75 0.93 -6.47
CA ASP A 112 35.86 1.91 -6.38
C ASP A 112 36.41 2.06 -4.96
N GLY A 113 35.65 1.63 -3.96
CA GLY A 113 36.14 1.56 -2.58
C GLY A 113 36.05 2.87 -1.80
N THR A 114 35.26 3.82 -2.30
CA THR A 114 35.08 5.11 -1.62
C THR A 114 33.66 5.65 -1.79
N THR A 115 32.97 5.27 -2.86
CA THR A 115 31.50 5.41 -2.98
C THR A 115 30.76 4.05 -2.99
N VAL A 116 31.43 3.01 -3.49
CA VAL A 116 30.93 1.65 -3.50
C VAL A 116 31.91 0.78 -2.70
N PHE A 117 31.49 0.35 -1.51
CA PHE A 117 32.31 -0.52 -0.69
C PHE A 117 31.95 -2.00 -0.89
N LEU A 118 32.73 -2.85 -0.25
CA LEU A 118 32.52 -4.30 -0.26
C LEU A 118 31.14 -4.66 0.23
N ASP A 119 30.63 -3.90 1.21
CA ASP A 119 29.31 -4.17 1.77
C ASP A 119 28.17 -3.35 1.15
N THR A 120 28.46 -2.54 0.12
CA THR A 120 27.41 -1.74 -0.49
C THR A 120 26.42 -2.63 -1.24
N GLU A 121 25.14 -2.35 -1.02
CA GLU A 121 24.03 -3.14 -1.56
C GLU A 121 23.56 -2.67 -2.95
N THR A 122 23.26 -1.38 -3.11
CA THR A 122 23.08 -0.79 -4.45
C THR A 122 23.83 0.53 -4.55
N PRO A 123 24.56 0.74 -5.65
CA PRO A 123 24.82 -0.27 -6.68
C PRO A 123 26.03 -1.19 -6.31
N SER A 124 25.75 -2.46 -6.05
CA SER A 124 26.81 -3.40 -5.66
C SER A 124 28.03 -3.40 -6.59
N GLY A 125 29.22 -3.45 -6.02
CA GLY A 125 30.42 -3.59 -6.84
C GLY A 125 30.82 -5.01 -7.17
N TRP A 126 29.91 -5.97 -6.96
CA TRP A 126 30.17 -7.38 -7.26
C TRP A 126 29.39 -7.85 -8.49
N ASP A 127 30.07 -8.63 -9.32
CA ASP A 127 29.44 -9.23 -10.50
C ASP A 127 28.26 -10.15 -10.14
N ILE A 128 28.31 -10.76 -8.97
CA ILE A 128 27.22 -11.58 -8.52
C ILE A 128 25.87 -10.83 -8.51
N ALA A 129 25.88 -9.51 -8.35
CA ALA A 129 24.64 -8.75 -8.27
C ALA A 129 23.80 -8.95 -9.50
N LYS A 130 24.45 -9.33 -10.59
CA LYS A 130 23.78 -9.46 -11.84
C LYS A 130 22.99 -10.74 -11.90
N LEU A 131 23.33 -11.70 -11.02
CA LEU A 131 22.54 -12.95 -10.87
C LEU A 131 21.28 -12.79 -10.03
N VAL A 132 21.04 -11.63 -9.47
CA VAL A 132 19.95 -11.45 -8.55
C VAL A 132 18.65 -11.22 -9.31
N GLY A 133 17.56 -11.86 -8.86
CA GLY A 133 16.22 -11.45 -9.26
C GLY A 133 15.47 -12.31 -10.26
N GLY A 134 16.04 -13.46 -10.62
CA GLY A 134 15.28 -14.49 -11.30
C GLY A 134 15.75 -14.76 -12.70
N ASN A 135 15.99 -16.04 -12.95
CA ASN A 135 16.36 -16.55 -14.28
C ASN A 135 17.50 -15.78 -14.89
N LYS A 136 18.52 -15.51 -14.07
CA LYS A 136 19.75 -14.93 -14.54
C LYS A 136 20.77 -16.00 -14.78
N SER A 137 21.70 -15.70 -15.67
CA SER A 137 22.60 -16.70 -16.18
C SER A 137 24.03 -16.23 -16.12
N TRP A 138 24.96 -17.19 -16.09
CA TRP A 138 26.40 -16.91 -16.16
C TRP A 138 27.03 -17.81 -17.17
N SER A 139 27.82 -17.24 -18.06
CA SER A 139 28.46 -17.98 -19.15
C SER A 139 30.00 -18.06 -19.01
N SER A 140 30.54 -19.24 -19.24
CA SER A 140 31.97 -19.49 -19.16
C SER A 140 32.40 -20.31 -20.39
N LYS A 141 33.54 -19.98 -20.98
CA LYS A 141 34.12 -20.80 -22.03
C LYS A 141 34.89 -21.95 -21.43
N ILE A 142 34.67 -23.16 -21.94
CA ILE A 142 35.55 -24.28 -21.68
C ILE A 142 36.94 -24.00 -22.25
N PRO A 143 37.97 -23.96 -21.40
CA PRO A 143 39.31 -23.53 -21.82
C PRO A 143 39.79 -24.21 -23.09
N ASP A 144 40.47 -23.45 -23.97
CA ASP A 144 41.04 -23.99 -25.20
C ASP A 144 42.11 -25.06 -24.98
N GLY A 145 42.05 -26.11 -25.79
CA GLY A 145 43.00 -27.21 -25.75
C GLY A 145 42.74 -28.28 -24.70
N LEU A 146 41.71 -28.12 -23.88
CA LEU A 146 41.48 -29.05 -22.76
C LEU A 146 41.42 -30.49 -23.23
N ALA A 147 42.19 -31.37 -22.61
CA ALA A 147 42.17 -32.78 -23.03
C ALA A 147 40.76 -33.32 -22.93
N PRO A 148 40.39 -34.19 -23.87
CA PRO A 148 39.05 -34.76 -23.88
C PRO A 148 38.80 -35.68 -22.69
N GLY A 149 37.54 -35.81 -22.30
CA GLY A 149 37.12 -36.89 -21.40
C GLY A 149 35.88 -36.52 -20.63
N ASN A 150 35.58 -37.29 -19.58
CA ASN A 150 34.45 -36.99 -18.73
C ASN A 150 34.85 -36.01 -17.66
N TYR A 151 34.13 -34.89 -17.58
CA TYR A 151 34.41 -33.87 -16.58
C TYR A 151 33.18 -33.48 -15.79
N LEU A 152 33.39 -33.09 -14.55
CA LEU A 152 32.37 -32.40 -13.78
C LEU A 152 32.64 -30.92 -13.92
N VAL A 153 31.59 -30.13 -13.88
CA VAL A 153 31.73 -28.68 -13.83
C VAL A 153 30.99 -28.24 -12.60
N ARG A 154 31.54 -27.30 -11.84
CA ARG A 154 30.95 -26.91 -10.54
C ARG A 154 30.78 -25.41 -10.46
N HIS A 155 29.56 -24.96 -10.18
CA HIS A 155 29.28 -23.54 -10.02
C HIS A 155 29.14 -23.28 -8.57
N GLU A 156 29.74 -22.18 -8.11
CA GLU A 156 29.76 -21.87 -6.72
C GLU A 156 29.64 -20.39 -6.58
N LEU A 157 28.66 -19.98 -5.77
CA LEU A 157 28.47 -18.62 -5.35
C LEU A 157 28.70 -18.60 -3.88
N ILE A 158 29.48 -17.62 -3.43
CA ILE A 158 29.78 -17.44 -2.01
C ILE A 158 29.22 -16.10 -1.60
N ALA A 159 28.11 -16.11 -0.86
CA ALA A 159 27.52 -14.88 -0.39
C ALA A 159 28.27 -14.41 0.87
N LEU A 160 28.52 -13.11 0.93
CA LEU A 160 29.30 -12.51 2.00
C LEU A 160 28.57 -11.34 2.71
N HIS A 161 27.25 -11.25 2.56
CA HIS A 161 26.48 -10.16 3.21
C HIS A 161 26.68 -10.16 4.71
N GLN A 162 26.75 -11.35 5.33
CA GLN A 162 26.89 -11.47 6.81
C GLN A 162 28.34 -11.44 7.28
N ALA A 163 28.76 -10.38 7.92
CA ALA A 163 30.11 -10.31 8.52
C ALA A 163 30.51 -11.64 9.19
N ASN A 164 31.67 -12.17 8.80
CA ASN A 164 32.23 -13.41 9.39
C ASN A 164 31.44 -14.71 9.12
N ASN A 165 30.38 -14.63 8.32
CA ASN A 165 29.49 -15.78 8.14
C ASN A 165 29.28 -16.10 6.67
N PRO A 166 30.33 -16.62 6.02
CA PRO A 166 30.24 -17.00 4.61
C PRO A 166 29.18 -18.10 4.37
N GLN A 167 28.63 -18.08 3.17
CA GLN A 167 27.55 -18.94 2.78
C GLN A 167 27.86 -19.40 1.38
N PHE A 168 28.16 -20.69 1.21
CA PHE A 168 28.49 -21.30 -0.05
C PHE A 168 27.28 -21.99 -0.67
N TYR A 169 27.10 -21.84 -1.97
CA TYR A 169 25.98 -22.43 -2.70
C TYR A 169 26.55 -23.07 -3.96
N PRO A 170 26.80 -24.40 -3.94
CA PRO A 170 27.43 -25.09 -5.06
C PRO A 170 26.55 -26.16 -5.70
N GLU A 171 26.79 -26.44 -6.98
CA GLU A 171 26.16 -27.55 -7.69
C GLU A 171 27.13 -28.07 -8.75
N CYS A 172 27.03 -29.38 -9.06
CA CYS A 172 27.83 -30.07 -10.10
C CYS A 172 26.95 -30.67 -11.20
N ALA A 173 27.53 -30.69 -12.41
CA ALA A 173 26.90 -31.22 -13.63
C ALA A 173 27.93 -31.98 -14.44
N GLN A 174 27.48 -32.82 -15.36
CA GLN A 174 28.37 -33.74 -16.07
C GLN A 174 28.60 -33.33 -17.54
N ILE A 175 29.87 -33.14 -17.91
CA ILE A 175 30.24 -32.70 -19.26
C ILE A 175 31.19 -33.73 -19.88
N LYS A 176 30.82 -34.24 -21.06
CA LYS A 176 31.71 -35.05 -21.85
C LYS A 176 32.38 -34.13 -22.88
N VAL A 177 33.66 -33.82 -22.63
CA VAL A 177 34.47 -32.94 -23.49
C VAL A 177 35.07 -33.70 -24.66
N THR A 178 34.73 -33.27 -25.87
CA THR A 178 35.17 -33.93 -27.08
C THR A 178 36.47 -33.34 -27.63
N GLY A 179 36.85 -33.75 -28.85
CA GLY A 179 38.03 -33.21 -29.51
C GLY A 179 39.30 -33.96 -29.19
N SER A 180 40.42 -33.30 -29.44
CA SER A 180 41.74 -33.92 -29.31
C SER A 180 42.72 -32.92 -28.75
N GLY A 181 42.26 -32.15 -27.78
CA GLY A 181 43.15 -31.31 -27.00
C GLY A 181 44.08 -32.17 -26.18
N THR A 182 45.09 -31.52 -25.61
CA THR A 182 46.06 -32.17 -24.74
C THR A 182 46.34 -31.38 -23.47
N ALA A 183 45.88 -30.13 -23.40
CA ALA A 183 46.16 -29.31 -22.25
C ALA A 183 45.50 -29.91 -21.00
N GLU A 184 46.32 -30.00 -19.95
CA GLU A 184 45.90 -30.38 -18.63
C GLU A 184 46.51 -29.38 -17.65
N PRO A 185 45.72 -28.88 -16.71
CA PRO A 185 46.30 -27.93 -15.78
C PRO A 185 47.34 -28.58 -14.87
N ALA A 186 48.42 -27.85 -14.62
CA ALA A 186 49.45 -28.27 -13.69
C ALA A 186 48.89 -28.34 -12.28
N ALA A 187 49.63 -29.02 -11.40
CA ALA A 187 49.22 -29.21 -10.01
C ALA A 187 48.95 -27.89 -9.28
N SER A 188 49.63 -26.82 -9.68
CA SER A 188 49.46 -25.49 -9.05
C SER A 188 48.12 -24.81 -9.39
N TYR A 189 47.42 -25.37 -10.38
CA TYR A 189 46.09 -24.87 -10.79
C TYR A 189 44.97 -25.66 -10.13
N LYS A 190 45.33 -26.78 -9.51
CA LYS A 190 44.34 -27.71 -8.98
C LYS A 190 44.25 -27.62 -7.45
N ALA A 191 43.04 -27.90 -6.94
CA ALA A 191 42.74 -27.98 -5.50
C ALA A 191 41.73 -29.08 -5.19
N ALA A 192 41.70 -29.47 -3.93
CA ALA A 192 40.64 -30.29 -3.40
C ALA A 192 39.47 -29.42 -2.98
N ILE A 193 38.28 -30.00 -2.98
CA ILE A 193 37.10 -29.32 -2.45
C ILE A 193 36.28 -30.33 -1.64
N PRO A 194 36.05 -30.09 -0.34
CA PRO A 194 36.62 -28.99 0.44
C PRO A 194 38.14 -29.05 0.51
N GLY A 195 38.77 -27.92 0.82
CA GLY A 195 40.23 -27.86 0.90
C GLY A 195 40.87 -26.61 0.32
N TYR A 196 40.30 -26.06 -0.73
CA TYR A 196 40.90 -24.92 -1.41
C TYR A 196 40.96 -23.62 -0.57
N CYS A 197 40.16 -23.58 0.49
CA CYS A 197 40.17 -22.45 1.40
C CYS A 197 39.96 -22.97 2.79
N GLN A 198 40.40 -22.21 3.80
CA GLN A 198 40.10 -22.48 5.21
C GLN A 198 39.05 -21.51 5.72
N GLN A 199 38.29 -21.94 6.70
CA GLN A 199 37.23 -21.12 7.25
C GLN A 199 37.72 -19.74 7.69
N SER A 200 38.93 -19.68 8.25
CA SER A 200 39.45 -18.46 8.85
C SER A 200 40.29 -17.60 7.89
N ASP A 201 40.38 -17.98 6.61
CA ASP A 201 41.08 -17.14 5.66
C ASP A 201 40.40 -15.76 5.53
N PRO A 202 41.19 -14.71 5.27
CA PRO A 202 40.69 -13.31 5.31
C PRO A 202 39.84 -12.89 4.10
N ASN A 203 39.78 -13.75 3.10
CA ASN A 203 38.79 -13.64 2.07
C ASN A 203 37.62 -14.64 2.25
N ILE A 204 37.52 -15.27 3.42
CA ILE A 204 36.42 -16.18 3.70
C ILE A 204 35.56 -15.71 4.86
N SER A 205 36.16 -15.60 6.05
CA SER A 205 35.51 -15.05 7.24
C SER A 205 36.24 -13.78 7.57
N PHE A 206 35.52 -12.65 7.50
CA PHE A 206 36.08 -11.32 7.75
C PHE A 206 34.94 -10.31 7.90
N ASN A 207 35.28 -9.11 8.37
CA ASN A 207 34.26 -8.11 8.64
C ASN A 207 34.03 -7.22 7.43
N ILE A 208 33.09 -7.65 6.60
CA ILE A 208 32.82 -6.98 5.34
C ILE A 208 32.32 -5.55 5.57
N ASN A 209 31.71 -5.29 6.72
CA ASN A 209 31.19 -3.98 7.02
C ASN A 209 32.27 -3.06 7.58
N ASP A 210 33.51 -3.50 7.65
CA ASP A 210 34.58 -2.66 8.16
C ASP A 210 35.26 -1.90 7.03
N HIS A 211 34.94 -0.61 6.93
CA HIS A 211 35.39 0.23 5.83
C HIS A 211 36.85 0.65 5.94
N SER A 212 37.51 0.32 7.06
CA SER A 212 38.93 0.66 7.24
C SER A 212 39.88 -0.33 6.59
N LEU A 213 39.35 -1.50 6.28
CA LEU A 213 40.10 -2.50 5.53
C LEU A 213 40.33 -2.03 4.09
N PRO A 214 41.29 -2.69 3.39
CA PRO A 214 41.40 -2.45 1.97
C PRO A 214 40.15 -2.96 1.28
N GLN A 215 39.63 -2.13 0.37
CA GLN A 215 38.45 -2.46 -0.39
C GLN A 215 38.84 -3.20 -1.65
N GLU A 216 39.54 -4.31 -1.47
CA GLU A 216 39.93 -5.19 -2.58
C GLU A 216 39.52 -6.53 -2.06
N TYR A 217 39.15 -7.44 -2.96
CA TYR A 217 38.83 -8.81 -2.56
C TYR A 217 39.68 -9.74 -3.40
N LYS A 218 40.49 -10.55 -2.74
CA LYS A 218 41.22 -11.62 -3.41
C LYS A 218 40.26 -12.83 -3.55
N ILE A 219 39.98 -13.26 -4.78
CA ILE A 219 39.14 -14.42 -4.99
C ILE A 219 39.84 -15.71 -4.50
N PRO A 220 39.15 -16.51 -3.71
CA PRO A 220 39.79 -17.72 -3.18
C PRO A 220 40.03 -18.79 -4.23
N GLY A 221 40.88 -19.75 -3.89
CA GLY A 221 41.28 -20.81 -4.80
C GLY A 221 42.47 -20.39 -5.66
N PRO A 222 42.98 -21.31 -6.49
CA PRO A 222 44.13 -21.08 -7.35
C PRO A 222 43.80 -20.15 -8.51
N PRO A 223 44.84 -19.62 -9.20
CA PRO A 223 44.61 -18.83 -10.41
C PRO A 223 43.78 -19.59 -11.41
N VAL A 224 43.07 -18.89 -12.27
CA VAL A 224 42.25 -19.52 -13.29
C VAL A 224 43.09 -20.22 -14.35
N PHE A 225 42.68 -21.42 -14.76
CA PHE A 225 43.29 -22.10 -15.89
C PHE A 225 42.74 -21.64 -17.24
N LYS A 226 43.62 -21.16 -18.11
CA LYS A 226 43.25 -20.54 -19.40
C LYS A 226 43.41 -21.45 -20.63
N GLY A 227 44.25 -22.47 -20.51
CA GLY A 227 44.52 -23.37 -21.62
C GLY A 227 45.58 -22.80 -22.53
N THR A 228 45.23 -22.70 -23.81
CA THR A 228 46.20 -22.35 -24.87
C THR A 228 45.67 -21.24 -25.79
N HIC B 1 21.83 18.77 -20.25
CA HIC B 1 21.89 18.90 -21.73
C HIC B 1 20.99 17.90 -22.40
O HIC B 1 21.20 16.69 -22.29
CB HIC B 1 23.33 18.78 -22.24
CG HIC B 1 24.05 20.06 -21.84
ND1 HIC B 1 24.23 20.48 -20.58
CD2 HIC B 1 24.65 21.03 -22.65
CE1 HIC B 1 24.86 21.67 -20.56
NE2 HIC B 1 25.14 22.00 -21.83
CZ HIC B 1 25.87 23.26 -22.23
N GLY B 2 19.96 18.42 -23.09
CA GLY B 2 19.10 17.64 -23.95
C GLY B 2 17.80 18.38 -24.26
N ALA B 3 16.87 17.73 -24.95
CA ALA B 3 15.64 18.38 -25.33
C ALA B 3 14.61 17.34 -25.79
N VAL B 4 13.33 17.70 -25.70
CA VAL B 4 12.27 16.85 -26.23
C VAL B 4 12.43 16.88 -27.74
N THR B 5 12.64 15.71 -28.32
CA THR B 5 12.96 15.64 -29.74
C THR B 5 11.87 14.99 -30.53
N SER B 6 10.92 14.37 -29.86
CA SER B 6 9.78 13.79 -30.57
C SER B 6 8.67 13.46 -29.60
N TYR B 7 7.51 13.14 -30.13
CA TYR B 7 6.35 12.86 -29.31
C TYR B 7 5.58 11.70 -29.88
N ASN B 8 4.85 11.04 -29.01
CA ASN B 8 3.78 10.14 -29.40
C ASN B 8 2.55 10.59 -28.63
N ILE B 9 1.50 10.99 -29.35
CA ILE B 9 0.30 11.56 -28.73
C ILE B 9 -0.93 10.85 -29.28
N ALA B 10 -1.76 10.31 -28.37
CA ALA B 10 -2.94 9.50 -28.73
C ALA B 10 -2.60 8.39 -29.72
N GLY B 11 -1.42 7.77 -29.56
CA GLY B 11 -0.97 6.67 -30.43
C GLY B 11 -0.24 7.04 -31.71
N LYS B 12 -0.15 8.32 -32.07
CA LYS B 12 0.57 8.75 -33.29
C LYS B 12 1.89 9.40 -33.03
N ASP B 13 2.88 9.05 -33.84
CA ASP B 13 4.21 9.63 -33.73
C ASP B 13 4.23 10.98 -34.37
N TYR B 14 4.95 11.89 -33.75
CA TYR B 14 5.12 13.21 -34.31
C TYR B 14 6.57 13.58 -34.10
N PRO B 15 7.29 13.88 -35.20
CA PRO B 15 8.65 14.37 -35.03
C PRO B 15 8.69 15.78 -34.42
N GLY B 16 9.75 16.06 -33.68
CA GLY B 16 9.95 17.39 -33.14
C GLY B 16 10.67 18.25 -34.15
N TYR B 17 10.78 19.52 -33.83
CA TYR B 17 11.66 20.45 -34.50
C TYR B 17 13.07 19.96 -34.34
N SER B 18 13.86 20.11 -35.37
CA SER B 18 15.28 19.78 -35.30
C SER B 18 16.13 21.03 -35.01
N GLY B 19 16.30 21.34 -33.73
CA GLY B 19 17.01 22.53 -33.26
C GLY B 19 18.42 22.71 -33.77
N PHE B 20 19.13 21.61 -33.97
CA PHE B 20 20.53 21.71 -34.44
C PHE B 20 20.66 21.87 -35.94
N ALA B 21 19.64 21.46 -36.69
CA ALA B 21 19.62 21.53 -38.13
C ALA B 21 18.16 21.52 -38.59
N PRO B 22 17.50 22.68 -38.51
CA PRO B 22 16.09 22.73 -38.86
C PRO B 22 15.88 22.29 -40.29
N THR B 23 14.87 21.46 -40.49
CA THR B 23 14.62 20.83 -41.78
C THR B 23 13.67 21.64 -42.64
N GLY B 24 12.99 22.64 -42.08
CA GLY B 24 11.93 23.33 -42.82
C GLY B 24 10.60 22.56 -42.92
N GLN B 25 10.58 21.31 -42.46
CA GLN B 25 9.37 20.49 -42.54
C GLN B 25 8.45 20.96 -41.41
N ASP B 26 7.16 20.96 -41.68
CA ASP B 26 6.16 21.36 -40.70
C ASP B 26 6.06 20.35 -39.54
N VAL B 27 5.91 20.85 -38.32
CA VAL B 27 5.88 20.03 -37.10
C VAL B 27 4.91 20.62 -36.09
N ILE B 28 4.63 19.89 -35.02
CA ILE B 28 3.77 20.39 -33.95
C ILE B 28 4.54 21.17 -32.86
N GLN B 29 5.88 21.12 -32.92
CA GLN B 29 6.72 21.60 -31.80
C GLN B 29 7.27 22.97 -32.10
N TRP B 30 7.24 23.83 -31.10
CA TRP B 30 7.76 25.19 -31.22
C TRP B 30 9.29 25.06 -31.30
N GLN B 31 9.93 26.08 -31.85
CA GLN B 31 11.37 26.08 -32.11
C GLN B 31 12.17 26.09 -30.80
N TRP B 32 13.29 25.39 -30.81
CA TRP B 32 14.29 25.42 -29.74
C TRP B 32 15.64 25.44 -30.38
N PRO B 33 16.62 26.09 -29.73
CA PRO B 33 17.87 26.39 -30.44
C PRO B 33 18.94 25.31 -30.37
N ASP B 34 18.98 24.55 -29.26
CA ASP B 34 20.08 23.61 -28.96
C ASP B 34 19.83 23.00 -27.58
N TYR B 35 20.82 22.32 -27.00
CA TYR B 35 20.65 21.66 -25.72
C TYR B 35 21.05 22.51 -24.51
N ASN B 36 21.34 23.79 -24.72
CA ASN B 36 21.77 24.60 -23.60
C ASN B 36 20.61 24.91 -22.68
N PRO B 37 20.89 25.04 -21.39
CA PRO B 37 19.87 25.37 -20.43
C PRO B 37 19.54 26.84 -20.38
N VAL B 38 18.35 27.16 -19.93
CA VAL B 38 18.03 28.50 -19.50
C VAL B 38 18.49 28.59 -18.03
N LEU B 39 19.22 29.63 -17.67
CA LEU B 39 19.85 29.73 -16.35
C LEU B 39 19.12 30.62 -15.34
N SER B 40 18.11 31.36 -15.77
CA SER B 40 17.38 32.29 -14.88
C SER B 40 15.87 32.04 -14.90
N ALA B 41 15.24 31.99 -13.74
CA ALA B 41 13.79 31.74 -13.64
C ALA B 41 12.94 32.87 -14.20
N SER B 42 13.53 34.03 -14.40
CA SER B 42 12.80 35.14 -14.98
C SER B 42 13.12 35.39 -16.47
N ASP B 43 13.91 34.53 -17.12
CA ASP B 43 14.22 34.65 -18.55
C ASP B 43 13.00 34.33 -19.44
N PRO B 44 12.69 35.18 -20.42
CA PRO B 44 11.59 34.89 -21.36
C PRO B 44 11.72 33.54 -22.04
N LYS B 45 12.95 33.12 -22.31
CA LYS B 45 13.22 31.81 -22.93
C LYS B 45 12.76 30.64 -22.11
N LEU B 46 12.53 30.85 -20.83
CA LEU B 46 12.00 29.79 -19.99
C LEU B 46 10.71 29.20 -20.51
N ARG B 47 9.87 30.03 -21.13
CA ARG B 47 8.57 29.62 -21.57
C ARG B 47 8.67 28.47 -22.58
N CYS B 48 9.23 28.77 -23.75
CA CYS B 48 9.22 27.87 -24.89
C CYS B 48 10.57 27.80 -25.55
N ASN B 49 11.60 28.08 -24.76
CA ASN B 49 12.99 28.02 -25.24
C ASN B 49 13.26 28.97 -26.42
N GLY B 50 12.56 30.11 -26.43
CA GLY B 50 12.72 31.14 -27.48
C GLY B 50 11.83 30.89 -28.67
N GLY B 51 11.16 29.73 -28.71
CA GLY B 51 10.24 29.38 -29.79
C GLY B 51 9.06 30.33 -29.94
N THR B 52 8.54 30.41 -31.18
CA THR B 52 7.45 31.33 -31.51
C THR B 52 6.17 30.67 -31.99
N GLY B 53 6.27 29.47 -32.56
CA GLY B 53 5.10 28.85 -33.13
C GLY B 53 5.39 27.61 -33.89
N ALA B 54 4.33 27.02 -34.44
CA ALA B 54 4.45 25.81 -35.23
C ALA B 54 3.27 25.64 -36.15
N ALA B 55 3.48 24.89 -37.22
CA ALA B 55 2.49 24.82 -38.32
C ALA B 55 1.37 23.86 -38.01
N LEU B 56 1.68 22.81 -37.25
CA LEU B 56 0.76 21.71 -37.06
C LEU B 56 0.38 21.53 -35.62
N TYR B 57 -0.58 20.65 -35.41
CA TYR B 57 -1.06 20.29 -34.07
C TYR B 57 -1.32 18.82 -34.06
N ALA B 58 -1.35 18.23 -32.88
CA ALA B 58 -1.75 16.84 -32.73
C ALA B 58 -3.10 16.81 -32.05
N GLU B 59 -4.02 16.03 -32.57
CA GLU B 59 -5.32 15.89 -31.92
C GLU B 59 -5.26 14.87 -30.80
N ALA B 60 -5.98 15.16 -29.73
CA ALA B 60 -6.09 14.24 -28.60
C ALA B 60 -7.41 14.49 -27.88
N ALA B 61 -7.96 13.45 -27.28
CA ALA B 61 -9.11 13.61 -26.42
C ALA B 61 -8.67 13.58 -24.93
N PRO B 62 -9.47 14.17 -24.01
CA PRO B 62 -9.08 14.05 -22.61
C PRO B 62 -8.99 12.60 -22.19
N GLY B 63 -7.97 12.29 -21.39
CA GLY B 63 -7.70 10.91 -21.01
C GLY B 63 -6.70 10.23 -21.92
N ASP B 64 -6.34 10.84 -23.06
CA ASP B 64 -5.26 10.33 -23.89
C ASP B 64 -3.92 10.66 -23.31
N THR B 65 -2.96 9.84 -23.71
CA THR B 65 -1.59 9.92 -23.29
C THR B 65 -0.71 10.78 -24.20
N ILE B 66 0.00 11.74 -23.60
CA ILE B 66 1.03 12.54 -24.25
C ILE B 66 2.37 11.97 -23.82
N THR B 67 3.17 11.55 -24.79
CA THR B 67 4.49 11.00 -24.51
C THR B 67 5.59 11.83 -25.15
N ALA B 68 6.54 12.28 -24.34
CA ALA B 68 7.67 13.06 -24.85
C ALA B 68 8.89 12.18 -24.84
N THR B 69 9.71 12.25 -25.89
CA THR B 69 10.95 11.50 -25.93
C THR B 69 12.15 12.48 -25.95
N TRP B 70 13.18 12.13 -25.18
CA TRP B 70 14.44 12.87 -25.14
C TRP B 70 15.49 11.98 -25.79
N ALA B 71 15.97 12.40 -26.95
CA ALA B 71 16.94 11.60 -27.70
C ALA B 71 18.19 11.44 -26.89
N GLN B 72 18.54 12.49 -26.15
CA GLN B 72 19.63 12.47 -25.22
C GLN B 72 19.16 13.24 -23.98
N TRP B 73 19.59 12.79 -22.81
CA TRP B 73 19.45 13.55 -21.55
C TRP B 73 20.53 13.08 -20.59
N THR B 74 21.17 14.00 -19.85
CA THR B 74 22.39 13.67 -19.08
C THR B 74 22.36 13.81 -17.53
N HIS B 75 21.34 14.41 -16.95
CA HIS B 75 21.32 14.78 -15.53
C HIS B 75 20.33 13.95 -14.72
N SER B 76 20.81 13.41 -13.60
CA SER B 76 20.04 12.50 -12.75
C SER B 76 19.38 13.15 -11.56
N GLN B 77 19.62 14.45 -11.37
CA GLN B 77 18.91 15.18 -10.31
C GLN B 77 18.07 16.35 -10.83
N GLY B 78 16.82 16.38 -10.41
CA GLY B 78 15.96 17.50 -10.58
C GLY B 78 14.56 17.05 -10.94
N PRO B 79 13.60 17.98 -10.86
CA PRO B 79 12.21 17.63 -11.14
C PRO B 79 11.88 17.56 -12.63
N ILE B 80 10.77 16.89 -12.91
CA ILE B 80 10.14 16.85 -14.21
C ILE B 80 8.83 17.59 -14.04
N LEU B 81 8.51 18.49 -14.94
CA LEU B 81 7.18 19.09 -14.94
C LEU B 81 6.56 19.08 -16.32
N VAL B 82 5.25 18.86 -16.38
CA VAL B 82 4.54 18.97 -17.65
C VAL B 82 3.35 19.92 -17.48
N TRP B 83 3.23 20.90 -18.36
CA TRP B 83 2.19 21.92 -18.25
C TRP B 83 1.38 22.00 -19.51
N MET B 84 0.23 22.66 -19.39
CA MET B 84 -0.63 22.96 -20.52
C MET B 84 -1.13 24.37 -20.38
N TYR B 85 -1.57 24.94 -21.48
CA TYR B 85 -2.05 26.31 -21.53
C TYR B 85 -3.15 26.34 -22.59
N LYS B 86 -4.28 26.97 -22.28
CA LYS B 86 -5.38 27.06 -23.22
C LYS B 86 -5.20 28.30 -24.07
N CYS B 87 -5.12 28.09 -25.39
CA CYS B 87 -5.04 29.21 -26.31
C CYS B 87 -6.41 29.90 -26.41
N PRO B 88 -6.45 31.25 -26.27
CA PRO B 88 -7.64 32.08 -26.49
C PRO B 88 -8.37 31.71 -27.75
N GLY B 89 -7.61 31.53 -28.84
CA GLY B 89 -8.15 31.06 -30.10
C GLY B 89 -7.15 30.31 -30.97
N ASP B 90 -6.80 30.91 -32.10
CA ASP B 90 -5.87 30.35 -33.06
C ASP B 90 -4.55 29.97 -32.37
N PHE B 91 -3.89 28.88 -32.79
CA PHE B 91 -2.51 28.62 -32.33
C PHE B 91 -1.56 29.76 -32.69
N SER B 92 -1.72 30.30 -33.88
CA SER B 92 -0.81 31.32 -34.40
C SER B 92 -0.77 32.56 -33.53
N SER B 93 -1.88 32.96 -32.93
CA SER B 93 -1.88 34.16 -32.09
C SER B 93 -1.67 33.84 -30.60
N CYS B 94 -1.43 32.58 -30.27
CA CYS B 94 -1.06 32.15 -28.91
C CYS B 94 0.43 32.38 -28.71
N ASP B 95 0.81 33.27 -27.79
CA ASP B 95 2.21 33.43 -27.37
C ASP B 95 2.47 32.81 -25.98
N GLY B 96 1.43 32.28 -25.36
CA GLY B 96 1.54 31.71 -24.03
C GLY B 96 1.78 32.69 -22.90
N SER B 97 1.29 33.91 -23.10
CA SER B 97 1.51 34.96 -22.10
C SER B 97 0.42 34.89 -21.04
N GLY B 98 0.66 35.57 -19.92
CA GLY B 98 -0.28 35.65 -18.83
C GLY B 98 -0.33 34.40 -17.98
N ALA B 99 -1.22 34.41 -16.99
CA ALA B 99 -1.33 33.29 -16.05
C ALA B 99 -2.29 32.23 -16.60
N GLY B 100 -1.87 31.51 -17.61
CA GLY B 100 -2.70 30.47 -18.20
C GLY B 100 -2.16 29.06 -18.00
N TRP B 101 -0.91 28.92 -17.55
CA TRP B 101 -0.24 27.62 -17.48
C TRP B 101 -0.57 26.87 -16.20
N PHE B 102 -0.99 25.61 -16.35
CA PHE B 102 -1.25 24.75 -15.24
C PHE B 102 -0.52 23.43 -15.43
N LYS B 103 -0.15 22.81 -14.33
CA LYS B 103 0.59 21.55 -14.37
C LYS B 103 -0.34 20.37 -14.54
N ILE B 104 0.04 19.41 -15.39
CA ILE B 104 -0.72 18.14 -15.48
C ILE B 104 0.04 16.93 -14.96
N ASP B 105 1.34 17.04 -14.76
CA ASP B 105 2.18 15.92 -14.34
C ASP B 105 3.47 16.49 -13.77
N GLU B 106 4.07 15.73 -12.86
CA GLU B 106 5.30 16.13 -12.19
C GLU B 106 5.94 14.90 -11.53
N ALA B 107 7.22 14.99 -11.27
CA ALA B 107 7.94 13.92 -10.64
C ALA B 107 9.18 14.51 -9.99
N GLY B 108 9.36 14.24 -8.70
CA GLY B 108 10.42 14.81 -7.93
C GLY B 108 11.28 13.72 -7.34
N PHE B 109 11.65 13.90 -6.07
CA PHE B 109 12.58 13.05 -5.34
C PHE B 109 11.86 12.06 -4.44
N HIS B 110 12.25 10.79 -4.54
CA HIS B 110 11.63 9.70 -3.82
C HIS B 110 12.69 8.91 -3.00
N GLY B 111 13.86 9.53 -2.77
CA GLY B 111 14.93 8.87 -2.06
C GLY B 111 14.66 8.82 -0.58
N ASP B 112 15.39 7.98 0.13
CA ASP B 112 15.12 7.76 1.56
C ASP B 112 15.75 8.83 2.49
N GLY B 113 16.62 9.67 1.95
CA GLY B 113 17.20 10.76 2.70
C GLY B 113 18.28 10.40 3.69
N THR B 114 18.73 9.14 3.72
CA THR B 114 19.75 8.69 4.67
C THR B 114 20.81 7.79 4.07
N THR B 115 20.49 7.08 3.00
CA THR B 115 21.50 6.45 2.11
C THR B 115 21.48 7.09 0.70
N VAL B 116 20.28 7.42 0.21
CA VAL B 116 20.10 8.14 -1.06
C VAL B 116 19.69 9.57 -0.74
N PHE B 117 20.57 10.54 -1.02
CA PHE B 117 20.29 11.96 -0.71
C PHE B 117 19.83 12.73 -1.95
N LEU B 118 19.46 13.98 -1.75
CA LEU B 118 19.09 14.86 -2.83
C LEU B 118 20.20 14.92 -3.90
N ASP B 119 21.46 14.90 -3.46
CA ASP B 119 22.58 14.95 -4.40
C ASP B 119 23.24 13.61 -4.78
N THR B 120 22.65 12.49 -4.37
CA THR B 120 23.21 11.21 -4.74
C THR B 120 23.11 11.01 -6.25
N GLU B 121 24.20 10.56 -6.86
CA GLU B 121 24.27 10.34 -8.30
C GLU B 121 23.77 8.92 -8.66
N THR B 122 24.37 7.88 -8.07
CA THR B 122 23.85 6.53 -8.25
C THR B 122 23.75 5.82 -6.90
N PRO B 123 22.58 5.25 -6.59
CA PRO B 123 21.38 5.35 -7.44
C PRO B 123 20.56 6.64 -7.14
N SER B 124 20.35 7.50 -8.14
CA SER B 124 19.63 8.72 -7.93
C SER B 124 18.22 8.45 -7.42
N GLY B 125 17.77 9.24 -6.45
CA GLY B 125 16.41 9.14 -5.97
C GLY B 125 15.40 9.95 -6.75
N TRP B 126 15.83 10.52 -7.88
CA TRP B 126 14.95 11.31 -8.71
C TRP B 126 14.43 10.52 -9.91
N ASP B 127 13.18 10.80 -10.31
CA ASP B 127 12.56 10.12 -11.45
C ASP B 127 13.20 10.53 -12.75
N ILE B 128 13.77 11.72 -12.76
CA ILE B 128 14.43 12.23 -13.93
C ILE B 128 15.59 11.35 -14.33
N ALA B 129 16.13 10.56 -13.40
CA ALA B 129 17.18 9.60 -13.75
C ALA B 129 16.72 8.58 -14.81
N LYS B 130 15.42 8.32 -14.89
CA LYS B 130 14.85 7.36 -15.87
C LYS B 130 14.90 7.90 -17.30
N LEU B 131 15.09 9.21 -17.43
CA LEU B 131 15.28 9.86 -18.72
C LEU B 131 16.71 9.88 -19.24
N VAL B 132 17.65 9.47 -18.40
CA VAL B 132 19.05 9.50 -18.73
C VAL B 132 19.42 8.32 -19.62
N GLY B 133 20.17 8.62 -20.68
CA GLY B 133 20.90 7.56 -21.41
C GLY B 133 20.47 7.31 -22.85
N GLY B 134 19.56 8.11 -23.40
CA GLY B 134 19.23 7.99 -24.81
C GLY B 134 17.84 7.43 -25.18
N ASN B 135 17.05 8.23 -25.90
CA ASN B 135 15.73 7.82 -26.37
C ASN B 135 14.80 7.36 -25.29
N LYS B 136 14.80 8.10 -24.18
CA LYS B 136 13.93 7.83 -23.05
C LYS B 136 12.74 8.78 -23.09
N SER B 137 11.64 8.31 -22.51
CA SER B 137 10.31 8.92 -22.64
C SER B 137 9.63 9.14 -21.30
N TRP B 138 8.67 10.08 -21.28
CA TRP B 138 7.78 10.27 -20.15
C TRP B 138 6.35 10.47 -20.62
N SER B 139 5.43 9.72 -20.06
CA SER B 139 4.01 9.71 -20.46
C SER B 139 3.15 10.46 -19.46
N SER B 140 2.21 11.25 -19.94
CA SER B 140 1.29 11.97 -19.06
C SER B 140 -0.10 11.87 -19.64
N LYS B 141 -1.10 11.77 -18.79
CA LYS B 141 -2.48 11.78 -19.24
C LYS B 141 -2.94 13.21 -19.35
N ILE B 142 -3.67 13.47 -20.42
CA ILE B 142 -4.45 14.69 -20.50
C ILE B 142 -5.64 14.57 -19.51
N PRO B 143 -5.79 15.56 -18.63
CA PRO B 143 -6.80 15.49 -17.59
C PRO B 143 -8.18 15.15 -18.14
N ASP B 144 -8.88 14.27 -17.45
CA ASP B 144 -10.27 13.98 -17.79
C ASP B 144 -11.14 15.24 -17.72
N GLY B 145 -12.10 15.32 -18.64
CA GLY B 145 -13.08 16.39 -18.66
C GLY B 145 -12.58 17.75 -19.13
N LEU B 146 -11.34 17.79 -19.61
CA LEU B 146 -10.76 19.04 -20.06
C LEU B 146 -11.52 19.63 -21.26
N ALA B 147 -11.69 20.94 -21.23
CA ALA B 147 -12.47 21.62 -22.25
C ALA B 147 -11.76 21.51 -23.62
N PRO B 148 -12.52 21.33 -24.71
CA PRO B 148 -11.89 21.30 -26.03
C PRO B 148 -11.37 22.66 -26.40
N GLY B 149 -10.38 22.66 -27.30
CA GLY B 149 -9.72 23.88 -27.72
C GLY B 149 -8.31 23.59 -28.18
N ASN B 150 -7.57 24.68 -28.41
CA ASN B 150 -6.18 24.60 -28.82
C ASN B 150 -5.32 24.85 -27.57
N TYR B 151 -4.42 23.91 -27.27
CA TYR B 151 -3.61 23.96 -26.06
C TYR B 151 -2.15 23.87 -26.42
N LEU B 152 -1.32 24.49 -25.62
CA LEU B 152 0.10 24.24 -25.72
C LEU B 152 0.44 23.31 -24.60
N VAL B 153 1.38 22.42 -24.87
CA VAL B 153 1.89 21.54 -23.86
C VAL B 153 3.37 21.85 -23.69
N ARG B 154 3.82 21.95 -22.44
CA ARG B 154 5.19 22.34 -22.18
C ARG B 154 5.82 21.31 -21.29
N HIS B 155 6.90 20.71 -21.77
CA HIS B 155 7.67 19.81 -20.94
C HIS B 155 8.90 20.57 -20.48
N GLU B 156 9.29 20.35 -19.22
CA GLU B 156 10.33 21.09 -18.53
C GLU B 156 11.09 20.16 -17.58
N LEU B 157 12.39 20.01 -17.85
CA LEU B 157 13.30 19.41 -16.89
C LEU B 157 14.12 20.49 -16.22
N ILE B 158 14.33 20.40 -14.92
CA ILE B 158 15.13 21.37 -14.19
C ILE B 158 16.25 20.56 -13.56
N ALA B 159 17.47 20.76 -14.05
CA ALA B 159 18.57 19.98 -13.52
C ALA B 159 19.19 20.76 -12.36
N LEU B 160 19.41 20.07 -11.24
CA LEU B 160 19.80 20.68 -9.98
C LEU B 160 21.17 20.16 -9.46
N HIS B 161 21.94 19.47 -10.30
CA HIS B 161 23.26 18.99 -9.87
C HIS B 161 24.14 20.09 -9.28
N GLN B 162 24.19 21.28 -9.87
CA GLN B 162 25.05 22.37 -9.33
C GLN B 162 24.34 23.13 -8.24
N ALA B 163 24.88 23.10 -7.03
CA ALA B 163 24.40 23.95 -5.95
C ALA B 163 24.17 25.40 -6.42
N ASN B 164 22.97 25.92 -6.12
CA ASN B 164 22.57 27.30 -6.43
C ASN B 164 22.63 27.69 -7.90
N ASN B 165 22.64 26.70 -8.81
CA ASN B 165 22.69 26.98 -10.25
C ASN B 165 21.69 26.12 -10.98
N PRO B 166 20.40 26.36 -10.73
CA PRO B 166 19.39 25.56 -11.43
C PRO B 166 19.51 25.75 -12.93
N GLN B 167 19.12 24.72 -13.66
CA GLN B 167 19.17 24.72 -15.12
C GLN B 167 17.87 24.21 -15.70
N PHE B 168 17.24 25.04 -16.50
CA PHE B 168 15.92 24.79 -17.01
C PHE B 168 16.01 24.42 -18.47
N TYR B 169 15.29 23.39 -18.85
CA TYR B 169 15.31 22.86 -20.21
C TYR B 169 13.86 22.63 -20.66
N PRO B 170 13.25 23.61 -21.33
CA PRO B 170 11.82 23.50 -21.70
C PRO B 170 11.55 23.42 -23.21
N GLU B 171 10.46 22.78 -23.62
CA GLU B 171 9.97 22.80 -25.01
C GLU B 171 8.43 22.74 -25.05
N CYS B 172 7.84 23.38 -26.07
CA CYS B 172 6.39 23.51 -26.24
C CYS B 172 5.91 22.85 -27.51
N ALA B 173 4.72 22.25 -27.44
CA ALA B 173 4.13 21.60 -28.60
C ALA B 173 2.65 21.97 -28.64
N GLN B 174 2.01 21.71 -29.78
CA GLN B 174 0.62 22.15 -30.02
C GLN B 174 -0.32 20.94 -30.03
N ILE B 175 -1.34 20.99 -29.18
CA ILE B 175 -2.30 19.92 -29.05
C ILE B 175 -3.70 20.48 -29.20
N LYS B 176 -4.49 19.86 -30.07
CA LYS B 176 -5.87 20.18 -30.23
C LYS B 176 -6.67 19.15 -29.45
N VAL B 177 -7.28 19.60 -28.35
CA VAL B 177 -8.08 18.77 -27.48
C VAL B 177 -9.48 18.73 -28.01
N THR B 178 -10.01 17.52 -28.21
CA THR B 178 -11.36 17.26 -28.76
C THR B 178 -12.39 16.94 -27.66
N GLY B 179 -13.53 16.38 -28.04
CA GLY B 179 -14.54 15.98 -27.06
C GLY B 179 -15.33 17.17 -26.59
N SER B 180 -16.14 16.97 -25.57
CA SER B 180 -17.04 18.01 -25.06
C SER B 180 -17.07 18.11 -23.52
N GLY B 181 -15.92 17.90 -22.88
CA GLY B 181 -15.76 18.26 -21.48
C GLY B 181 -15.91 19.76 -21.26
N THR B 182 -15.99 20.15 -19.99
CA THR B 182 -16.02 21.58 -19.62
C THR B 182 -15.04 21.93 -18.49
N ALA B 183 -14.25 20.97 -18.01
CA ALA B 183 -13.29 21.25 -16.94
C ALA B 183 -12.30 22.31 -17.41
N GLU B 184 -12.21 23.36 -16.61
CA GLU B 184 -11.15 24.35 -16.72
C GLU B 184 -10.55 24.60 -15.35
N PRO B 185 -9.23 24.70 -15.30
CA PRO B 185 -8.60 24.92 -14.01
C PRO B 185 -8.89 26.29 -13.45
N ALA B 186 -9.14 26.35 -12.14
CA ALA B 186 -9.32 27.60 -11.43
C ALA B 186 -8.01 28.40 -11.36
N ALA B 187 -8.14 29.69 -11.10
CA ALA B 187 -6.99 30.61 -11.09
C ALA B 187 -5.80 30.14 -10.23
N SER B 188 -6.08 29.39 -9.17
CA SER B 188 -5.05 28.92 -8.21
C SER B 188 -4.20 27.76 -8.73
N TYR B 189 -4.63 27.13 -9.82
CA TYR B 189 -3.84 26.07 -10.44
C TYR B 189 -2.94 26.62 -11.55
N LYS B 190 -3.03 27.91 -11.80
CA LYS B 190 -2.43 28.52 -12.97
C LYS B 190 -1.32 29.50 -12.61
N ALA B 191 -0.31 29.59 -13.47
CA ALA B 191 0.76 30.57 -13.30
C ALA B 191 1.24 31.11 -14.64
N ALA B 192 2.00 32.20 -14.57
CA ALA B 192 2.72 32.72 -15.72
C ALA B 192 4.08 32.01 -15.82
N ILE B 193 4.67 32.01 -17.02
CA ILE B 193 5.98 31.39 -17.23
C ILE B 193 6.73 32.23 -18.22
N PRO B 194 7.85 32.87 -17.85
CA PRO B 194 8.38 32.90 -16.49
C PRO B 194 7.41 33.53 -15.50
N GLY B 195 7.56 33.19 -14.22
CA GLY B 195 6.79 33.79 -13.14
C GLY B 195 6.20 32.83 -12.10
N TYR B 196 6.24 31.54 -12.36
CA TYR B 196 5.73 30.55 -11.41
C TYR B 196 6.72 30.27 -10.25
N CYS B 197 7.96 30.69 -10.43
CA CYS B 197 8.97 30.56 -9.42
C CYS B 197 9.93 31.74 -9.51
N GLN B 198 10.67 31.99 -8.43
CA GLN B 198 11.71 33.01 -8.39
C GLN B 198 13.07 32.33 -8.25
N GLN B 199 14.12 33.01 -8.68
CA GLN B 199 15.47 32.47 -8.56
C GLN B 199 15.80 32.16 -7.13
N SER B 200 15.42 33.06 -6.22
CA SER B 200 15.80 32.95 -4.82
C SER B 200 15.01 31.86 -4.01
N ASP B 201 13.96 31.27 -4.60
CA ASP B 201 13.17 30.25 -3.91
C ASP B 201 14.04 29.05 -3.45
N PRO B 202 13.73 28.49 -2.28
CA PRO B 202 14.53 27.39 -1.74
C PRO B 202 14.38 26.04 -2.47
N ASN B 203 13.49 25.95 -3.45
CA ASN B 203 13.43 24.76 -4.32
C ASN B 203 13.97 25.06 -5.73
N ILE B 204 14.57 26.25 -5.87
CA ILE B 204 15.21 26.68 -7.12
C ILE B 204 16.72 26.86 -6.92
N SER B 205 17.09 27.78 -6.03
CA SER B 205 18.49 28.03 -5.71
C SER B 205 18.74 27.64 -4.28
N PHE B 206 19.44 26.52 -4.12
CA PHE B 206 19.71 26.02 -2.80
C PHE B 206 20.89 25.10 -2.92
N ASN B 207 21.49 24.78 -1.77
CA ASN B 207 22.65 23.90 -1.70
C ASN B 207 22.24 22.44 -1.64
N ILE B 208 22.11 21.83 -2.81
CA ILE B 208 21.75 20.43 -2.90
C ILE B 208 22.76 19.49 -2.19
N ASN B 209 23.98 19.95 -1.96
CA ASN B 209 24.98 19.15 -1.26
C ASN B 209 24.94 19.24 0.27
N ASP B 210 24.09 20.07 0.84
CA ASP B 210 24.01 20.21 2.30
C ASP B 210 23.09 19.14 2.90
N HIS B 211 23.71 18.07 3.41
CA HIS B 211 22.97 16.92 3.97
C HIS B 211 22.26 17.25 5.29
N SER B 212 22.66 18.35 5.94
CA SER B 212 21.95 18.89 7.11
C SER B 212 20.53 19.34 6.83
N LEU B 213 20.24 19.69 5.58
CA LEU B 213 18.90 20.11 5.23
C LEU B 213 17.99 18.90 5.15
N PRO B 214 16.68 19.13 5.36
CA PRO B 214 15.75 18.02 5.22
C PRO B 214 15.77 17.50 3.79
N GLN B 215 15.83 16.18 3.66
CA GLN B 215 16.01 15.55 2.38
C GLN B 215 14.69 15.36 1.64
N GLU B 216 13.97 16.45 1.45
CA GLU B 216 12.66 16.43 0.81
C GLU B 216 12.63 17.59 -0.18
N TYR B 217 11.98 17.39 -1.32
CA TYR B 217 11.93 18.41 -2.33
C TYR B 217 10.50 18.77 -2.64
N LYS B 218 10.20 20.04 -2.44
CA LYS B 218 8.92 20.60 -2.82
C LYS B 218 9.03 21.02 -4.28
N ILE B 219 8.23 20.37 -5.14
CA ILE B 219 8.24 20.69 -6.58
C ILE B 219 7.60 22.04 -6.84
N PRO B 220 8.28 22.87 -7.63
CA PRO B 220 7.83 24.25 -7.78
C PRO B 220 6.58 24.34 -8.61
N GLY B 221 5.99 25.53 -8.57
CA GLY B 221 4.73 25.75 -9.22
C GLY B 221 3.54 25.29 -8.41
N PRO B 222 2.34 25.52 -8.91
CA PRO B 222 1.12 25.16 -8.21
C PRO B 222 0.76 23.68 -8.30
N PRO B 223 -0.31 23.27 -7.60
CA PRO B 223 -0.62 21.85 -7.65
C PRO B 223 -1.18 21.40 -9.00
N VAL B 224 -1.04 20.11 -9.23
CA VAL B 224 -1.37 19.46 -10.45
C VAL B 224 -2.88 19.42 -10.62
N PHE B 225 -3.33 19.77 -11.83
CA PHE B 225 -4.75 19.76 -12.17
C PHE B 225 -5.09 18.37 -12.64
N LYS B 226 -6.12 17.76 -12.03
CA LYS B 226 -6.53 16.38 -12.33
C LYS B 226 -7.84 16.30 -13.11
N GLY B 227 -8.58 17.41 -13.18
CA GLY B 227 -9.83 17.46 -13.94
C GLY B 227 -11.08 16.93 -13.23
N THR B 228 -11.45 15.69 -13.58
CA THR B 228 -12.64 15.03 -13.05
C THR B 228 -12.33 13.56 -12.71
N HIC C 1 -40.36 -5.38 5.18
CA HIC C 1 -40.90 -5.53 3.79
C HIC C 1 -41.45 -4.25 3.25
O HIC C 1 -42.14 -3.52 3.97
CB HIC C 1 -41.96 -6.63 3.71
CG HIC C 1 -41.30 -7.96 3.84
ND1 HIC C 1 -40.42 -8.30 4.78
CD2 HIC C 1 -41.44 -9.06 3.00
CE1 HIC C 1 -40.01 -9.56 4.57
NE2 HIC C 1 -40.64 -10.01 3.48
CZ HIC C 1 -40.50 -11.37 2.93
N GLY C 2 -41.16 -3.96 1.99
CA GLY C 2 -41.60 -2.75 1.36
C GLY C 2 -40.60 -2.38 0.29
N ALA C 3 -40.92 -1.34 -0.47
CA ALA C 3 -40.06 -0.81 -1.53
C ALA C 3 -40.44 0.63 -1.85
N VAL C 4 -39.53 1.39 -2.45
CA VAL C 4 -39.89 2.71 -2.94
C VAL C 4 -40.80 2.48 -4.14
N THR C 5 -41.98 3.08 -4.14
CA THR C 5 -43.00 2.82 -5.15
C THR C 5 -43.29 4.01 -6.05
N SER C 6 -43.03 5.22 -5.55
CA SER C 6 -43.12 6.41 -6.41
C SER C 6 -42.15 7.48 -5.96
N TYR C 7 -41.96 8.49 -6.79
CA TYR C 7 -41.05 9.60 -6.47
C TYR C 7 -41.73 10.94 -6.71
N ASN C 8 -41.24 11.95 -5.99
CA ASN C 8 -41.46 13.32 -6.37
C ASN C 8 -40.09 14.00 -6.43
N ILE C 9 -39.67 14.43 -7.61
CA ILE C 9 -38.35 15.00 -7.78
C ILE C 9 -38.42 16.37 -8.41
N ALA C 10 -37.87 17.36 -7.71
CA ALA C 10 -37.96 18.77 -8.09
C ALA C 10 -39.40 19.16 -8.36
N GLY C 11 -40.30 18.74 -7.47
CA GLY C 11 -41.73 19.09 -7.55
C GLY C 11 -42.62 18.33 -8.54
N LYS C 12 -42.09 17.29 -9.21
CA LYS C 12 -42.89 16.48 -10.17
C LYS C 12 -43.04 15.05 -9.69
N ASP C 13 -44.25 14.51 -9.84
CA ASP C 13 -44.53 13.12 -9.51
C ASP C 13 -43.98 12.20 -10.56
N TYR C 14 -43.38 11.10 -10.13
CA TYR C 14 -43.00 10.02 -11.03
C TYR C 14 -43.45 8.69 -10.45
N PRO C 15 -44.26 7.94 -11.20
CA PRO C 15 -44.57 6.61 -10.72
C PRO C 15 -43.36 5.69 -10.78
N GLY C 16 -43.36 4.70 -9.91
CA GLY C 16 -42.28 3.73 -9.87
C GLY C 16 -42.63 2.55 -10.72
N TYR C 17 -41.66 1.67 -10.89
CA TYR C 17 -41.87 0.35 -11.45
C TYR C 17 -42.86 -0.41 -10.58
N SER C 18 -43.69 -1.25 -11.20
CA SER C 18 -44.64 -2.03 -10.41
C SER C 18 -44.13 -3.47 -10.32
N GLY C 19 -43.31 -3.74 -9.33
CA GLY C 19 -42.61 -5.01 -9.19
C GLY C 19 -43.48 -6.25 -9.24
N PHE C 20 -44.59 -6.24 -8.51
CA PHE C 20 -45.45 -7.44 -8.44
C PHE C 20 -46.22 -7.72 -9.73
N ALA C 21 -46.54 -6.66 -10.46
CA ALA C 21 -47.32 -6.77 -11.70
C ALA C 21 -46.84 -5.67 -12.66
N PRO C 22 -45.79 -5.94 -13.43
CA PRO C 22 -45.27 -4.88 -14.31
C PRO C 22 -46.31 -4.44 -15.34
N THR C 23 -46.31 -3.15 -15.68
CA THR C 23 -47.31 -2.56 -16.60
C THR C 23 -46.87 -2.35 -18.07
N GLY C 24 -45.56 -2.35 -18.33
CA GLY C 24 -45.01 -1.98 -19.64
C GLY C 24 -44.77 -0.49 -19.78
N GLN C 25 -45.12 0.28 -18.77
CA GLN C 25 -45.10 1.73 -18.85
C GLN C 25 -43.69 2.30 -18.62
N ASP C 26 -43.36 3.38 -19.30
CA ASP C 26 -42.07 4.01 -19.13
C ASP C 26 -41.99 4.65 -17.74
N VAL C 27 -40.96 4.32 -16.97
CA VAL C 27 -40.75 4.91 -15.63
C VAL C 27 -39.28 5.24 -15.46
N ILE C 28 -38.96 6.00 -14.42
CA ILE C 28 -37.56 6.38 -14.09
C ILE C 28 -36.85 5.37 -13.19
N GLN C 29 -37.59 4.42 -12.66
CA GLN C 29 -37.08 3.52 -11.66
C GLN C 29 -36.67 2.18 -12.23
N TRP C 30 -35.53 1.69 -11.82
CA TRP C 30 -35.10 0.35 -12.23
C TRP C 30 -35.97 -0.71 -11.58
N GLN C 31 -35.97 -1.88 -12.20
CA GLN C 31 -36.91 -2.94 -11.85
C GLN C 31 -36.54 -3.51 -10.52
N TRP C 32 -37.55 -3.81 -9.73
CA TRP C 32 -37.38 -4.55 -8.50
C TRP C 32 -38.44 -5.62 -8.58
N PRO C 33 -38.20 -6.79 -7.97
CA PRO C 33 -39.10 -7.94 -8.19
C PRO C 33 -40.17 -8.15 -7.11
N ASP C 34 -39.94 -7.66 -5.90
CA ASP C 34 -40.85 -7.85 -4.79
C ASP C 34 -40.36 -7.10 -3.56
N TYR C 35 -41.03 -7.30 -2.43
CA TYR C 35 -40.74 -6.61 -1.21
C TYR C 35 -39.74 -7.35 -0.34
N ASN C 36 -39.17 -8.44 -0.85
CA ASN C 36 -38.31 -9.30 -0.05
C ASN C 36 -36.93 -8.66 0.20
N PRO C 37 -36.34 -8.89 1.38
CA PRO C 37 -35.01 -8.34 1.67
C PRO C 37 -33.86 -9.06 0.96
N VAL C 38 -32.78 -8.31 0.73
CA VAL C 38 -31.49 -8.88 0.39
C VAL C 38 -30.79 -9.20 1.68
N LEU C 39 -30.35 -10.44 1.86
CA LEU C 39 -29.82 -10.88 3.18
C LEU C 39 -28.31 -10.81 3.32
N SER C 40 -27.61 -10.67 2.19
CA SER C 40 -26.15 -10.67 2.18
C SER C 40 -25.55 -9.40 1.60
N ALA C 41 -24.60 -8.84 2.31
CA ALA C 41 -23.88 -7.65 1.89
C ALA C 41 -23.02 -7.84 0.62
N SER C 42 -22.67 -9.08 0.29
CA SER C 42 -21.91 -9.36 -0.95
C SER C 42 -22.77 -9.69 -2.18
N ASP C 43 -24.09 -9.77 -1.99
CA ASP C 43 -25.03 -10.11 -3.07
C ASP C 43 -25.13 -8.95 -4.06
N PRO C 44 -24.93 -9.22 -5.36
CA PRO C 44 -25.15 -8.17 -6.38
C PRO C 44 -26.52 -7.51 -6.32
N LYS C 45 -27.54 -8.27 -5.96
CA LYS C 45 -28.86 -7.72 -5.81
C LYS C 45 -28.93 -6.46 -4.95
N LEU C 46 -27.99 -6.36 -3.99
CA LEU C 46 -27.86 -5.23 -3.09
C LEU C 46 -27.83 -3.87 -3.81
N ARG C 47 -27.20 -3.85 -4.99
CA ARG C 47 -27.04 -2.60 -5.73
C ARG C 47 -28.38 -1.98 -6.16
N CYS C 48 -29.15 -2.67 -7.01
CA CYS C 48 -30.46 -2.16 -7.46
C CYS C 48 -31.60 -3.18 -7.41
N ASN C 49 -31.53 -4.10 -6.47
CA ASN C 49 -32.53 -5.12 -6.33
C ASN C 49 -32.71 -5.93 -7.63
N GLY C 50 -31.60 -6.06 -8.36
CA GLY C 50 -31.56 -6.88 -9.56
C GLY C 50 -32.01 -6.24 -10.86
N GLY C 51 -32.48 -4.99 -10.79
CA GLY C 51 -32.84 -4.24 -11.98
C GLY C 51 -31.70 -4.05 -12.99
N THR C 52 -32.10 -3.96 -14.25
CA THR C 52 -31.20 -3.68 -15.35
C THR C 52 -31.33 -2.27 -15.93
N GLY C 53 -32.47 -1.60 -15.78
CA GLY C 53 -32.60 -0.28 -16.36
C GLY C 53 -33.95 0.37 -16.31
N ALA C 54 -34.02 1.58 -16.86
CA ALA C 54 -35.30 2.30 -16.98
C ALA C 54 -35.35 3.20 -18.20
N ALA C 55 -36.57 3.47 -18.68
CA ALA C 55 -36.74 4.19 -19.93
C ALA C 55 -36.57 5.71 -19.79
N LEU C 56 -36.87 6.24 -18.62
CA LEU C 56 -36.95 7.67 -18.43
C LEU C 56 -36.04 8.13 -17.29
N TYR C 57 -35.87 9.45 -17.20
CA TYR C 57 -35.13 10.10 -16.14
C TYR C 57 -35.92 11.30 -15.67
N ALA C 58 -35.62 11.79 -14.48
CA ALA C 58 -36.24 13.00 -13.92
C ALA C 58 -35.17 14.07 -13.92
N GLU C 59 -35.53 15.26 -14.39
CA GLU C 59 -34.59 16.39 -14.36
C GLU C 59 -34.62 17.12 -13.01
N ALA C 60 -33.44 17.51 -12.54
CA ALA C 60 -33.30 18.28 -11.30
C ALA C 60 -31.98 19.05 -11.26
N ALA C 61 -31.96 20.15 -10.53
CA ALA C 61 -30.73 20.90 -10.36
C ALA C 61 -30.15 20.63 -8.95
N PRO C 62 -28.86 20.90 -8.76
CA PRO C 62 -28.31 20.80 -7.42
C PRO C 62 -29.14 21.64 -6.46
N GLY C 63 -29.45 21.07 -5.31
CA GLY C 63 -30.30 21.73 -4.34
C GLY C 63 -31.78 21.42 -4.47
N ASP C 64 -32.18 20.71 -5.52
CA ASP C 64 -33.58 20.30 -5.64
C ASP C 64 -33.82 19.11 -4.73
N THR C 65 -35.08 18.92 -4.39
CA THR C 65 -35.49 17.88 -3.48
C THR C 65 -35.81 16.58 -4.19
N ILE C 66 -35.28 15.47 -3.67
CA ILE C 66 -35.71 14.13 -4.09
C ILE C 66 -36.55 13.48 -3.00
N THR C 67 -37.79 13.15 -3.32
CA THR C 67 -38.65 12.51 -2.32
C THR C 67 -39.00 11.12 -2.77
N ALA C 68 -38.80 10.14 -1.92
CA ALA C 68 -39.16 8.78 -2.25
C ALA C 68 -40.33 8.41 -1.36
N THR C 69 -41.31 7.70 -1.91
CA THR C 69 -42.43 7.20 -1.14
C THR C 69 -42.46 5.68 -1.16
N TRP C 70 -42.79 5.12 0.01
CA TRP C 70 -42.94 3.70 0.23
C TRP C 70 -44.39 3.45 0.53
N ALA C 71 -45.06 2.74 -0.34
CA ALA C 71 -46.47 2.41 -0.14
C ALA C 71 -46.64 1.63 1.14
N GLN C 72 -45.70 0.72 1.31
CA GLN C 72 -45.69 -0.09 2.48
C GLN C 72 -44.26 -0.12 2.99
N TRP C 73 -44.16 -0.03 4.33
CA TRP C 73 -42.94 -0.30 5.06
C TRP C 73 -43.30 -0.76 6.46
N THR C 74 -42.67 -1.84 6.92
CA THR C 74 -43.07 -2.49 8.16
C THR C 74 -42.09 -2.44 9.35
N HIS C 75 -40.86 -1.97 9.17
CA HIS C 75 -39.81 -2.15 10.19
C HIS C 75 -39.36 -0.82 10.81
N SER C 76 -39.41 -0.77 12.14
CA SER C 76 -39.11 0.42 12.90
C SER C 76 -37.64 0.58 13.34
N GLN C 77 -36.80 -0.43 13.08
CA GLN C 77 -35.40 -0.36 13.44
C GLN C 77 -34.48 -0.52 12.29
N GLY C 78 -33.54 0.41 12.17
CA GLY C 78 -32.56 0.38 11.10
C GLY C 78 -32.34 1.75 10.52
N PRO C 79 -31.25 1.92 9.79
CA PRO C 79 -30.94 3.19 9.16
C PRO C 79 -31.59 3.36 7.78
N ILE C 80 -31.65 4.62 7.37
CA ILE C 80 -32.01 5.06 6.06
C ILE C 80 -30.76 5.58 5.35
N LEU C 81 -30.49 5.11 4.12
CA LEU C 81 -29.39 5.65 3.34
C LEU C 81 -29.86 6.01 1.94
N VAL C 82 -29.39 7.15 1.44
CA VAL C 82 -29.61 7.59 0.07
C VAL C 82 -28.28 7.85 -0.62
N TRP C 83 -28.10 7.27 -1.79
CA TRP C 83 -26.86 7.38 -2.55
C TRP C 83 -27.10 7.86 -3.95
N MET C 84 -26.03 8.36 -4.57
CA MET C 84 -26.06 8.70 -5.98
C MET C 84 -24.84 8.15 -6.66
N TYR C 85 -24.88 8.09 -7.98
CA TYR C 85 -23.78 7.48 -8.77
C TYR C 85 -23.77 8.15 -10.11
N LYS C 86 -22.60 8.62 -10.51
CA LYS C 86 -22.46 9.33 -11.75
C LYS C 86 -22.18 8.33 -12.86
N CYS C 87 -23.10 8.24 -13.81
CA CYS C 87 -22.95 7.31 -14.91
C CYS C 87 -21.87 7.82 -15.83
N PRO C 88 -20.98 6.91 -16.29
CA PRO C 88 -19.95 7.32 -17.26
C PRO C 88 -20.57 7.96 -18.50
N GLY C 89 -21.62 7.35 -19.06
CA GLY C 89 -22.27 7.85 -20.29
C GLY C 89 -23.77 7.68 -20.29
N ASP C 90 -24.29 6.93 -21.25
CA ASP C 90 -25.75 6.71 -21.37
C ASP C 90 -26.24 5.92 -20.17
N PHE C 91 -27.48 6.18 -19.77
CA PHE C 91 -28.12 5.43 -18.73
C PHE C 91 -28.18 3.96 -19.11
N SER C 92 -28.46 3.70 -20.38
CA SER C 92 -28.61 2.33 -20.88
C SER C 92 -27.32 1.51 -20.87
N SER C 93 -26.18 2.14 -20.72
CA SER C 93 -24.91 1.46 -20.57
C SER C 93 -24.44 1.38 -19.12
N CYS C 94 -25.04 2.19 -18.25
CA CYS C 94 -24.66 2.31 -16.83
C CYS C 94 -25.18 1.08 -16.07
N ASP C 95 -24.28 0.36 -15.40
CA ASP C 95 -24.66 -0.77 -14.55
C ASP C 95 -24.39 -0.51 -13.02
N GLY C 96 -23.85 0.66 -12.67
CA GLY C 96 -23.54 1.01 -11.28
C GLY C 96 -22.31 0.36 -10.68
N SER C 97 -21.39 -0.07 -11.54
CA SER C 97 -20.23 -0.85 -11.08
C SER C 97 -19.13 0.09 -10.66
N GLY C 98 -18.18 -0.45 -9.89
CA GLY C 98 -16.99 0.29 -9.45
C GLY C 98 -17.28 1.17 -8.26
N ALA C 99 -16.24 1.84 -7.77
CA ALA C 99 -16.36 2.66 -6.58
C ALA C 99 -16.89 4.06 -6.94
N GLY C 100 -18.16 4.12 -7.33
CA GLY C 100 -18.78 5.35 -7.77
C GLY C 100 -19.95 5.84 -6.93
N TRP C 101 -20.41 5.03 -5.99
CA TRP C 101 -21.55 5.37 -5.18
C TRP C 101 -21.12 6.27 -4.04
N PHE C 102 -21.83 7.37 -3.85
CA PHE C 102 -21.57 8.27 -2.74
C PHE C 102 -22.89 8.60 -2.06
N LYS C 103 -22.83 8.85 -0.74
CA LYS C 103 -24.03 9.10 0.06
C LYS C 103 -24.37 10.57 0.02
N ILE C 104 -25.67 10.87 -0.10
CA ILE C 104 -26.14 12.26 -0.01
C ILE C 104 -26.97 12.51 1.22
N ASP C 105 -27.47 11.45 1.83
CA ASP C 105 -28.38 11.57 2.97
C ASP C 105 -28.37 10.27 3.75
N GLU C 106 -28.64 10.39 5.04
CA GLU C 106 -28.72 9.24 5.93
C GLU C 106 -29.47 9.61 7.21
N ALA C 107 -30.01 8.62 7.90
CA ALA C 107 -30.65 8.86 9.18
C ALA C 107 -30.61 7.59 9.97
N GLY C 108 -30.28 7.69 11.25
CA GLY C 108 -30.06 6.53 12.11
C GLY C 108 -30.87 6.58 13.39
N PHE C 109 -30.16 6.36 14.49
CA PHE C 109 -30.77 6.23 15.82
C PHE C 109 -30.54 7.49 16.64
N HIS C 110 -31.57 7.91 17.38
CA HIS C 110 -31.47 9.10 18.21
C HIS C 110 -32.17 8.97 19.57
N GLY C 111 -32.43 7.74 20.03
CA GLY C 111 -33.11 7.54 21.33
C GLY C 111 -32.15 7.75 22.50
N ASP C 112 -32.69 7.99 23.69
CA ASP C 112 -31.84 8.36 24.85
C ASP C 112 -30.90 7.24 25.30
N GLY C 113 -31.41 6.01 25.31
CA GLY C 113 -30.62 4.84 25.68
C GLY C 113 -30.91 4.38 27.08
N THR C 114 -31.88 5.01 27.74
CA THR C 114 -32.30 4.67 29.12
C THR C 114 -33.73 4.14 29.19
N THR C 115 -34.64 4.82 28.47
CA THR C 115 -35.99 4.33 28.22
C THR C 115 -36.14 3.74 26.81
N VAL C 116 -35.43 4.33 25.83
CA VAL C 116 -35.57 3.98 24.41
C VAL C 116 -34.27 3.36 23.93
N PHE C 117 -34.33 2.10 23.55
CA PHE C 117 -33.15 1.33 23.14
C PHE C 117 -33.15 1.08 21.64
N LEU C 118 -32.01 0.56 21.17
CA LEU C 118 -31.83 0.19 19.79
C LEU C 118 -32.94 -0.73 19.37
N ASP C 119 -33.36 -1.64 20.25
CA ASP C 119 -34.43 -2.55 19.86
C ASP C 119 -35.83 -2.11 20.27
N THR C 120 -36.02 -0.90 20.80
CA THR C 120 -37.37 -0.47 21.22
C THR C 120 -38.29 -0.35 20.01
N GLU C 121 -39.47 -0.94 20.14
CA GLU C 121 -40.46 -0.97 19.05
C GLU C 121 -41.28 0.33 18.99
N THR C 122 -41.90 0.73 20.10
CA THR C 122 -42.66 1.98 20.16
C THR C 122 -42.44 2.63 21.50
N PRO C 123 -42.14 3.92 21.53
CA PRO C 123 -41.81 4.73 20.35
C PRO C 123 -40.35 4.48 19.93
N SER C 124 -40.12 4.09 18.68
CA SER C 124 -38.75 3.82 18.20
C SER C 124 -37.91 5.09 18.23
N GLY C 125 -36.62 4.94 18.52
CA GLY C 125 -35.70 6.07 18.47
C GLY C 125 -35.05 6.21 17.12
N TRP C 126 -35.48 5.41 16.15
CA TRP C 126 -34.96 5.52 14.81
C TRP C 126 -35.86 6.36 13.90
N ASP C 127 -35.26 7.11 12.98
CA ASP C 127 -36.02 7.89 11.99
C ASP C 127 -36.79 7.03 11.03
N ILE C 128 -36.38 5.79 10.84
CA ILE C 128 -37.10 4.90 9.96
C ILE C 128 -38.52 4.61 10.45
N ALA C 129 -38.79 4.84 11.74
CA ALA C 129 -40.17 4.74 12.24
C ALA C 129 -41.15 5.67 11.54
N LYS C 130 -40.66 6.77 10.97
CA LYS C 130 -41.53 7.69 10.25
C LYS C 130 -41.97 7.16 8.88
N LEU C 131 -41.35 6.06 8.42
CA LEU C 131 -41.73 5.41 7.16
C LEU C 131 -42.74 4.29 7.31
N VAL C 132 -42.99 3.88 8.54
CA VAL C 132 -43.88 2.74 8.80
C VAL C 132 -45.31 3.16 8.66
N GLY C 133 -46.13 2.28 8.11
CA GLY C 133 -47.56 2.42 8.28
C GLY C 133 -48.38 2.75 7.07
N GLY C 134 -47.75 3.22 6.00
CA GLY C 134 -48.48 3.44 4.74
C GLY C 134 -48.24 4.78 4.06
N ASN C 135 -47.69 4.71 2.85
CA ASN C 135 -47.54 5.86 1.96
C ASN C 135 -46.72 7.00 2.56
N LYS C 136 -45.67 6.63 3.27
CA LYS C 136 -44.80 7.58 3.92
C LYS C 136 -43.62 7.93 3.02
N SER C 137 -43.10 9.14 3.20
CA SER C 137 -42.06 9.69 2.35
C SER C 137 -40.81 10.11 3.09
N TRP C 138 -39.70 10.20 2.35
CA TRP C 138 -38.46 10.76 2.82
C TRP C 138 -37.89 11.65 1.74
N SER C 139 -37.42 12.82 2.14
CA SER C 139 -36.90 13.83 1.26
C SER C 139 -35.42 14.06 1.48
N SER C 140 -34.66 14.20 0.40
CA SER C 140 -33.23 14.50 0.46
C SER C 140 -32.90 15.61 -0.53
N LYS C 141 -31.87 16.40 -0.25
CA LYS C 141 -31.44 17.41 -1.20
C LYS C 141 -30.34 16.86 -2.07
N ILE C 142 -30.39 17.14 -3.37
CA ILE C 142 -29.22 16.93 -4.20
C ILE C 142 -28.14 17.94 -3.81
N PRO C 143 -26.94 17.46 -3.49
CA PRO C 143 -25.90 18.34 -2.95
C PRO C 143 -25.68 19.58 -3.78
N ASP C 144 -25.41 20.73 -3.14
CA ASP C 144 -25.14 21.99 -3.87
C ASP C 144 -23.89 21.89 -4.75
N GLY C 145 -23.97 22.47 -5.94
CA GLY C 145 -22.83 22.52 -6.85
C GLY C 145 -22.54 21.23 -7.62
N LEU C 146 -23.33 20.17 -7.36
CA LEU C 146 -23.08 18.87 -7.99
C LEU C 146 -22.97 18.99 -9.50
N ALA C 147 -21.97 18.30 -10.05
CA ALA C 147 -21.69 18.36 -11.49
C ALA C 147 -22.85 17.77 -12.28
N PRO C 148 -23.17 18.37 -13.44
CA PRO C 148 -24.27 17.86 -14.25
C PRO C 148 -24.04 16.43 -14.80
N GLY C 149 -25.06 15.85 -15.42
CA GLY C 149 -24.91 14.54 -16.02
C GLY C 149 -25.90 13.52 -15.50
N ASN C 150 -25.67 12.27 -15.90
CA ASN C 150 -26.61 11.18 -15.71
C ASN C 150 -26.30 10.44 -14.45
N TYR C 151 -27.21 10.49 -13.48
CA TYR C 151 -26.98 9.88 -12.19
C TYR C 151 -28.04 8.86 -11.88
N LEU C 152 -27.62 7.82 -11.15
CA LEU C 152 -28.54 6.96 -10.46
C LEU C 152 -28.66 7.48 -9.06
N VAL C 153 -29.85 7.37 -8.49
CA VAL C 153 -30.09 7.58 -7.06
C VAL C 153 -30.57 6.25 -6.51
N ARG C 154 -30.14 5.93 -5.29
CA ARG C 154 -30.44 4.65 -4.66
C ARG C 154 -30.94 4.91 -3.27
N HIS C 155 -32.11 4.38 -2.93
CA HIS C 155 -32.62 4.42 -1.58
C HIS C 155 -32.45 3.04 -1.01
N GLU C 156 -32.05 3.00 0.25
CA GLU C 156 -31.71 1.79 0.96
C GLU C 156 -32.23 1.88 2.38
N LEU C 157 -33.18 1.01 2.74
CA LEU C 157 -33.49 0.78 4.14
C LEU C 157 -32.82 -0.51 4.58
N ILE C 158 -32.25 -0.50 5.79
CA ILE C 158 -31.66 -1.67 6.40
C ILE C 158 -32.43 -1.94 7.63
N ALA C 159 -33.19 -3.03 7.64
CA ALA C 159 -33.96 -3.39 8.85
C ALA C 159 -33.11 -4.26 9.75
N LEU C 160 -33.06 -3.91 11.02
CA LEU C 160 -32.25 -4.60 12.02
C LEU C 160 -33.00 -5.29 13.18
N HIS C 161 -34.32 -5.45 13.09
CA HIS C 161 -35.07 -6.20 14.09
C HIS C 161 -34.49 -7.58 14.42
N GLN C 162 -33.99 -8.32 13.45
CA GLN C 162 -33.44 -9.67 13.73
C GLN C 162 -31.95 -9.64 14.05
N ALA C 163 -31.59 -10.11 15.23
CA ALA C 163 -30.20 -10.12 15.68
C ALA C 163 -29.29 -10.80 14.67
N ASN C 164 -28.18 -10.13 14.33
CA ASN C 164 -27.11 -10.70 13.49
C ASN C 164 -27.50 -11.14 12.11
N ASN C 165 -28.65 -10.65 11.66
CA ASN C 165 -29.26 -11.10 10.40
C ASN C 165 -29.99 -9.90 9.77
N PRO C 166 -29.19 -8.99 9.21
CA PRO C 166 -29.70 -7.75 8.66
C PRO C 166 -30.41 -7.97 7.33
N GLN C 167 -31.26 -7.02 6.96
CA GLN C 167 -32.13 -7.13 5.80
C GLN C 167 -32.04 -5.84 5.01
N PHE C 168 -31.54 -5.91 3.79
CA PHE C 168 -31.37 -4.72 2.95
C PHE C 168 -32.53 -4.61 1.96
N TYR C 169 -33.05 -3.39 1.81
CA TYR C 169 -34.12 -3.13 0.86
C TYR C 169 -33.73 -1.95 -0.02
N PRO C 170 -33.09 -2.21 -1.18
CA PRO C 170 -32.66 -1.14 -2.09
C PRO C 170 -33.58 -0.97 -3.33
N GLU C 171 -33.69 0.27 -3.83
CA GLU C 171 -34.22 0.57 -5.18
C GLU C 171 -33.45 1.71 -5.85
N CYS C 172 -33.35 1.69 -7.18
CA CYS C 172 -32.60 2.70 -7.98
C CYS C 172 -33.49 3.40 -8.95
N ALA C 173 -33.18 4.67 -9.19
CA ALA C 173 -33.90 5.46 -10.15
C ALA C 173 -32.94 6.45 -10.83
N GLN C 174 -33.40 7.06 -11.93
CA GLN C 174 -32.54 7.80 -12.86
C GLN C 174 -32.87 9.27 -12.79
N ILE C 175 -31.83 10.06 -12.61
CA ILE C 175 -31.98 11.48 -12.44
C ILE C 175 -31.00 12.12 -13.40
N LYS C 176 -31.48 13.10 -14.14
CA LYS C 176 -30.58 13.91 -14.94
C LYS C 176 -30.31 15.22 -14.18
N VAL C 177 -29.08 15.41 -13.74
CA VAL C 177 -28.69 16.62 -13.04
C VAL C 177 -28.28 17.71 -14.02
N THR C 178 -28.94 18.86 -13.90
CA THR C 178 -28.71 20.02 -14.75
C THR C 178 -27.70 20.99 -14.17
N GLY C 179 -27.44 22.07 -14.91
CA GLY C 179 -26.73 23.21 -14.35
C GLY C 179 -25.27 23.18 -14.65
N SER C 180 -24.54 24.09 -14.01
CA SER C 180 -23.14 24.37 -14.36
C SER C 180 -22.18 24.15 -13.20
N GLY C 181 -22.61 23.34 -12.25
CA GLY C 181 -21.83 23.03 -11.07
C GLY C 181 -20.58 22.23 -11.43
N THR C 182 -19.64 22.20 -10.50
CA THR C 182 -18.34 21.55 -10.71
C THR C 182 -17.98 20.59 -9.60
N ALA C 183 -18.82 20.49 -8.56
CA ALA C 183 -18.55 19.65 -7.40
C ALA C 183 -18.70 18.16 -7.73
N GLU C 184 -17.72 17.40 -7.27
CA GLU C 184 -17.61 15.99 -7.55
C GLU C 184 -16.92 15.41 -6.35
N PRO C 185 -17.57 14.45 -5.65
CA PRO C 185 -16.97 13.98 -4.43
C PRO C 185 -15.65 13.30 -4.67
N ALA C 186 -14.74 13.45 -3.73
CA ALA C 186 -13.45 12.76 -3.76
C ALA C 186 -13.64 11.26 -3.52
N ALA C 187 -12.57 10.51 -3.77
CA ALA C 187 -12.55 9.04 -3.69
C ALA C 187 -12.96 8.52 -2.34
N SER C 188 -12.56 9.24 -1.29
CA SER C 188 -12.83 8.84 0.08
C SER C 188 -14.31 8.93 0.44
N TYR C 189 -15.12 9.63 -0.37
CA TYR C 189 -16.58 9.69 -0.16
C TYR C 189 -17.36 8.59 -0.92
N LYS C 190 -16.63 7.75 -1.67
CA LYS C 190 -17.24 6.81 -2.61
C LYS C 190 -16.93 5.36 -2.29
N ALA C 191 -17.81 4.46 -2.73
CA ALA C 191 -17.66 3.04 -2.48
C ALA C 191 -18.36 2.20 -3.57
N ALA C 192 -18.04 0.91 -3.58
CA ALA C 192 -18.73 -0.06 -4.43
C ALA C 192 -19.95 -0.57 -3.68
N ILE C 193 -20.97 -0.97 -4.42
CA ILE C 193 -22.14 -1.61 -3.83
C ILE C 193 -22.50 -2.81 -4.71
N PRO C 194 -22.30 -4.04 -4.24
CA PRO C 194 -21.78 -4.36 -2.91
C PRO C 194 -20.29 -3.95 -2.70
N GLY C 195 -19.89 -3.84 -1.43
CA GLY C 195 -18.52 -3.42 -1.08
C GLY C 195 -18.41 -2.31 -0.05
N TYR C 196 -19.42 -1.47 0.09
CA TYR C 196 -19.38 -0.44 1.14
C TYR C 196 -19.41 -0.99 2.55
N CYS C 197 -19.90 -2.22 2.72
CA CYS C 197 -19.92 -2.89 4.03
C CYS C 197 -19.74 -4.40 3.91
N GLN C 198 -19.44 -5.08 5.03
CA GLN C 198 -19.28 -6.55 5.07
C GLN C 198 -20.24 -7.14 6.11
N GLN C 199 -20.69 -8.37 5.90
CA GLN C 199 -21.63 -9.07 6.82
C GLN C 199 -21.29 -8.93 8.29
N SER C 200 -20.00 -9.10 8.59
CA SER C 200 -19.47 -9.22 9.94
C SER C 200 -19.18 -7.88 10.60
N ASP C 201 -19.35 -6.77 9.87
CA ASP C 201 -19.12 -5.47 10.46
C ASP C 201 -20.09 -5.34 11.62
N PRO C 202 -19.72 -4.60 12.66
CA PRO C 202 -20.54 -4.56 13.87
C PRO C 202 -21.71 -3.61 13.82
N ASN C 203 -21.78 -2.80 12.79
CA ASN C 203 -23.03 -2.06 12.48
C ASN C 203 -23.89 -2.73 11.41
N ILE C 204 -23.57 -3.98 11.08
CA ILE C 204 -24.31 -4.80 10.10
C ILE C 204 -24.83 -6.08 10.79
N SER C 205 -23.93 -6.93 11.28
CA SER C 205 -24.28 -8.09 12.11
C SER C 205 -23.91 -7.86 13.57
N PHE C 206 -24.93 -7.73 14.41
CA PHE C 206 -24.78 -7.50 15.83
C PHE C 206 -26.08 -7.82 16.55
N ASN C 207 -25.99 -7.99 17.87
CA ASN C 207 -27.12 -8.33 18.70
C ASN C 207 -27.84 -7.07 19.11
N ILE C 208 -28.83 -6.70 18.32
CA ILE C 208 -29.59 -5.50 18.60
C ILE C 208 -30.38 -5.54 19.91
N ASN C 209 -30.59 -6.75 20.46
CA ASN C 209 -31.35 -6.94 21.69
C ASN C 209 -30.49 -6.86 22.97
N ASP C 210 -29.20 -6.56 22.83
CA ASP C 210 -28.30 -6.55 23.98
C ASP C 210 -28.14 -5.12 24.55
N HIS C 211 -28.85 -4.86 25.64
CA HIS C 211 -28.87 -3.54 26.28
C HIS C 211 -27.56 -3.15 27.01
N SER C 212 -26.65 -4.09 27.22
CA SER C 212 -25.32 -3.78 27.78
C SER C 212 -24.32 -3.11 26.80
N LEU C 213 -24.66 -3.06 25.52
CA LEU C 213 -23.82 -2.45 24.50
C LEU C 213 -24.21 -1.00 24.31
N PRO C 214 -23.27 -0.19 23.81
CA PRO C 214 -23.60 1.20 23.68
C PRO C 214 -24.84 1.30 22.85
N GLN C 215 -25.78 2.12 23.31
CA GLN C 215 -27.02 2.35 22.59
C GLN C 215 -26.84 3.50 21.59
N GLU C 216 -26.03 3.24 20.58
CA GLU C 216 -25.74 4.20 19.52
C GLU C 216 -25.58 3.39 18.24
N TYR C 217 -25.69 4.03 17.09
CA TYR C 217 -25.50 3.31 15.86
C TYR C 217 -24.72 4.13 14.87
N LYS C 218 -23.60 3.55 14.43
CA LYS C 218 -22.73 4.13 13.44
C LYS C 218 -23.27 3.72 12.08
N ILE C 219 -23.75 4.69 11.32
CA ILE C 219 -24.35 4.40 10.06
C ILE C 219 -23.26 3.94 9.13
N PRO C 220 -23.52 2.88 8.36
CA PRO C 220 -22.47 2.34 7.47
C PRO C 220 -22.19 3.19 6.22
N GLY C 221 -21.15 2.83 5.51
CA GLY C 221 -20.73 3.53 4.30
C GLY C 221 -20.02 4.84 4.59
N PRO C 222 -19.51 5.51 3.57
CA PRO C 222 -18.67 6.68 3.77
C PRO C 222 -19.41 7.92 4.27
N PRO C 223 -18.66 8.96 4.66
CA PRO C 223 -19.34 10.20 5.06
C PRO C 223 -20.23 10.76 3.95
N VAL C 224 -21.24 11.50 4.37
CA VAL C 224 -22.21 12.11 3.47
C VAL C 224 -21.59 13.26 2.64
N PHE C 225 -21.79 13.22 1.32
CA PHE C 225 -21.30 14.27 0.45
C PHE C 225 -22.23 15.45 0.46
N LYS C 226 -21.69 16.63 0.71
CA LYS C 226 -22.50 17.86 0.85
C LYS C 226 -22.26 18.90 -0.23
N GLY C 227 -21.18 18.75 -0.99
CA GLY C 227 -20.96 19.62 -2.14
C GLY C 227 -20.29 20.90 -1.74
N THR C 228 -21.04 22.00 -1.75
CA THR C 228 -20.51 23.37 -1.48
C THR C 228 -21.31 24.17 -0.44
N HIC D 1 -3.61 14.39 38.85
CA HIC D 1 -2.72 15.35 39.58
C HIC D 1 -1.58 15.84 38.71
O HIC D 1 -0.75 15.06 38.23
CB HIC D 1 -2.18 14.72 40.86
CG HIC D 1 -3.28 14.55 41.86
ND1 HIC D 1 -4.45 13.94 41.65
CD2 HIC D 1 -3.32 15.00 43.15
CE1 HIC D 1 -5.21 13.99 42.76
NE2 HIC D 1 -4.52 14.66 43.69
CZ HIC D 1 -4.98 14.94 45.08
N GLY D 2 -1.53 17.15 38.53
CA GLY D 2 -0.41 17.83 37.92
C GLY D 2 -0.71 19.31 37.66
N ALA D 3 0.23 19.99 37.03
CA ALA D 3 0.03 21.37 36.64
C ALA D 3 0.98 21.76 35.55
N VAL D 4 0.62 22.84 34.85
CA VAL D 4 1.44 23.37 33.78
C VAL D 4 2.63 24.08 34.41
N THR D 5 3.84 23.55 34.17
CA THR D 5 5.06 23.98 34.85
C THR D 5 5.97 24.85 33.95
N SER D 6 5.77 24.79 32.65
CA SER D 6 6.50 25.67 31.74
C SER D 6 5.79 25.82 30.42
N TYR D 7 6.26 26.80 29.63
CA TYR D 7 5.70 27.09 28.33
C TYR D 7 6.78 27.34 27.30
N ASN D 8 6.40 27.12 26.05
CA ASN D 8 7.17 27.57 24.91
C ASN D 8 6.21 28.26 23.97
N ILE D 9 6.44 29.54 23.75
CA ILE D 9 5.54 30.40 23.04
C ILE D 9 6.32 31.16 21.98
N ALA D 10 5.86 31.05 20.72
CA ALA D 10 6.53 31.73 19.61
C ALA D 10 8.02 31.38 19.61
N GLY D 11 8.30 30.11 19.92
CA GLY D 11 9.66 29.58 19.94
C GLY D 11 10.59 29.93 21.10
N LYS D 12 10.07 30.53 22.18
CA LYS D 12 10.91 30.88 23.35
C LYS D 12 10.40 30.20 24.60
N ASP D 13 11.30 29.93 25.54
CA ASP D 13 10.95 29.25 26.77
C ASP D 13 10.61 30.24 27.88
N TYR D 14 9.60 29.85 28.66
CA TYR D 14 9.20 30.58 29.85
C TYR D 14 8.90 29.60 30.98
N PRO D 15 9.62 29.73 32.11
CA PRO D 15 9.34 28.86 33.25
C PRO D 15 8.03 29.24 33.92
N GLY D 16 7.34 28.23 34.48
CA GLY D 16 6.10 28.48 35.19
C GLY D 16 6.35 29.05 36.57
N TYR D 17 5.26 29.44 37.22
CA TYR D 17 5.24 29.78 38.62
C TYR D 17 5.61 28.54 39.39
N SER D 18 6.24 28.71 40.53
CA SER D 18 6.61 27.55 41.33
C SER D 18 5.56 27.29 42.42
N GLY D 19 4.66 26.39 42.11
CA GLY D 19 3.51 26.11 42.92
C GLY D 19 3.76 25.96 44.39
N PHE D 20 4.29 24.81 44.79
CA PHE D 20 4.22 24.40 46.20
C PHE D 20 4.97 25.33 47.13
N ALA D 21 6.02 25.95 46.60
CA ALA D 21 6.93 26.79 47.35
C ALA D 21 7.50 27.79 46.37
N PRO D 22 7.03 29.04 46.44
CA PRO D 22 7.38 30.07 45.46
C PRO D 22 8.83 30.47 45.52
N THR D 23 9.31 31.06 44.43
CA THR D 23 10.72 31.36 44.26
C THR D 23 11.06 32.84 44.21
N GLY D 24 10.08 33.70 43.93
CA GLY D 24 10.32 35.14 43.88
C GLY D 24 10.68 35.62 42.49
N GLN D 25 10.67 34.69 41.56
CA GLN D 25 11.10 34.94 40.17
C GLN D 25 9.95 35.56 39.38
N ASP D 26 10.26 36.53 38.53
CA ASP D 26 9.28 37.12 37.63
C ASP D 26 8.93 36.08 36.59
N VAL D 27 7.63 35.81 36.45
CA VAL D 27 7.15 34.84 35.48
C VAL D 27 5.92 35.40 34.78
N ILE D 28 5.50 34.67 33.76
CA ILE D 28 4.32 34.99 32.96
C ILE D 28 3.07 34.28 33.44
N GLN D 29 3.27 33.27 34.30
CA GLN D 29 2.21 32.37 34.73
C GLN D 29 1.60 32.80 36.02
N TRP D 30 0.28 32.93 36.06
CA TRP D 30 -0.43 33.19 37.32
C TRP D 30 -0.22 32.08 38.36
N GLN D 31 -0.37 32.43 39.64
CA GLN D 31 -0.11 31.50 40.73
C GLN D 31 -1.10 30.30 40.76
N TRP D 32 -0.58 29.16 41.20
CA TRP D 32 -1.37 27.97 41.46
C TRP D 32 -0.73 27.33 42.68
N PRO D 33 -1.55 26.71 43.54
CA PRO D 33 -1.01 26.34 44.84
C PRO D 33 -0.34 24.95 44.90
N ASP D 34 -0.81 23.99 44.11
CA ASP D 34 -0.34 22.62 44.23
C ASP D 34 -0.95 21.83 43.11
N TYR D 35 -0.77 20.53 43.09
CA TYR D 35 -1.34 19.68 42.06
C TYR D 35 -2.77 19.22 42.29
N ASN D 36 -3.45 19.72 43.33
CA ASN D 36 -4.80 19.21 43.63
C ASN D 36 -5.88 19.76 42.66
N PRO D 37 -6.94 18.97 42.41
CA PRO D 37 -8.04 19.37 41.52
C PRO D 37 -9.07 20.34 42.14
N VAL D 38 -9.64 21.20 41.30
CA VAL D 38 -10.84 21.91 41.65
C VAL D 38 -11.95 20.88 41.41
N LEU D 39 -12.91 20.81 42.31
CA LEU D 39 -13.92 19.73 42.30
C LEU D 39 -15.33 20.16 41.90
N SER D 40 -15.56 21.46 41.87
CA SER D 40 -16.90 21.99 41.61
C SER D 40 -16.83 22.99 40.45
N ALA D 41 -17.74 22.82 39.50
CA ALA D 41 -17.88 23.69 38.33
C ALA D 41 -18.25 25.13 38.67
N SER D 42 -18.75 25.39 39.87
CA SER D 42 -19.07 26.75 40.30
C SER D 42 -18.01 27.38 41.23
N ASP D 43 -16.89 26.68 41.42
CA ASP D 43 -15.80 27.14 42.28
C ASP D 43 -14.98 28.20 41.59
N PRO D 44 -14.80 29.37 42.24
CA PRO D 44 -14.03 30.43 41.60
C PRO D 44 -12.61 30.04 41.30
N LYS D 45 -12.11 29.02 41.96
CA LYS D 45 -10.77 28.56 41.67
C LYS D 45 -10.67 27.94 40.30
N LEU D 46 -11.79 27.55 39.72
CA LEU D 46 -11.80 27.02 38.36
C LEU D 46 -11.17 27.93 37.35
N ARG D 47 -11.27 29.24 37.56
CA ARG D 47 -10.75 30.20 36.59
C ARG D 47 -9.23 30.09 36.39
N CYS D 48 -8.46 30.39 37.42
CA CYS D 48 -7.00 30.38 37.34
C CYS D 48 -6.34 29.70 38.55
N ASN D 49 -7.08 28.85 39.25
CA ASN D 49 -6.54 28.07 40.35
C ASN D 49 -6.05 28.99 41.45
N GLY D 50 -6.82 30.06 41.68
CA GLY D 50 -6.54 31.03 42.75
C GLY D 50 -5.49 32.06 42.34
N GLY D 51 -4.96 32.00 41.12
CA GLY D 51 -3.91 32.92 40.72
C GLY D 51 -4.44 34.32 40.74
N THR D 52 -3.56 35.29 40.93
CA THR D 52 -4.01 36.69 40.91
C THR D 52 -3.25 37.56 39.94
N GLY D 53 -2.03 37.20 39.58
CA GLY D 53 -1.32 38.03 38.63
C GLY D 53 0.04 37.48 38.29
N ALA D 54 0.74 38.17 37.40
CA ALA D 54 2.13 37.85 37.13
C ALA D 54 2.85 39.05 36.55
N ALA D 55 4.15 39.06 36.71
CA ALA D 55 4.96 40.24 36.39
C ALA D 55 5.27 40.40 34.90
N LEU D 56 5.34 39.29 34.17
CA LEU D 56 5.72 39.32 32.77
C LEU D 56 4.66 38.75 31.84
N TYR D 57 4.93 38.92 30.55
CA TYR D 57 4.14 38.34 29.45
C TYR D 57 5.07 37.76 28.41
N ALA D 58 4.56 36.86 27.59
CA ALA D 58 5.27 36.32 26.42
C ALA D 58 4.64 36.92 25.16
N GLU D 59 5.46 37.47 24.27
CA GLU D 59 4.96 38.05 23.01
C GLU D 59 4.71 36.99 21.95
N ALA D 60 3.65 37.17 21.19
CA ALA D 60 3.34 36.27 20.10
C ALA D 60 2.41 36.96 19.17
N ALA D 61 2.44 36.50 17.91
CA ALA D 61 1.55 36.95 16.85
C ALA D 61 0.50 35.88 16.58
N PRO D 62 -0.63 36.26 15.96
CA PRO D 62 -1.57 35.22 15.49
C PRO D 62 -0.87 34.26 14.53
N GLY D 63 -1.14 32.98 14.65
CA GLY D 63 -0.42 31.97 13.89
C GLY D 63 0.63 31.27 14.72
N ASP D 64 1.17 31.96 15.73
CA ASP D 64 2.21 31.37 16.58
C ASP D 64 1.72 30.26 17.52
N THR D 65 2.68 29.43 17.94
CA THR D 65 2.39 28.23 18.71
C THR D 65 2.54 28.49 20.21
N ILE D 66 1.48 28.21 20.98
CA ILE D 66 1.57 28.13 22.43
C ILE D 66 1.70 26.68 22.84
N THR D 67 2.78 26.36 23.53
CA THR D 67 3.00 25.02 23.98
C THR D 67 3.13 25.00 25.49
N ALA D 68 2.39 24.09 26.13
CA ALA D 68 2.37 23.95 27.57
C ALA D 68 3.00 22.65 27.93
N THR D 69 3.71 22.63 29.06
CA THR D 69 4.33 21.41 29.53
C THR D 69 3.93 21.08 30.96
N TRP D 70 3.50 19.83 31.17
CA TRP D 70 3.19 19.30 32.50
C TRP D 70 4.31 18.42 33.07
N ALA D 71 5.06 18.88 34.08
CA ALA D 71 6.09 18.03 34.71
C ALA D 71 5.54 16.72 35.21
N GLN D 72 4.35 16.76 35.78
CA GLN D 72 3.63 15.55 36.16
C GLN D 72 2.24 15.61 35.60
N TRP D 73 1.74 14.51 35.06
CA TRP D 73 0.32 14.34 34.83
C TRP D 73 0.01 12.87 34.92
N THR D 74 -1.10 12.52 35.58
CA THR D 74 -1.40 11.12 35.92
C THR D 74 -2.66 10.53 35.30
N HIS D 75 -3.55 11.34 34.76
CA HIS D 75 -4.86 10.79 34.35
C HIS D 75 -5.00 10.61 32.84
N SER D 76 -5.49 9.46 32.41
CA SER D 76 -5.60 9.24 30.98
C SER D 76 -7.03 9.40 30.42
N GLN D 77 -7.98 9.76 31.26
CA GLN D 77 -9.33 10.01 30.78
C GLN D 77 -9.81 11.40 31.03
N GLY D 78 -10.21 12.06 29.96
CA GLY D 78 -10.91 13.34 29.99
C GLY D 78 -10.45 14.35 28.93
N PRO D 79 -11.19 15.43 28.76
CA PRO D 79 -10.86 16.41 27.75
C PRO D 79 -9.71 17.34 28.13
N ILE D 80 -9.07 17.90 27.10
CA ILE D 80 -8.13 19.04 27.21
C ILE D 80 -8.81 20.26 26.62
N LEU D 81 -8.74 21.39 27.30
CA LEU D 81 -9.29 22.64 26.78
C LEU D 81 -8.24 23.74 26.91
N VAL D 82 -8.12 24.55 25.85
CA VAL D 82 -7.24 25.72 25.88
C VAL D 82 -8.07 26.96 25.54
N TRP D 83 -8.04 27.96 26.41
CA TRP D 83 -8.84 29.16 26.21
C TRP D 83 -7.99 30.39 26.18
N MET D 84 -8.55 31.48 25.69
CA MET D 84 -7.98 32.78 25.88
C MET D 84 -9.04 33.76 26.30
N TYR D 85 -8.58 34.94 26.75
CA TYR D 85 -9.43 35.99 27.34
C TYR D 85 -8.73 37.29 27.05
N LYS D 86 -9.47 38.24 26.50
CA LYS D 86 -8.88 39.53 26.17
C LYS D 86 -9.04 40.42 27.34
N CYS D 87 -7.93 40.83 27.95
CA CYS D 87 -7.99 41.79 29.07
C CYS D 87 -8.51 43.15 28.58
N PRO D 88 -9.37 43.81 29.37
CA PRO D 88 -9.77 45.19 29.07
C PRO D 88 -8.61 46.11 28.68
N GLY D 89 -7.58 46.14 29.51
CA GLY D 89 -6.38 46.95 29.26
C GLY D 89 -5.16 46.22 29.79
N ASP D 90 -4.56 46.77 30.84
CA ASP D 90 -3.31 46.27 31.38
C ASP D 90 -3.51 44.96 32.09
N PHE D 91 -2.43 44.17 32.13
CA PHE D 91 -2.45 42.88 32.80
C PHE D 91 -2.75 43.06 34.30
N SER D 92 -2.21 44.11 34.91
CA SER D 92 -2.35 44.33 36.36
C SER D 92 -3.79 44.63 36.83
N SER D 93 -4.67 45.05 35.93
CA SER D 93 -6.09 45.28 36.23
C SER D 93 -7.06 44.21 35.71
N CYS D 94 -6.52 43.17 35.07
CA CYS D 94 -7.29 42.08 34.48
C CYS D 94 -7.57 41.06 35.57
N ASP D 95 -8.82 40.67 35.77
CA ASP D 95 -9.09 39.56 36.68
C ASP D 95 -9.68 38.37 35.96
N GLY D 96 -9.82 38.45 34.63
CA GLY D 96 -10.49 37.40 33.90
C GLY D 96 -11.98 37.23 34.19
N SER D 97 -12.62 38.27 34.72
CA SER D 97 -14.06 38.17 35.00
C SER D 97 -14.93 38.44 33.76
N GLY D 98 -16.20 38.06 33.89
CA GLY D 98 -17.19 38.18 32.81
C GLY D 98 -17.10 37.11 31.73
N ALA D 99 -17.96 37.22 30.73
CA ALA D 99 -17.98 36.27 29.61
C ALA D 99 -17.00 36.68 28.53
N GLY D 100 -15.71 36.55 28.81
CA GLY D 100 -14.65 36.94 27.87
C GLY D 100 -13.80 35.75 27.40
N TRP D 101 -14.12 34.54 27.87
CA TRP D 101 -13.24 33.40 27.62
C TRP D 101 -13.72 32.69 26.40
N PHE D 102 -12.80 32.34 25.52
CA PHE D 102 -13.15 31.62 24.33
C PHE D 102 -12.17 30.50 24.06
N LYS D 103 -12.61 29.42 23.45
CA LYS D 103 -11.71 28.27 23.25
C LYS D 103 -10.82 28.43 22.00
N ILE D 104 -9.58 28.00 22.05
CA ILE D 104 -8.73 28.05 20.84
C ILE D 104 -8.29 26.66 20.42
N ASP D 105 -8.59 25.68 21.24
CA ASP D 105 -8.20 24.29 20.97
C ASP D 105 -8.95 23.44 21.95
N GLU D 106 -9.12 22.16 21.59
CA GLU D 106 -9.78 21.18 22.46
C GLU D 106 -9.44 19.81 21.94
N ALA D 107 -9.53 18.80 22.81
CA ALA D 107 -9.32 17.43 22.44
C ALA D 107 -10.14 16.57 23.42
N GLY D 108 -10.70 15.48 22.92
CA GLY D 108 -11.68 14.71 23.66
C GLY D 108 -11.44 13.23 23.49
N PHE D 109 -12.53 12.52 23.18
CA PHE D 109 -12.58 11.07 23.07
C PHE D 109 -12.74 10.70 21.60
N HIS D 110 -11.97 9.71 21.19
CA HIS D 110 -12.00 9.24 19.81
C HIS D 110 -12.03 7.73 19.84
N GLY D 111 -12.99 7.23 20.60
CA GLY D 111 -13.12 5.83 20.80
C GLY D 111 -13.54 5.00 19.61
N ASP D 112 -13.21 3.72 19.71
CA ASP D 112 -13.45 2.74 18.70
C ASP D 112 -14.91 2.38 18.92
N GLY D 113 -15.27 1.11 18.84
CA GLY D 113 -16.69 0.79 18.86
C GLY D 113 -17.02 0.01 20.09
N THR D 114 -16.63 -1.25 20.05
CA THR D 114 -16.83 -2.10 21.17
C THR D 114 -15.50 -2.53 21.77
N THR D 115 -14.40 -1.90 21.33
CA THR D 115 -13.06 -2.15 21.93
C THR D 115 -12.55 -1.09 22.90
N VAL D 116 -12.89 0.16 22.62
CA VAL D 116 -12.44 1.26 23.43
C VAL D 116 -13.64 2.10 23.78
N PHE D 117 -13.95 2.13 25.06
CA PHE D 117 -15.07 2.85 25.65
C PHE D 117 -14.53 4.08 26.32
N LEU D 118 -15.42 4.85 26.93
CA LEU D 118 -15.01 6.04 27.63
C LEU D 118 -14.16 5.71 28.84
N ASP D 119 -14.40 4.56 29.46
CA ASP D 119 -13.66 4.18 30.65
C ASP D 119 -12.51 3.19 30.39
N THR D 120 -12.31 2.78 29.15
CA THR D 120 -11.20 1.88 28.88
C THR D 120 -9.89 2.57 29.24
N GLU D 121 -9.04 1.85 29.97
CA GLU D 121 -7.73 2.33 30.43
C GLU D 121 -6.64 1.82 29.48
N THR D 122 -6.81 0.59 28.97
CA THR D 122 -5.86 -0.03 28.02
C THR D 122 -6.55 -0.43 26.70
N PRO D 123 -6.43 0.43 25.68
CA PRO D 123 -5.83 1.75 25.76
C PRO D 123 -6.89 2.78 26.03
N SER D 124 -6.48 4.00 26.37
CA SER D 124 -7.38 5.11 26.46
C SER D 124 -7.68 5.68 25.07
N GLY D 125 -8.94 6.01 24.83
CA GLY D 125 -9.36 6.72 23.63
C GLY D 125 -9.38 8.23 23.77
N TRP D 126 -8.76 8.75 24.82
CA TRP D 126 -8.68 10.18 25.01
C TRP D 126 -7.28 10.70 24.67
N ASP D 127 -7.24 11.83 23.99
CA ASP D 127 -5.97 12.50 23.69
C ASP D 127 -5.18 12.84 24.95
N ILE D 128 -5.88 13.11 26.06
CA ILE D 128 -5.19 13.38 27.32
C ILE D 128 -4.20 12.29 27.75
N ALA D 129 -4.39 11.05 27.32
CA ALA D 129 -3.41 9.99 27.57
C ALA D 129 -2.00 10.31 27.06
N LYS D 130 -1.90 11.10 26.01
CA LYS D 130 -0.60 11.56 25.51
C LYS D 130 0.22 12.46 26.44
N LEU D 131 -0.41 12.99 27.51
CA LEU D 131 0.23 13.89 28.47
C LEU D 131 0.71 13.18 29.72
N VAL D 132 0.40 11.90 29.81
CA VAL D 132 0.62 11.14 31.03
C VAL D 132 2.07 10.75 31.11
N GLY D 133 2.64 10.85 32.31
CA GLY D 133 3.94 10.23 32.59
C GLY D 133 5.13 11.18 32.67
N GLY D 134 4.91 12.49 32.56
CA GLY D 134 5.99 13.44 32.85
C GLY D 134 6.64 14.14 31.68
N ASN D 135 6.77 15.47 31.82
CA ASN D 135 7.32 16.37 30.80
C ASN D 135 6.68 16.25 29.43
N LYS D 136 5.40 15.94 29.38
CA LYS D 136 4.68 15.96 28.13
C LYS D 136 4.08 17.34 27.88
N SER D 137 3.78 17.62 26.62
CA SER D 137 3.42 18.93 26.20
C SER D 137 2.23 18.94 25.25
N TRP D 138 1.50 20.06 25.25
CA TRP D 138 0.38 20.28 24.32
C TRP D 138 0.56 21.59 23.59
N SER D 139 0.36 21.57 22.26
CA SER D 139 0.61 22.73 21.42
C SER D 139 -0.68 23.19 20.80
N SER D 140 -0.85 24.50 20.78
CA SER D 140 -2.03 25.12 20.19
C SER D 140 -1.61 26.36 19.42
N LYS D 141 -2.35 26.67 18.35
CA LYS D 141 -2.11 27.86 17.59
C LYS D 141 -3.03 28.99 18.01
N ILE D 142 -2.45 30.19 18.08
CA ILE D 142 -3.20 31.41 18.25
C ILE D 142 -3.95 31.64 16.94
N PRO D 143 -5.29 31.81 17.02
CA PRO D 143 -6.12 31.97 15.84
C PRO D 143 -5.61 33.05 14.90
N ASP D 144 -5.71 32.82 13.60
CA ASP D 144 -5.27 33.80 12.62
C ASP D 144 -6.08 35.07 12.70
N GLY D 145 -5.42 36.22 12.52
CA GLY D 145 -6.10 37.50 12.50
C GLY D 145 -6.63 38.00 13.84
N LEU D 146 -6.15 37.41 14.94
CA LEU D 146 -6.62 37.81 16.26
C LEU D 146 -6.19 39.26 16.57
N ALA D 147 -7.16 40.06 17.04
CA ALA D 147 -6.93 41.45 17.37
C ALA D 147 -5.83 41.53 18.41
N PRO D 148 -4.90 42.46 18.25
CA PRO D 148 -3.81 42.52 19.20
C PRO D 148 -4.28 42.95 20.59
N GLY D 149 -3.43 42.74 21.59
CA GLY D 149 -3.71 43.20 22.94
C GLY D 149 -3.09 42.30 23.98
N ASN D 150 -3.45 42.53 25.24
CA ASN D 150 -3.07 41.65 26.35
C ASN D 150 -4.11 40.53 26.61
N TYR D 151 -3.65 39.29 26.54
CA TYR D 151 -4.53 38.14 26.67
C TYR D 151 -4.04 37.22 27.76
N LEU D 152 -4.98 36.56 28.40
CA LEU D 152 -4.69 35.40 29.17
C LEU D 152 -4.88 34.16 28.30
N VAL D 153 -4.04 33.17 28.51
CA VAL D 153 -4.26 31.81 28.02
C VAL D 153 -4.50 30.88 29.19
N ARG D 154 -5.50 30.00 29.07
CA ARG D 154 -5.87 29.11 30.16
C ARG D 154 -5.87 27.69 29.67
N HIS D 155 -5.05 26.83 30.26
CA HIS D 155 -5.06 25.40 29.98
C HIS D 155 -5.77 24.70 31.08
N GLU D 156 -6.65 23.79 30.71
CA GLU D 156 -7.50 23.05 31.63
C GLU D 156 -7.51 21.56 31.20
N LEU D 157 -7.16 20.66 32.12
CA LEU D 157 -7.38 19.25 31.93
C LEU D 157 -8.53 18.88 32.84
N ILE D 158 -9.53 18.19 32.30
CA ILE D 158 -10.61 17.70 33.13
C ILE D 158 -10.48 16.19 33.21
N ALA D 159 -10.20 15.67 34.40
CA ALA D 159 -10.07 14.21 34.57
C ALA D 159 -11.40 13.59 34.95
N LEU D 160 -11.80 12.56 34.21
CA LEU D 160 -13.11 11.95 34.36
C LEU D 160 -13.12 10.47 34.80
N HIS D 161 -12.00 9.95 35.31
CA HIS D 161 -11.95 8.52 35.70
C HIS D 161 -13.04 8.16 36.72
N GLN D 162 -13.36 9.09 37.62
CA GLN D 162 -14.34 8.84 38.66
C GLN D 162 -15.72 9.22 38.19
N ALA D 163 -16.61 8.23 38.11
CA ALA D 163 -18.02 8.47 37.80
C ALA D 163 -18.57 9.59 38.68
N ASN D 164 -19.21 10.57 38.07
CA ASN D 164 -19.90 11.62 38.83
C ASN D 164 -18.97 12.54 39.64
N ASN D 165 -17.65 12.46 39.45
CA ASN D 165 -16.71 13.28 40.21
C ASN D 165 -15.59 13.85 39.34
N PRO D 166 -15.94 14.85 38.53
CA PRO D 166 -14.97 15.45 37.62
C PRO D 166 -13.92 16.24 38.37
N GLN D 167 -12.72 16.31 37.80
CA GLN D 167 -11.62 17.02 38.41
C GLN D 167 -11.03 17.95 37.40
N PHE D 168 -11.06 19.24 37.72
CA PHE D 168 -10.54 20.27 36.88
C PHE D 168 -9.16 20.73 37.33
N TYR D 169 -8.28 20.91 36.36
CA TYR D 169 -6.90 21.28 36.62
C TYR D 169 -6.53 22.41 35.66
N PRO D 170 -6.64 23.67 36.11
CA PRO D 170 -6.39 24.81 35.28
C PRO D 170 -5.21 25.64 35.69
N GLU D 171 -4.57 26.29 34.71
CA GLU D 171 -3.58 27.35 34.97
C GLU D 171 -3.63 28.41 33.88
N CYS D 172 -3.29 29.66 34.21
CA CYS D 172 -3.36 30.80 33.28
C CYS D 172 -1.98 31.44 33.13
N ALA D 173 -1.69 31.97 31.96
CA ALA D 173 -0.45 32.72 31.72
C ALA D 173 -0.78 33.96 30.92
N GLN D 174 0.17 34.89 30.85
CA GLN D 174 -0.02 36.18 30.18
C GLN D 174 0.70 36.22 28.83
N ILE D 175 -0.07 36.53 27.76
CA ILE D 175 0.44 36.61 26.39
C ILE D 175 0.14 37.98 25.79
N LYS D 176 1.16 38.62 25.24
CA LYS D 176 0.93 39.81 24.47
C LYS D 176 0.87 39.41 23.00
N VAL D 177 -0.32 39.54 22.42
CA VAL D 177 -0.57 39.28 21.01
C VAL D 177 -0.27 40.53 20.23
N THR D 178 0.49 40.40 19.14
CA THR D 178 0.90 41.55 18.33
C THR D 178 0.24 41.60 16.94
N GLY D 179 0.60 42.58 16.10
CA GLY D 179 0.09 42.66 14.71
C GLY D 179 -1.12 43.55 14.52
N SER D 180 -1.78 43.45 13.38
CA SER D 180 -2.90 44.35 13.07
C SER D 180 -4.19 43.63 12.74
N GLY D 181 -4.38 42.44 13.30
CA GLY D 181 -5.64 41.74 13.15
C GLY D 181 -6.78 42.52 13.78
N THR D 182 -8.00 42.23 13.35
CA THR D 182 -9.19 42.76 14.01
C THR D 182 -10.22 41.66 14.33
N ALA D 183 -9.86 40.39 14.18
CA ALA D 183 -10.77 39.30 14.55
C ALA D 183 -10.95 39.25 16.07
N GLU D 184 -12.20 39.39 16.51
CA GLU D 184 -12.62 39.10 17.87
C GLU D 184 -13.82 38.17 17.77
N PRO D 185 -13.90 37.21 18.68
CA PRO D 185 -15.01 36.26 18.68
C PRO D 185 -16.30 36.89 19.14
N ALA D 186 -17.40 36.44 18.57
CA ALA D 186 -18.71 36.92 18.92
C ALA D 186 -19.15 36.27 20.22
N ALA D 187 -20.25 36.78 20.76
CA ALA D 187 -20.80 36.32 22.05
C ALA D 187 -21.01 34.84 22.12
N SER D 188 -21.34 34.22 20.98
CA SER D 188 -21.61 32.77 20.96
C SER D 188 -20.39 31.92 21.17
N TYR D 189 -19.21 32.50 21.01
CA TYR D 189 -17.95 31.83 21.26
C TYR D 189 -17.40 32.08 22.68
N LYS D 190 -18.15 32.80 23.52
CA LYS D 190 -17.62 33.32 24.76
C LYS D 190 -18.42 32.87 25.99
N ALA D 191 -17.71 32.59 27.08
CA ALA D 191 -18.31 32.13 28.33
C ALA D 191 -17.56 32.81 29.45
N ALA D 192 -18.13 32.72 30.63
CA ALA D 192 -17.48 33.12 31.88
C ALA D 192 -16.96 31.86 32.53
N ILE D 193 -15.92 32.02 33.34
CA ILE D 193 -15.31 30.88 34.02
C ILE D 193 -15.05 31.20 35.47
N PRO D 194 -15.75 30.50 36.39
CA PRO D 194 -16.97 29.70 36.08
C PRO D 194 -18.10 30.63 35.64
N GLY D 195 -19.17 30.20 34.96
CA GLY D 195 -19.52 28.87 34.62
C GLY D 195 -19.94 28.75 33.17
N TYR D 196 -18.99 28.40 32.33
CA TYR D 196 -19.26 27.76 31.05
C TYR D 196 -19.95 26.39 31.12
N CYS D 197 -19.93 25.76 32.30
CA CYS D 197 -20.64 24.50 32.50
C CYS D 197 -21.28 24.45 33.86
N GLN D 198 -22.19 23.50 34.03
CA GLN D 198 -22.89 23.25 35.30
C GLN D 198 -22.49 21.87 35.74
N GLN D 199 -22.44 21.68 37.04
CA GLN D 199 -22.01 20.44 37.63
C GLN D 199 -22.88 19.26 37.12
N SER D 200 -24.19 19.50 37.02
CA SER D 200 -25.13 18.47 36.59
C SER D 200 -25.21 18.29 35.08
N ASP D 201 -24.37 18.97 34.29
CA ASP D 201 -24.37 18.74 32.83
C ASP D 201 -23.89 17.30 32.57
N PRO D 202 -24.50 16.62 31.57
CA PRO D 202 -24.20 15.21 31.32
C PRO D 202 -22.86 14.97 30.67
N ASN D 203 -22.10 16.02 30.39
CA ASN D 203 -20.71 15.86 29.98
C ASN D 203 -19.72 16.30 31.08
N ILE D 204 -20.23 16.50 32.29
CA ILE D 204 -19.44 16.92 33.44
C ILE D 204 -19.61 15.86 34.54
N SER D 205 -20.84 15.68 35.02
CA SER D 205 -21.18 14.62 35.97
C SER D 205 -21.96 13.52 35.29
N PHE D 206 -21.32 12.39 35.04
CA PHE D 206 -22.01 11.27 34.43
C PHE D 206 -21.30 9.98 34.80
N ASN D 207 -22.00 8.86 34.63
CA ASN D 207 -21.44 7.56 34.94
C ASN D 207 -20.60 7.04 33.75
N ILE D 208 -19.34 7.45 33.74
CA ILE D 208 -18.41 7.05 32.69
C ILE D 208 -18.29 5.54 32.52
N ASN D 209 -18.69 4.77 33.52
CA ASN D 209 -18.58 3.32 33.49
C ASN D 209 -19.78 2.60 32.94
N ASP D 210 -20.80 3.33 32.51
CA ASP D 210 -22.01 2.71 31.97
C ASP D 210 -21.85 2.52 30.45
N HIS D 211 -21.57 1.30 30.02
CA HIS D 211 -21.29 0.97 28.61
C HIS D 211 -22.55 0.94 27.72
N SER D 212 -23.73 1.03 28.33
CA SER D 212 -25.00 1.26 27.63
C SER D 212 -25.11 2.64 27.01
N LEU D 213 -24.37 3.60 27.51
CA LEU D 213 -24.50 4.95 27.04
C LEU D 213 -23.81 5.10 25.69
N PRO D 214 -24.29 6.00 24.85
CA PRO D 214 -23.47 6.28 23.68
C PRO D 214 -22.05 6.63 24.11
N GLN D 215 -21.07 5.99 23.48
CA GLN D 215 -19.66 6.18 23.76
C GLN D 215 -19.06 7.34 22.98
N GLU D 216 -19.63 8.52 23.16
CA GLU D 216 -19.19 9.77 22.53
C GLU D 216 -19.15 10.81 23.64
N TYR D 217 -18.32 11.81 23.47
CA TYR D 217 -18.22 12.82 24.44
C TYR D 217 -18.27 14.17 23.77
N LYS D 218 -19.28 14.95 24.13
CA LYS D 218 -19.36 16.32 23.71
C LYS D 218 -18.50 17.17 24.63
N ILE D 219 -17.46 17.80 24.10
CA ILE D 219 -16.57 18.65 24.91
C ILE D 219 -17.34 19.87 25.43
N PRO D 220 -17.25 20.12 26.73
CA PRO D 220 -17.92 21.28 27.30
C PRO D 220 -17.41 22.61 26.76
N GLY D 221 -18.22 23.66 26.92
CA GLY D 221 -17.90 25.01 26.49
C GLY D 221 -18.44 25.33 25.11
N PRO D 222 -18.26 26.59 24.65
CA PRO D 222 -18.68 27.01 23.30
C PRO D 222 -17.82 26.40 22.19
N PRO D 223 -18.21 26.59 20.93
CA PRO D 223 -17.34 26.07 19.89
C PRO D 223 -15.99 26.79 19.81
N VAL D 224 -14.99 26.10 19.31
CA VAL D 224 -13.69 26.68 19.11
C VAL D 224 -13.70 27.86 18.13
N PHE D 225 -13.00 28.94 18.50
CA PHE D 225 -12.80 30.11 17.65
C PHE D 225 -11.52 29.95 16.83
N LYS D 226 -11.66 30.16 15.52
CA LYS D 226 -10.65 29.89 14.51
C LYS D 226 -10.05 31.14 13.82
N GLY D 227 -10.76 32.25 13.86
CA GLY D 227 -10.23 33.52 13.35
C GLY D 227 -10.64 33.75 11.91
N THR D 228 -9.65 33.75 11.01
CA THR D 228 -9.84 34.08 9.60
C THR D 228 -9.32 32.95 8.70
N HIC E 1 3.17 -33.21 -10.94
CA HIC E 1 3.86 -32.19 -10.11
C HIC E 1 4.59 -31.16 -10.96
O HIC E 1 5.36 -31.49 -11.87
CB HIC E 1 4.83 -32.87 -9.13
CG HIC E 1 4.04 -33.65 -8.13
ND1 HIC E 1 3.08 -34.56 -8.41
CD2 HIC E 1 4.15 -33.61 -6.74
CE1 HIC E 1 2.60 -35.07 -7.26
NE2 HIC E 1 3.25 -34.48 -6.24
CZ HIC E 1 3.01 -34.76 -4.81
N GLY E 2 4.35 -29.89 -10.63
CA GLY E 2 5.01 -28.78 -11.29
C GLY E 2 4.19 -27.53 -11.08
N ALA E 3 4.70 -26.42 -11.55
CA ALA E 3 3.95 -25.17 -11.52
C ALA E 3 4.54 -24.17 -12.48
N VAL E 4 3.74 -23.17 -12.83
CA VAL E 4 4.21 -22.08 -13.65
C VAL E 4 5.25 -21.34 -12.83
N THR E 5 6.45 -21.27 -13.37
CA THR E 5 7.55 -20.65 -12.64
C THR E 5 7.96 -19.30 -13.17
N SER E 6 7.54 -18.96 -14.39
CA SER E 6 7.88 -17.68 -14.99
C SER E 6 7.05 -17.40 -16.23
N TYR E 7 7.08 -16.14 -16.65
CA TYR E 7 6.31 -15.70 -17.77
C TYR E 7 7.16 -14.92 -18.75
N ASN E 8 6.70 -14.90 -19.99
CA ASN E 8 7.10 -13.90 -20.95
C ASN E 8 5.82 -13.30 -21.53
N ILE E 9 5.59 -12.03 -21.32
CA ILE E 9 4.32 -11.43 -21.67
C ILE E 9 4.59 -10.23 -22.54
N ALA E 10 4.05 -10.26 -23.76
CA ALA E 10 4.23 -9.18 -24.73
C ALA E 10 5.70 -8.85 -24.88
N GLY E 11 6.51 -9.90 -25.00
CA GLY E 11 7.94 -9.79 -25.17
C GLY E 11 8.79 -9.64 -23.91
N LYS E 12 8.22 -9.39 -22.74
CA LYS E 12 9.05 -9.14 -21.53
C LYS E 12 8.99 -10.32 -20.58
N ASP E 13 10.12 -10.60 -19.96
CA ASP E 13 10.27 -11.70 -19.00
C ASP E 13 9.90 -11.26 -17.64
N TYR E 14 9.04 -12.04 -16.98
CA TYR E 14 8.69 -11.82 -15.60
C TYR E 14 8.93 -13.09 -14.78
N PRO E 15 9.81 -13.02 -13.76
CA PRO E 15 9.98 -14.17 -12.89
C PRO E 15 8.74 -14.40 -12.06
N GLY E 16 8.53 -15.65 -11.68
CA GLY E 16 7.40 -16.00 -10.83
C GLY E 16 7.78 -15.99 -9.35
N TYR E 17 6.76 -16.25 -8.52
CA TYR E 17 6.93 -16.47 -7.09
C TYR E 17 7.72 -17.75 -6.85
N SER E 18 8.55 -17.72 -5.82
CA SER E 18 9.36 -18.87 -5.43
C SER E 18 8.65 -19.66 -4.31
N GLY E 19 7.75 -20.54 -4.72
CA GLY E 19 6.87 -21.27 -3.83
C GLY E 19 7.59 -22.06 -2.75
N PHE E 20 8.66 -22.74 -3.13
CA PHE E 20 9.42 -23.49 -2.14
C PHE E 20 10.34 -22.63 -1.28
N ALA E 21 10.71 -21.44 -1.71
CA ALA E 21 11.61 -20.60 -0.93
C ALA E 21 11.38 -19.11 -1.18
N PRO E 22 10.28 -18.56 -0.64
CA PRO E 22 9.94 -17.19 -1.05
C PRO E 22 11.11 -16.26 -0.81
N THR E 23 11.33 -15.36 -1.75
CA THR E 23 12.44 -14.43 -1.70
C THR E 23 12.07 -13.04 -1.21
N GLY E 24 10.78 -12.72 -1.20
CA GLY E 24 10.34 -11.37 -0.89
C GLY E 24 10.42 -10.37 -2.03
N GLN E 25 10.91 -10.81 -3.18
CA GLN E 25 11.05 -9.95 -4.35
C GLN E 25 9.67 -9.65 -4.87
N ASP E 26 9.46 -8.45 -5.39
CA ASP E 26 8.20 -8.10 -6.04
C ASP E 26 8.00 -8.85 -7.36
N VAL E 27 6.88 -9.58 -7.47
CA VAL E 27 6.55 -10.33 -8.71
C VAL E 27 5.11 -10.04 -9.15
N ILE E 28 4.77 -10.51 -10.35
CA ILE E 28 3.41 -10.43 -10.92
C ILE E 28 2.57 -11.66 -10.62
N GLN E 29 3.21 -12.72 -10.13
CA GLN E 29 2.54 -14.00 -9.89
C GLN E 29 2.02 -14.16 -8.44
N TRP E 30 0.78 -14.62 -8.32
CA TRP E 30 0.18 -14.97 -7.01
C TRP E 30 0.90 -16.17 -6.33
N GLN E 31 0.78 -16.24 -5.00
CA GLN E 31 1.51 -17.24 -4.23
C GLN E 31 1.01 -18.67 -4.52
N TRP E 32 1.97 -19.59 -4.57
CA TRP E 32 1.68 -21.01 -4.64
C TRP E 32 2.63 -21.69 -3.65
N PRO E 33 2.20 -22.78 -3.03
CA PRO E 33 3.00 -23.29 -1.92
C PRO E 33 4.00 -24.39 -2.32
N ASP E 34 3.72 -25.10 -3.40
CA ASP E 34 4.53 -26.25 -3.81
C ASP E 34 3.95 -26.86 -5.09
N TYR E 35 4.46 -28.00 -5.50
CA TYR E 35 4.07 -28.63 -6.74
C TYR E 35 2.95 -29.65 -6.54
N ASN E 36 2.38 -29.69 -5.34
CA ASN E 36 1.34 -30.68 -5.03
C ASN E 36 0.07 -30.39 -5.79
N PRO E 37 -0.68 -31.43 -6.13
CA PRO E 37 -1.99 -31.17 -6.74
C PRO E 37 -3.06 -30.71 -5.78
N VAL E 38 -4.03 -30.00 -6.31
CA VAL E 38 -5.30 -29.78 -5.65
C VAL E 38 -6.17 -30.95 -6.05
N LEU E 39 -6.72 -31.67 -5.08
CA LEU E 39 -7.39 -32.93 -5.37
C LEU E 39 -8.89 -32.82 -5.41
N SER E 40 -9.44 -31.66 -5.07
CA SER E 40 -10.89 -31.45 -5.12
C SER E 40 -11.35 -30.27 -5.98
N ALA E 41 -12.21 -30.57 -6.96
CA ALA E 41 -12.86 -29.56 -7.77
C ALA E 41 -13.65 -28.48 -7.01
N SER E 42 -14.04 -28.73 -5.75
CA SER E 42 -14.79 -27.71 -4.94
C SER E 42 -13.92 -26.96 -3.95
N ASP E 43 -12.64 -27.28 -3.93
CA ASP E 43 -11.70 -26.67 -3.01
C ASP E 43 -11.34 -25.24 -3.44
N PRO E 44 -11.42 -24.26 -2.52
CA PRO E 44 -11.03 -22.87 -2.86
C PRO E 44 -9.58 -22.72 -3.34
N LYS E 45 -8.69 -23.61 -2.90
CA LYS E 45 -7.30 -23.60 -3.39
C LYS E 45 -7.24 -23.67 -4.91
N LEU E 46 -8.27 -24.24 -5.53
CA LEU E 46 -8.29 -24.43 -6.98
C LEU E 46 -8.17 -23.13 -7.74
N ARG E 47 -8.70 -22.05 -7.18
CA ARG E 47 -8.65 -20.75 -7.85
C ARG E 47 -7.20 -20.28 -8.17
N CYS E 48 -6.41 -20.01 -7.14
CA CYS E 48 -5.01 -19.58 -7.32
C CYS E 48 -3.98 -20.31 -6.49
N ASN E 49 -4.21 -21.58 -6.20
CA ASN E 49 -3.32 -22.38 -5.34
C ASN E 49 -3.11 -21.72 -3.96
N GLY E 50 -4.15 -21.01 -3.48
CA GLY E 50 -4.15 -20.37 -2.18
C GLY E 50 -3.43 -19.05 -2.11
N GLY E 51 -2.97 -18.53 -3.22
CA GLY E 51 -2.39 -17.18 -3.24
C GLY E 51 -3.37 -16.12 -2.76
N THR E 52 -2.81 -14.99 -2.33
CA THR E 52 -3.58 -13.83 -1.94
C THR E 52 -3.35 -12.63 -2.87
N GLY E 53 -2.18 -12.51 -3.49
CA GLY E 53 -1.86 -11.27 -4.21
C GLY E 53 -0.45 -11.15 -4.76
N ALA E 54 -0.21 -10.10 -5.52
CA ALA E 54 1.10 -9.86 -6.06
C ALA E 54 1.35 -8.35 -6.22
N ALA E 55 2.61 -7.97 -6.20
CA ALA E 55 2.97 -6.57 -6.07
C ALA E 55 2.93 -5.88 -7.41
N LEU E 56 3.21 -6.64 -8.45
CA LEU E 56 3.47 -6.10 -9.77
C LEU E 56 2.45 -6.62 -10.73
N TYR E 57 2.46 -6.04 -11.93
CA TYR E 57 1.68 -6.54 -13.07
C TYR E 57 2.46 -6.36 -14.37
N ALA E 58 2.05 -7.09 -15.39
CA ALA E 58 2.69 -7.03 -16.71
C ALA E 58 1.75 -6.30 -17.67
N GLU E 59 2.26 -5.31 -18.37
CA GLU E 59 1.43 -4.59 -19.34
C GLU E 59 1.35 -5.37 -20.64
N ALA E 60 0.15 -5.41 -21.23
CA ALA E 60 -0.05 -6.09 -22.50
C ALA E 60 -1.22 -5.48 -23.29
N ALA E 61 -1.08 -5.46 -24.62
CA ALA E 61 -2.18 -5.09 -25.51
C ALA E 61 -2.93 -6.35 -25.98
N PRO E 62 -4.20 -6.19 -26.33
CA PRO E 62 -4.90 -7.33 -26.94
C PRO E 62 -4.19 -7.83 -28.20
N GLY E 63 -4.26 -9.14 -28.40
CA GLY E 63 -3.48 -9.81 -29.42
C GLY E 63 -2.03 -10.10 -29.05
N ASP E 64 -1.55 -9.60 -27.92
CA ASP E 64 -0.16 -9.89 -27.49
C ASP E 64 -0.12 -11.27 -26.91
N THR E 65 1.07 -11.87 -26.86
CA THR E 65 1.24 -13.25 -26.36
C THR E 65 1.53 -13.39 -24.84
N ILE E 66 0.85 -14.34 -24.20
CA ILE E 66 1.16 -14.71 -22.84
C ILE E 66 1.81 -16.08 -22.84
N THR E 67 3.10 -16.10 -22.56
CA THR E 67 3.81 -17.35 -22.46
C THR E 67 4.08 -17.68 -21.01
N ALA E 68 3.65 -18.87 -20.60
CA ALA E 68 3.95 -19.43 -19.29
C ALA E 68 4.97 -20.55 -19.43
N THR E 69 5.91 -20.60 -18.48
CA THR E 69 6.94 -21.62 -18.44
C THR E 69 6.79 -22.41 -17.15
N TRP E 70 6.91 -23.73 -17.25
CA TRP E 70 6.90 -24.66 -16.15
C TRP E 70 8.30 -25.21 -16.07
N ALA E 71 8.98 -24.93 -14.96
CA ALA E 71 10.34 -25.42 -14.76
C ALA E 71 10.38 -26.92 -14.79
N GLN E 72 9.35 -27.51 -14.21
CA GLN E 72 9.18 -28.94 -14.18
C GLN E 72 7.70 -29.27 -14.41
N TRP E 73 7.48 -30.37 -15.12
CA TRP E 73 6.17 -30.92 -15.27
C TRP E 73 6.32 -32.39 -15.64
N THR E 74 5.54 -33.25 -14.99
CA THR E 74 5.78 -34.69 -15.10
C THR E 74 4.66 -35.52 -15.71
N HIS E 75 3.45 -34.97 -15.91
CA HIS E 75 2.31 -35.77 -16.39
C HIS E 75 1.94 -35.51 -17.83
N SER E 76 1.83 -36.59 -18.62
CA SER E 76 1.54 -36.42 -20.04
C SER E 76 0.08 -36.62 -20.46
N GLN E 77 -0.82 -36.86 -19.51
CA GLN E 77 -2.24 -36.98 -19.80
C GLN E 77 -3.10 -35.98 -19.07
N GLY E 78 -3.80 -35.15 -19.82
CA GLY E 78 -4.82 -34.28 -19.28
C GLY E 78 -4.82 -32.95 -20.00
N PRO E 79 -5.89 -32.16 -19.85
CA PRO E 79 -6.04 -30.91 -20.56
C PRO E 79 -5.22 -29.77 -20.01
N ILE E 80 -5.01 -28.74 -20.83
CA ILE E 80 -4.41 -27.46 -20.46
C ILE E 80 -5.52 -26.45 -20.57
N LEU E 81 -5.64 -25.54 -19.64
CA LEU E 81 -6.66 -24.50 -19.74
C LEU E 81 -6.04 -23.19 -19.32
N VAL E 82 -6.37 -22.12 -20.02
CA VAL E 82 -5.85 -20.80 -19.68
C VAL E 82 -7.03 -19.85 -19.52
N TRP E 83 -7.20 -19.26 -18.36
CA TRP E 83 -8.33 -18.35 -18.15
C TRP E 83 -7.89 -16.92 -17.86
N MET E 84 -8.85 -16.00 -17.89
CA MET E 84 -8.65 -14.67 -17.36
C MET E 84 -9.87 -14.21 -16.58
N TYR E 85 -9.68 -13.12 -15.85
CA TYR E 85 -10.72 -12.59 -14.99
C TYR E 85 -10.54 -11.10 -14.88
N LYS E 86 -11.60 -10.34 -15.14
CA LYS E 86 -11.51 -8.86 -15.01
C LYS E 86 -11.75 -8.34 -13.58
N CYS E 87 -10.74 -7.69 -13.02
CA CYS E 87 -10.83 -7.19 -11.68
C CYS E 87 -11.74 -5.97 -11.65
N PRO E 88 -12.65 -5.93 -10.66
CA PRO E 88 -13.56 -4.80 -10.59
C PRO E 88 -12.80 -3.50 -10.36
N GLY E 89 -11.77 -3.55 -9.53
CA GLY E 89 -10.96 -2.36 -9.27
C GLY E 89 -9.49 -2.67 -9.27
N ASP E 90 -8.84 -2.36 -8.15
CA ASP E 90 -7.44 -2.62 -7.97
C ASP E 90 -7.10 -4.10 -7.85
N PHE E 91 -5.91 -4.48 -8.29
CA PHE E 91 -5.42 -5.85 -8.09
C PHE E 91 -5.52 -6.25 -6.61
N SER E 92 -5.07 -5.37 -5.71
CA SER E 92 -5.05 -5.68 -4.27
C SER E 92 -6.44 -5.96 -3.64
N SER E 93 -7.52 -5.52 -4.28
CA SER E 93 -8.87 -5.83 -3.79
C SER E 93 -9.47 -7.05 -4.49
N CYS E 94 -8.85 -7.48 -5.58
CA CYS E 94 -9.39 -8.54 -6.41
C CYS E 94 -9.07 -9.84 -5.75
N ASP E 95 -10.10 -10.63 -5.45
CA ASP E 95 -9.90 -11.99 -5.03
C ASP E 95 -10.40 -13.07 -6.02
N GLY E 96 -10.78 -12.67 -7.23
CA GLY E 96 -11.24 -13.61 -8.24
C GLY E 96 -12.52 -14.38 -7.92
N SER E 97 -13.37 -13.80 -7.10
CA SER E 97 -14.57 -14.50 -6.70
C SER E 97 -15.63 -14.20 -7.72
N GLY E 98 -16.70 -14.97 -7.67
CA GLY E 98 -17.85 -14.73 -8.54
C GLY E 98 -17.60 -15.34 -9.89
N ALA E 99 -18.62 -15.32 -10.74
CA ALA E 99 -18.53 -15.88 -12.06
C ALA E 99 -17.87 -14.88 -13.03
N GLY E 100 -16.56 -14.70 -12.93
CA GLY E 100 -15.88 -13.75 -13.80
C GLY E 100 -14.81 -14.36 -14.69
N TRP E 101 -14.60 -15.68 -14.55
CA TRP E 101 -13.47 -16.34 -15.20
C TRP E 101 -13.93 -16.85 -16.55
N PHE E 102 -13.15 -16.52 -17.58
CA PHE E 102 -13.41 -17.00 -18.94
C PHE E 102 -12.12 -17.56 -19.55
N LYS E 103 -12.28 -18.63 -20.34
CA LYS E 103 -11.17 -19.30 -20.99
C LYS E 103 -10.74 -18.50 -22.17
N ILE E 104 -9.41 -18.36 -22.34
CA ILE E 104 -8.84 -17.83 -23.58
C ILE E 104 -8.05 -18.85 -24.40
N ASP E 105 -7.85 -20.06 -23.85
CA ASP E 105 -7.06 -21.08 -24.55
C ASP E 105 -7.33 -22.42 -23.87
N GLU E 106 -7.19 -23.50 -24.59
CA GLU E 106 -7.34 -24.84 -24.01
C GLU E 106 -6.66 -25.78 -24.96
N ALA E 107 -6.30 -26.98 -24.50
CA ALA E 107 -5.77 -28.00 -25.40
C ALA E 107 -6.09 -29.35 -24.77
N GLY E 108 -6.66 -30.27 -25.54
CA GLY E 108 -7.07 -31.56 -25.02
C GLY E 108 -6.32 -32.69 -25.68
N PHE E 109 -7.11 -33.69 -26.08
CA PHE E 109 -6.62 -34.95 -26.61
C PHE E 109 -6.89 -34.99 -28.10
N HIS E 110 -5.90 -35.41 -28.88
CA HIS E 110 -6.04 -35.45 -30.33
C HIS E 110 -5.55 -36.79 -30.93
N GLY E 111 -5.33 -37.80 -30.10
CA GLY E 111 -4.86 -39.10 -30.59
C GLY E 111 -5.91 -39.90 -31.35
N ASP E 112 -5.52 -41.02 -31.94
CA ASP E 112 -6.42 -41.72 -32.86
C ASP E 112 -7.44 -42.67 -32.17
N GLY E 113 -7.15 -43.12 -30.96
CA GLY E 113 -8.08 -44.03 -30.27
C GLY E 113 -7.96 -45.49 -30.67
N THR E 114 -6.99 -45.84 -31.51
CA THR E 114 -6.72 -47.25 -31.86
C THR E 114 -5.34 -47.71 -31.40
N THR E 115 -4.31 -46.90 -31.64
CA THR E 115 -2.98 -47.14 -31.08
C THR E 115 -2.58 -46.17 -29.94
N VAL E 116 -3.18 -44.99 -29.93
CA VAL E 116 -2.90 -43.99 -28.92
C VAL E 116 -4.19 -43.73 -28.20
N PHE E 117 -4.23 -44.07 -26.93
CA PHE E 117 -5.42 -43.99 -26.13
C PHE E 117 -5.30 -42.82 -25.17
N LEU E 118 -6.38 -42.51 -24.47
CA LEU E 118 -6.35 -41.48 -23.43
C LEU E 118 -5.27 -41.71 -22.37
N ASP E 119 -4.98 -42.98 -22.08
CA ASP E 119 -4.01 -43.32 -21.04
C ASP E 119 -2.67 -43.69 -21.61
N THR E 120 -2.50 -43.55 -22.91
CA THR E 120 -1.20 -43.85 -23.46
C THR E 120 -0.19 -42.83 -22.97
N GLU E 121 0.95 -43.34 -22.51
CA GLU E 121 1.98 -42.50 -21.88
C GLU E 121 2.95 -41.95 -22.93
N THR E 122 3.49 -42.84 -23.76
CA THR E 122 4.32 -42.43 -24.90
C THR E 122 3.89 -43.23 -26.14
N PRO E 123 3.67 -42.59 -27.28
CA PRO E 123 3.58 -41.12 -27.41
C PRO E 123 2.18 -40.62 -27.04
N SER E 124 2.07 -39.78 -26.01
CA SER E 124 0.77 -39.28 -25.57
C SER E 124 0.03 -38.54 -26.68
N GLY E 125 -1.29 -38.70 -26.70
CA GLY E 125 -2.16 -37.91 -27.57
C GLY E 125 -2.62 -36.57 -27.00
N TRP E 126 -2.09 -36.17 -25.87
CA TRP E 126 -2.43 -34.88 -25.29
C TRP E 126 -1.35 -33.85 -25.59
N ASP E 127 -1.78 -32.62 -25.79
CA ASP E 127 -0.84 -31.50 -25.94
C ASP E 127 -0.01 -31.26 -24.68
N ILE E 128 -0.57 -31.55 -23.52
CA ILE E 128 0.14 -31.39 -22.26
C ILE E 128 1.48 -32.11 -22.27
N ALA E 129 1.60 -33.18 -23.03
CA ALA E 129 2.85 -33.90 -23.14
C ALA E 129 4.00 -33.03 -23.65
N LYS E 130 3.69 -31.96 -24.35
CA LYS E 130 4.72 -31.03 -24.82
C LYS E 130 5.32 -30.19 -23.70
N LEU E 131 4.69 -30.21 -22.53
CA LEU E 131 5.18 -29.51 -21.35
C LEU E 131 6.05 -30.34 -20.41
N VAL E 132 6.10 -31.65 -20.64
CA VAL E 132 6.85 -32.55 -19.80
C VAL E 132 8.32 -32.39 -20.09
N GLY E 133 9.14 -32.40 -19.04
CA GLY E 133 10.56 -32.61 -19.21
C GLY E 133 11.47 -31.41 -19.00
N GLY E 134 10.96 -30.31 -18.45
CA GLY E 134 11.84 -29.22 -18.02
C GLY E 134 11.86 -28.01 -18.91
N ASN E 135 11.43 -26.87 -18.34
CA ASN E 135 11.47 -25.52 -18.91
C ASN E 135 10.68 -25.42 -20.19
N LYS E 136 9.56 -26.12 -20.23
CA LYS E 136 8.70 -26.07 -21.38
C LYS E 136 7.63 -25.00 -21.19
N SER E 137 7.13 -24.50 -22.31
CA SER E 137 6.30 -23.31 -22.36
C SER E 137 5.01 -23.51 -23.10
N TRP E 138 4.01 -22.71 -22.72
CA TRP E 138 2.75 -22.65 -23.47
C TRP E 138 2.41 -21.17 -23.72
N SER E 139 2.07 -20.87 -24.97
CA SER E 139 1.79 -19.50 -25.42
C SER E 139 0.34 -19.33 -25.82
N SER E 140 -0.30 -18.29 -25.30
CA SER E 140 -1.69 -18.00 -25.57
C SER E 140 -1.78 -16.55 -26.00
N LYS E 141 -2.77 -16.21 -26.81
CA LYS E 141 -3.02 -14.83 -27.22
C LYS E 141 -4.10 -14.20 -26.37
N ILE E 142 -3.91 -12.95 -25.97
CA ILE E 142 -4.98 -12.22 -25.35
C ILE E 142 -6.01 -11.95 -26.44
N PRO E 143 -7.29 -12.24 -26.16
CA PRO E 143 -8.31 -12.04 -27.21
C PRO E 143 -8.34 -10.63 -27.77
N ASP E 144 -8.50 -10.56 -29.11
CA ASP E 144 -8.62 -9.29 -29.83
C ASP E 144 -9.79 -8.46 -29.33
N GLY E 145 -9.61 -7.15 -29.31
CA GLY E 145 -10.62 -6.22 -28.83
C GLY E 145 -10.86 -6.16 -27.33
N LEU E 146 -10.09 -6.89 -26.52
CA LEU E 146 -10.43 -7.06 -25.11
C LEU E 146 -10.35 -5.76 -24.35
N ALA E 147 -11.37 -5.50 -23.55
CA ALA E 147 -11.53 -4.22 -22.87
C ALA E 147 -10.35 -3.97 -21.95
N PRO E 148 -9.87 -2.73 -21.88
CA PRO E 148 -8.70 -2.50 -21.03
C PRO E 148 -9.04 -2.65 -19.52
N GLY E 149 -8.04 -2.97 -18.69
CA GLY E 149 -8.19 -2.97 -17.24
C GLY E 149 -7.25 -3.95 -16.56
N ASN E 150 -7.55 -4.28 -15.31
CA ASN E 150 -6.73 -5.14 -14.55
C ASN E 150 -7.28 -6.53 -14.64
N TYR E 151 -6.46 -7.49 -15.08
CA TYR E 151 -6.93 -8.84 -15.24
C TYR E 151 -6.04 -9.82 -14.51
N LEU E 152 -6.65 -10.87 -13.97
CA LEU E 152 -5.90 -12.01 -13.53
C LEU E 152 -5.85 -12.94 -14.73
N VAL E 153 -4.73 -13.65 -14.89
CA VAL E 153 -4.63 -14.73 -15.86
C VAL E 153 -4.39 -15.97 -15.03
N ARG E 154 -5.04 -17.08 -15.36
CA ARG E 154 -4.88 -18.34 -14.63
C ARG E 154 -4.51 -19.48 -15.55
N HIS E 155 -3.42 -20.16 -15.23
CA HIS E 155 -2.99 -21.33 -15.99
C HIS E 155 -3.29 -22.52 -15.14
N GLU E 156 -3.80 -23.57 -15.77
CA GLU E 156 -4.29 -24.73 -15.06
C GLU E 156 -3.98 -25.96 -15.86
N LEU E 157 -3.28 -26.92 -15.27
CA LEU E 157 -3.11 -28.22 -15.86
C LEU E 157 -3.90 -29.21 -15.03
N ILE E 158 -4.61 -30.13 -15.68
CA ILE E 158 -5.34 -31.16 -14.96
C ILE E 158 -4.78 -32.50 -15.38
N ALA E 159 -4.09 -33.16 -14.47
CA ALA E 159 -3.48 -34.45 -14.79
C ALA E 159 -4.48 -35.54 -14.47
N LEU E 160 -4.64 -36.45 -15.42
CA LEU E 160 -5.68 -37.46 -15.34
C LEU E 160 -5.19 -38.88 -15.40
N HIS E 161 -3.91 -39.11 -15.16
CA HIS E 161 -3.35 -40.48 -15.14
C HIS E 161 -3.96 -41.42 -14.07
N GLN E 162 -4.48 -40.88 -12.97
CA GLN E 162 -5.14 -41.67 -11.94
C GLN E 162 -6.63 -41.75 -12.16
N ALA E 163 -7.10 -42.96 -12.44
CA ALA E 163 -8.54 -43.20 -12.62
C ALA E 163 -9.39 -42.57 -11.50
N ASN E 164 -10.39 -41.78 -11.87
CA ASN E 164 -11.36 -41.23 -10.89
C ASN E 164 -10.81 -40.24 -9.86
N ASN E 165 -9.55 -39.84 -10.02
CA ASN E 165 -8.83 -39.06 -9.01
C ASN E 165 -7.98 -38.03 -9.71
N PRO E 166 -8.67 -37.01 -10.25
CA PRO E 166 -8.04 -35.90 -10.98
C PRO E 166 -7.13 -35.06 -10.09
N GLN E 167 -6.15 -34.41 -10.70
CA GLN E 167 -5.19 -33.58 -9.98
C GLN E 167 -5.18 -32.29 -10.68
N PHE E 168 -5.42 -31.20 -9.97
CA PHE E 168 -5.48 -29.88 -10.59
C PHE E 168 -4.28 -29.09 -10.16
N TYR E 169 -3.57 -28.49 -11.10
CA TYR E 169 -2.42 -27.65 -10.79
C TYR E 169 -2.58 -26.23 -11.33
N PRO E 170 -2.99 -25.25 -10.50
CA PRO E 170 -3.20 -23.88 -10.99
C PRO E 170 -2.23 -22.81 -10.47
N GLU E 171 -1.99 -21.77 -11.26
CA GLU E 171 -1.31 -20.56 -10.76
C GLU E 171 -1.93 -19.31 -11.41
N CYS E 172 -1.85 -18.16 -10.74
CA CYS E 172 -2.44 -16.93 -11.26
C CYS E 172 -1.41 -15.85 -11.31
N ALA E 173 -1.52 -14.95 -12.28
CA ALA E 173 -0.68 -13.76 -12.36
C ALA E 173 -1.46 -12.53 -12.77
N GLN E 174 -0.82 -11.36 -12.70
CA GLN E 174 -1.51 -10.06 -12.91
C GLN E 174 -1.09 -9.35 -14.19
N ILE E 175 -2.06 -9.09 -15.07
CA ILE E 175 -1.89 -8.40 -16.35
C ILE E 175 -2.73 -7.14 -16.43
N LYS E 176 -2.09 -6.04 -16.78
CA LYS E 176 -2.82 -4.85 -17.05
C LYS E 176 -2.91 -4.72 -18.53
N VAL E 177 -4.14 -4.79 -19.03
CA VAL E 177 -4.45 -4.79 -20.45
C VAL E 177 -4.69 -3.35 -20.88
N THR E 178 -3.93 -2.92 -21.88
CA THR E 178 -3.96 -1.54 -22.37
C THR E 178 -4.94 -1.40 -23.55
N GLY E 179 -4.95 -0.22 -24.17
CA GLY E 179 -5.66 0.03 -25.42
C GLY E 179 -7.08 0.49 -25.20
N SER E 180 -7.84 0.46 -26.29
CA SER E 180 -9.21 0.96 -26.38
C SER E 180 -10.25 -0.06 -26.82
N GLY E 181 -9.98 -1.34 -26.67
CA GLY E 181 -10.93 -2.37 -27.10
C GLY E 181 -12.22 -2.29 -26.29
N THR E 182 -13.28 -2.90 -26.80
CA THR E 182 -14.53 -2.87 -26.07
C THR E 182 -15.14 -4.26 -25.82
N ALA E 183 -14.45 -5.30 -26.28
CA ALA E 183 -14.97 -6.66 -26.17
C ALA E 183 -14.88 -7.14 -24.73
N GLU E 184 -15.98 -7.70 -24.23
CA GLU E 184 -16.05 -8.28 -22.89
C GLU E 184 -16.88 -9.53 -23.00
N PRO E 185 -16.32 -10.67 -22.59
CA PRO E 185 -17.14 -11.86 -22.72
C PRO E 185 -18.47 -11.74 -21.98
N ALA E 186 -19.47 -12.32 -22.59
CA ALA E 186 -20.82 -12.33 -22.06
C ALA E 186 -20.89 -13.42 -20.98
N ALA E 187 -22.03 -13.47 -20.31
CA ALA E 187 -22.23 -14.39 -19.19
C ALA E 187 -21.97 -15.85 -19.55
N SER E 188 -22.44 -16.29 -20.72
CA SER E 188 -22.24 -17.69 -21.14
C SER E 188 -20.76 -18.13 -21.32
N TYR E 189 -19.83 -17.19 -21.25
CA TYR E 189 -18.41 -17.51 -21.35
C TYR E 189 -17.73 -17.55 -19.97
N LYS E 190 -18.45 -17.13 -18.94
CA LYS E 190 -17.87 -16.93 -17.65
C LYS E 190 -18.27 -18.03 -16.68
N ALA E 191 -17.39 -18.31 -15.73
CA ALA E 191 -17.70 -19.23 -14.63
C ALA E 191 -16.91 -18.89 -13.39
N ALA E 192 -17.38 -19.37 -12.24
CA ALA E 192 -16.64 -19.20 -11.00
C ALA E 192 -15.66 -20.37 -10.83
N ILE E 193 -14.59 -20.13 -10.07
CA ILE E 193 -13.59 -21.13 -9.77
C ILE E 193 -13.22 -21.03 -8.31
N PRO E 194 -13.49 -22.07 -7.51
CA PRO E 194 -14.24 -23.28 -7.92
C PRO E 194 -15.69 -22.98 -8.28
N GLY E 195 -16.28 -23.88 -9.07
CA GLY E 195 -17.64 -23.72 -9.63
C GLY E 195 -17.81 -24.29 -11.03
N TYR E 196 -16.82 -24.12 -11.89
CA TYR E 196 -16.94 -24.43 -13.28
C TYR E 196 -17.05 -25.92 -13.58
N CYS E 197 -16.61 -26.75 -12.66
CA CYS E 197 -16.82 -28.18 -12.82
C CYS E 197 -17.15 -28.80 -11.47
N GLN E 198 -17.54 -30.08 -11.50
CA GLN E 198 -17.85 -30.81 -10.28
C GLN E 198 -17.06 -32.11 -10.27
N GLN E 199 -16.74 -32.58 -9.07
CA GLN E 199 -15.94 -33.80 -8.92
C GLN E 199 -16.49 -34.95 -9.74
N SER E 200 -17.81 -35.11 -9.71
CA SER E 200 -18.50 -36.22 -10.35
C SER E 200 -18.74 -36.09 -11.88
N ASP E 201 -18.33 -34.98 -12.51
CA ASP E 201 -18.53 -34.84 -13.96
C ASP E 201 -17.73 -35.95 -14.67
N PRO E 202 -18.22 -36.41 -15.82
CA PRO E 202 -17.53 -37.50 -16.52
C PRO E 202 -16.26 -37.10 -17.23
N ASN E 203 -15.94 -35.81 -17.27
CA ASN E 203 -14.62 -35.35 -17.79
C ASN E 203 -13.65 -34.95 -16.68
N ILE E 204 -14.08 -35.17 -15.44
CA ILE E 204 -13.29 -34.92 -14.24
C ILE E 204 -12.96 -36.24 -13.53
N SER E 205 -13.99 -36.99 -13.14
CA SER E 205 -13.80 -38.30 -12.53
C SER E 205 -14.33 -39.38 -13.46
N PHE E 206 -13.41 -40.13 -14.04
CA PHE E 206 -13.78 -41.21 -14.96
C PHE E 206 -12.60 -42.17 -15.08
N ASN E 207 -12.85 -43.39 -15.51
CA ASN E 207 -11.81 -44.38 -15.51
C ASN E 207 -11.01 -44.29 -16.81
N ILE E 208 -10.05 -43.40 -16.84
CA ILE E 208 -9.26 -43.22 -18.01
C ILE E 208 -8.62 -44.52 -18.52
N ASN E 209 -8.51 -45.55 -17.68
CA ASN E 209 -7.90 -46.82 -18.09
C ASN E 209 -8.83 -47.81 -18.81
N ASP E 210 -10.13 -47.53 -18.78
CA ASP E 210 -11.14 -48.38 -19.39
C ASP E 210 -11.21 -48.06 -20.90
N HIS E 211 -10.68 -48.99 -21.70
CA HIS E 211 -10.58 -48.81 -23.15
C HIS E 211 -11.86 -49.00 -23.92
N SER E 212 -12.90 -49.52 -23.26
CA SER E 212 -14.25 -49.52 -23.83
C SER E 212 -14.77 -48.09 -24.04
N LEU E 213 -14.30 -47.12 -23.26
CA LEU E 213 -14.85 -45.78 -23.33
C LEU E 213 -14.48 -45.13 -24.64
N PRO E 214 -15.33 -44.23 -25.16
CA PRO E 214 -14.94 -43.50 -26.33
C PRO E 214 -13.71 -42.69 -26.00
N GLN E 215 -12.71 -42.73 -26.88
CA GLN E 215 -11.41 -42.09 -26.63
C GLN E 215 -11.49 -40.63 -27.10
N GLU E 216 -12.37 -39.90 -26.43
CA GLU E 216 -12.67 -38.54 -26.78
C GLU E 216 -12.75 -37.80 -25.47
N TYR E 217 -12.24 -36.60 -25.46
CA TYR E 217 -12.25 -35.85 -24.24
C TYR E 217 -12.88 -34.47 -24.45
N LYS E 218 -13.89 -34.17 -23.64
CA LYS E 218 -14.53 -32.87 -23.62
C LYS E 218 -13.89 -31.97 -22.57
N ILE E 219 -13.19 -30.95 -23.02
CA ILE E 219 -12.50 -30.08 -22.09
C ILE E 219 -13.54 -29.36 -21.25
N PRO E 220 -13.34 -29.36 -19.94
CA PRO E 220 -14.28 -28.71 -19.05
C PRO E 220 -14.29 -27.20 -19.08
N GLY E 221 -15.34 -26.64 -18.49
CA GLY E 221 -15.54 -25.20 -18.48
C GLY E 221 -16.25 -24.68 -19.72
N PRO E 222 -16.46 -23.36 -19.77
CA PRO E 222 -17.20 -22.78 -20.87
C PRO E 222 -16.44 -22.79 -22.20
N PRO E 223 -17.13 -22.48 -23.30
CA PRO E 223 -16.37 -22.35 -24.53
C PRO E 223 -15.38 -21.19 -24.43
N VAL E 224 -14.29 -21.28 -25.18
CA VAL E 224 -13.25 -20.24 -25.21
C VAL E 224 -13.76 -18.94 -25.83
N PHE E 225 -13.50 -17.84 -25.15
CA PHE E 225 -13.79 -16.53 -25.68
C PHE E 225 -12.66 -16.07 -26.62
N LYS E 226 -13.03 -15.72 -27.86
CA LYS E 226 -12.07 -15.40 -28.94
C LYS E 226 -11.95 -13.91 -29.22
N GLY E 227 -12.86 -13.14 -28.67
CA GLY E 227 -12.81 -11.68 -28.80
C GLY E 227 -13.68 -11.30 -29.98
N THR E 228 -13.14 -10.47 -30.86
CA THR E 228 -13.89 -10.01 -32.02
C THR E 228 -13.80 -11.02 -33.17
N HIC F 1 -1.28 -17.02 18.60
CA HIC F 1 -2.10 -16.97 17.36
C HIC F 1 -3.16 -15.88 17.36
O HIC F 1 -4.06 -15.84 18.21
CB HIC F 1 -2.82 -18.28 17.12
CG HIC F 1 -1.85 -19.37 16.83
ND1 HIC F 1 -0.76 -19.66 17.54
CD2 HIC F 1 -1.91 -20.29 15.80
CE1 HIC F 1 -0.13 -20.71 16.99
NE2 HIC F 1 -0.84 -21.09 15.93
CZ HIC F 1 -0.47 -22.22 15.03
N GLY F 2 -3.05 -15.01 16.36
CA GLY F 2 -4.00 -13.93 16.10
C GLY F 2 -3.48 -13.01 15.02
N ALA F 3 -4.25 -11.98 14.71
CA ALA F 3 -3.85 -10.98 13.75
C ALA F 3 -4.60 -9.69 13.95
N VAL F 4 -3.94 -8.60 13.55
CA VAL F 4 -4.60 -7.32 13.53
C VAL F 4 -5.77 -7.39 12.57
N THR F 5 -6.98 -7.19 13.08
CA THR F 5 -8.17 -7.38 12.27
C THR F 5 -8.93 -6.11 11.94
N SER F 6 -8.66 -5.01 12.63
CA SER F 6 -9.23 -3.72 12.26
C SER F 6 -8.43 -2.59 12.85
N TYR F 7 -8.72 -1.36 12.45
CA TYR F 7 -7.99 -0.20 12.92
C TYR F 7 -8.95 0.90 13.29
N ASN F 8 -8.51 1.76 14.20
CA ASN F 8 -9.09 3.07 14.36
C ASN F 8 -7.96 4.07 14.24
N ILE F 9 -8.02 4.94 13.25
CA ILE F 9 -6.90 5.84 12.99
C ILE F 9 -7.42 7.25 12.97
N ALA F 10 -6.78 8.11 13.77
CA ALA F 10 -7.20 9.51 13.89
C ALA F 10 -8.70 9.66 14.12
N GLY F 11 -9.33 8.68 14.76
CA GLY F 11 -10.76 8.78 15.09
C GLY F 11 -11.68 7.94 14.24
N LYS F 12 -11.20 7.49 13.07
CA LYS F 12 -12.03 6.74 12.12
C LYS F 12 -11.73 5.23 12.10
N ASP F 13 -12.81 4.44 12.05
CA ASP F 13 -12.74 2.98 11.95
C ASP F 13 -12.42 2.58 10.53
N TYR F 14 -11.48 1.64 10.37
CA TYR F 14 -11.17 1.01 9.08
C TYR F 14 -11.10 -0.48 9.27
N PRO F 15 -11.90 -1.23 8.51
CA PRO F 15 -11.78 -2.68 8.64
C PRO F 15 -10.48 -3.21 8.06
N GLY F 16 -10.03 -4.32 8.61
CA GLY F 16 -8.86 -4.99 8.07
C GLY F 16 -9.23 -5.84 6.87
N TYR F 17 -8.19 -6.42 6.29
CA TYR F 17 -8.33 -7.48 5.32
C TYR F 17 -8.88 -8.71 6.02
N SER F 18 -9.65 -9.52 5.32
CA SER F 18 -10.22 -10.72 5.95
C SER F 18 -9.46 -11.94 5.47
N GLY F 19 -8.37 -12.26 6.15
CA GLY F 19 -7.46 -13.34 5.73
C GLY F 19 -8.10 -14.70 5.52
N PHE F 20 -9.08 -15.04 6.35
CA PHE F 20 -9.74 -16.33 6.23
C PHE F 20 -10.80 -16.33 5.15
N ALA F 21 -11.37 -15.16 4.83
CA ALA F 21 -12.38 -15.11 3.76
C ALA F 21 -12.41 -13.74 3.07
N PRO F 22 -11.45 -13.47 2.18
CA PRO F 22 -11.28 -12.12 1.63
C PRO F 22 -12.54 -11.67 0.94
N THR F 23 -12.89 -10.40 1.12
CA THR F 23 -14.21 -9.92 0.72
C THR F 23 -14.28 -9.35 -0.68
N GLY F 24 -13.12 -9.11 -1.29
CA GLY F 24 -13.05 -8.38 -2.54
C GLY F 24 -13.09 -6.86 -2.35
N GLN F 25 -13.04 -6.42 -1.09
CA GLN F 25 -13.29 -5.03 -0.73
C GLN F 25 -12.00 -4.24 -0.67
N ASP F 26 -12.10 -2.97 -1.01
CA ASP F 26 -11.01 -2.02 -0.81
C ASP F 26 -10.79 -1.83 0.68
N VAL F 27 -9.57 -2.10 1.15
CA VAL F 27 -9.21 -1.86 2.54
C VAL F 27 -7.86 -1.13 2.62
N ILE F 28 -7.49 -0.68 3.81
CA ILE F 28 -6.19 -0.06 4.02
C ILE F 28 -5.09 -1.05 4.37
N GLN F 29 -5.45 -2.30 4.66
CA GLN F 29 -4.51 -3.24 5.23
C GLN F 29 -3.98 -4.22 4.18
N TRP F 30 -2.66 -4.37 4.13
CA TRP F 30 -2.05 -5.40 3.31
C TRP F 30 -2.47 -6.80 3.73
N GLN F 31 -2.32 -7.75 2.81
CA GLN F 31 -2.92 -9.07 3.03
C GLN F 31 -2.14 -9.83 4.10
N TRP F 32 -2.86 -10.69 4.81
CA TRP F 32 -2.27 -11.71 5.67
C TRP F 32 -3.06 -12.99 5.47
N PRO F 33 -2.39 -14.14 5.58
CA PRO F 33 -3.03 -15.39 5.14
C PRO F 33 -3.90 -16.07 6.20
N ASP F 34 -3.57 -15.88 7.48
CA ASP F 34 -4.20 -16.60 8.57
C ASP F 34 -3.53 -16.18 9.90
N TYR F 35 -3.85 -16.90 10.98
CA TYR F 35 -3.39 -16.54 12.32
C TYR F 35 -2.05 -17.15 12.75
N ASN F 36 -1.38 -17.90 11.87
CA ASN F 36 -0.15 -18.62 12.22
C ASN F 36 1.10 -17.75 12.22
N PRO F 37 2.08 -18.10 13.08
CA PRO F 37 3.29 -17.29 13.17
C PRO F 37 4.26 -17.45 12.01
N VAL F 38 5.07 -16.44 11.79
CA VAL F 38 6.34 -16.51 11.08
C VAL F 38 7.34 -16.97 12.15
N LEU F 39 8.12 -18.01 11.84
CA LEU F 39 8.97 -18.67 12.83
C LEU F 39 10.43 -18.35 12.73
N SER F 40 10.83 -17.66 11.67
CA SER F 40 12.24 -17.35 11.43
C SER F 40 12.44 -15.82 11.16
N ALA F 41 13.49 -15.26 11.77
CA ALA F 41 13.83 -13.82 11.71
C ALA F 41 14.28 -13.35 10.36
N SER F 42 14.71 -14.28 9.53
CA SER F 42 15.18 -13.91 8.20
C SER F 42 14.12 -14.22 7.15
N ASP F 43 12.91 -14.60 7.56
CA ASP F 43 11.81 -14.92 6.63
C ASP F 43 11.25 -13.63 6.02
N PRO F 44 11.16 -13.58 4.68
CA PRO F 44 10.54 -12.43 3.97
C PRO F 44 9.12 -12.14 4.43
N LYS F 45 8.40 -13.16 4.87
CA LYS F 45 7.06 -12.93 5.36
C LYS F 45 7.01 -12.10 6.63
N LEU F 46 8.12 -12.02 7.36
CA LEU F 46 8.21 -11.18 8.56
C LEU F 46 7.79 -9.74 8.29
N ARG F 47 7.99 -9.27 7.08
CA ARG F 47 7.76 -7.87 6.80
C ARG F 47 6.28 -7.55 6.96
N CYS F 48 5.44 -8.21 6.19
CA CYS F 48 4.02 -7.91 6.14
C CYS F 48 3.17 -9.15 6.04
N ASN F 49 3.70 -10.30 6.47
CA ASN F 49 2.95 -11.56 6.46
C ASN F 49 2.55 -11.96 5.03
N GLY F 50 3.43 -11.62 4.08
CA GLY F 50 3.20 -11.94 2.66
C GLY F 50 2.27 -10.99 1.93
N GLY F 51 1.80 -9.93 2.61
CA GLY F 51 0.98 -8.91 1.98
C GLY F 51 1.73 -8.19 0.88
N THR F 52 1.01 -7.74 -0.14
CA THR F 52 1.62 -7.03 -1.24
C THR F 52 1.04 -5.64 -1.46
N GLY F 53 -0.21 -5.40 -1.04
CA GLY F 53 -0.74 -4.04 -1.20
C GLY F 53 -2.12 -3.89 -0.67
N ALA F 54 -2.67 -2.68 -0.87
CA ALA F 54 -4.06 -2.40 -0.50
C ALA F 54 -4.54 -1.18 -1.23
N ALA F 55 -5.85 -1.03 -1.33
CA ALA F 55 -6.44 0.00 -2.16
C ALA F 55 -6.63 1.34 -1.46
N LEU F 56 -6.78 1.35 -0.15
CA LEU F 56 -7.07 2.62 0.52
C LEU F 56 -5.97 2.95 1.50
N TYR F 57 -6.04 4.17 2.01
CA TYR F 57 -5.22 4.63 3.13
C TYR F 57 -6.16 5.34 4.12
N ALA F 58 -5.67 5.47 5.35
CA ALA F 58 -6.29 6.33 6.34
C ALA F 58 -5.45 7.57 6.44
N GLU F 59 -6.11 8.72 6.56
CA GLU F 59 -5.42 10.01 6.74
C GLU F 59 -5.18 10.27 8.21
N ALA F 60 -4.01 10.80 8.54
CA ALA F 60 -3.68 11.16 9.89
C ALA F 60 -2.61 12.22 9.88
N ALA F 61 -2.55 12.97 10.96
CA ALA F 61 -1.55 14.02 11.11
C ALA F 61 -0.60 13.60 12.20
N PRO F 62 0.60 14.17 12.20
CA PRO F 62 1.49 13.89 13.34
C PRO F 62 0.80 14.15 14.67
N GLY F 63 1.02 13.23 15.62
CA GLY F 63 0.37 13.31 16.93
C GLY F 63 -0.99 12.64 17.05
N ASP F 64 -1.65 12.32 15.95
CA ASP F 64 -2.86 11.53 16.01
C ASP F 64 -2.53 10.10 16.42
N THR F 65 -3.58 9.38 16.77
CA THR F 65 -3.46 8.05 17.33
C THR F 65 -3.72 7.00 16.29
N ILE F 66 -2.90 5.97 16.29
CA ILE F 66 -3.16 4.75 15.53
C ILE F 66 -3.49 3.63 16.50
N THR F 67 -4.63 3.00 16.29
CA THR F 67 -5.10 1.92 17.14
C THR F 67 -5.33 0.68 16.30
N ALA F 68 -4.83 -0.44 16.81
CA ALA F 68 -4.94 -1.73 16.14
C ALA F 68 -5.70 -2.66 17.06
N THR F 69 -6.58 -3.45 16.48
CA THR F 69 -7.43 -4.32 17.26
C THR F 69 -7.17 -5.76 16.83
N TRP F 70 -7.05 -6.68 17.78
CA TRP F 70 -6.89 -8.10 17.48
C TRP F 70 -8.19 -8.81 17.86
N ALA F 71 -8.91 -9.31 16.86
CA ALA F 71 -10.16 -10.07 17.13
C ALA F 71 -9.85 -11.28 17.99
N GLN F 72 -8.63 -11.78 17.87
CA GLN F 72 -8.14 -12.88 18.70
C GLN F 72 -6.65 -12.70 19.01
N TRP F 73 -6.27 -12.98 20.26
CA TRP F 73 -4.85 -13.08 20.64
C TRP F 73 -4.71 -13.92 21.91
N THR F 74 -3.69 -14.77 21.96
CA THR F 74 -3.64 -15.80 22.99
C THR F 74 -2.43 -15.83 23.93
N HIS F 75 -1.38 -15.09 23.62
CA HIS F 75 -0.12 -15.23 24.35
C HIS F 75 0.16 -14.04 25.25
N SER F 76 0.63 -14.35 26.46
CA SER F 76 0.84 -13.34 27.50
C SER F 76 2.28 -12.90 27.67
N GLN F 77 3.20 -13.47 26.90
CA GLN F 77 4.62 -13.16 27.03
C GLN F 77 5.18 -12.74 25.72
N GLY F 78 5.88 -11.63 25.71
CA GLY F 78 6.56 -11.14 24.52
C GLY F 78 6.31 -9.66 24.32
N PRO F 79 7.16 -9.03 23.48
CA PRO F 79 7.02 -7.61 23.21
C PRO F 79 5.99 -7.27 22.16
N ILE F 80 5.57 -6.02 22.20
CA ILE F 80 4.76 -5.37 21.18
C ILE F 80 5.68 -4.36 20.48
N LEU F 81 5.68 -4.35 19.17
CA LEU F 81 6.42 -3.37 18.36
C LEU F 81 5.54 -2.77 17.24
N VAL F 82 5.62 -1.45 17.10
CA VAL F 82 4.88 -0.76 16.08
C VAL F 82 5.88 0.09 15.35
N TRP F 83 5.87 -0.03 14.02
CA TRP F 83 6.85 0.60 13.17
C TRP F 83 6.13 1.34 12.08
N MET F 84 6.86 2.26 11.48
CA MET F 84 6.41 2.92 10.28
C MET F 84 7.56 2.93 9.27
N TYR F 85 7.19 3.16 8.02
CA TYR F 85 8.10 3.19 6.87
C TYR F 85 7.58 4.21 5.88
N LYS F 86 8.44 5.12 5.44
CA LYS F 86 8.02 6.11 4.46
C LYS F 86 8.16 5.56 3.05
N CYS F 87 7.05 5.40 2.35
CA CYS F 87 7.07 4.99 0.95
C CYS F 87 7.80 6.02 0.13
N PRO F 88 8.69 5.58 -0.77
CA PRO F 88 9.34 6.49 -1.71
C PRO F 88 8.34 7.43 -2.36
N GLY F 89 7.23 6.89 -2.86
CA GLY F 89 6.16 7.69 -3.48
C GLY F 89 4.76 7.11 -3.29
N ASP F 90 4.17 6.65 -4.38
CA ASP F 90 2.85 6.02 -4.35
C ASP F 90 2.84 4.72 -3.55
N PHE F 91 1.71 4.46 -2.91
CA PHE F 91 1.49 3.19 -2.26
C PHE F 91 1.65 2.03 -3.22
N SER F 92 1.09 2.14 -4.41
CA SER F 92 1.10 1.01 -5.35
C SER F 92 2.50 0.49 -5.67
N SER F 93 3.52 1.35 -5.65
CA SER F 93 4.89 0.88 -5.91
C SER F 93 5.72 0.70 -4.65
N CYS F 94 5.12 0.88 -3.48
CA CYS F 94 5.79 0.66 -2.20
C CYS F 94 5.91 -0.86 -1.95
N ASP F 95 7.09 -1.36 -1.56
CA ASP F 95 7.21 -2.78 -1.13
C ASP F 95 7.86 -2.93 0.23
N GLY F 96 8.20 -1.82 0.89
CA GLY F 96 8.71 -1.86 2.25
C GLY F 96 10.14 -2.38 2.38
N SER F 97 10.91 -2.30 1.28
CA SER F 97 12.29 -2.82 1.24
C SER F 97 13.30 -1.74 1.61
N GLY F 98 14.54 -2.17 1.83
CA GLY F 98 15.59 -1.30 2.34
C GLY F 98 15.44 -1.00 3.84
N ALA F 99 16.46 -0.34 4.39
CA ALA F 99 16.47 0.05 5.80
C ALA F 99 15.59 1.30 6.01
N GLY F 100 14.28 1.14 5.80
CA GLY F 100 13.33 2.25 5.89
C GLY F 100 12.45 2.23 7.14
N TRP F 101 12.51 1.15 7.92
CA TRP F 101 11.54 0.95 8.98
C TRP F 101 12.08 1.53 10.28
N PHE F 102 11.22 2.21 11.03
CA PHE F 102 11.62 2.79 12.28
C PHE F 102 10.50 2.50 13.25
N LYS F 103 10.84 2.40 14.53
CA LYS F 103 9.86 2.10 15.57
C LYS F 103 9.21 3.37 16.04
N ILE F 104 7.89 3.38 16.15
CA ILE F 104 7.18 4.49 16.78
C ILE F 104 6.65 4.15 18.15
N ASP F 105 6.70 2.86 18.52
CA ASP F 105 6.15 2.38 19.81
C ASP F 105 6.70 0.99 20.14
N GLU F 106 6.82 0.70 21.42
CA GLU F 106 7.27 -0.58 21.90
C GLU F 106 6.77 -0.75 23.35
N ALA F 107 6.49 -1.99 23.74
CA ALA F 107 6.10 -2.35 25.09
C ALA F 107 6.62 -3.75 25.42
N GLY F 108 7.34 -3.88 26.53
CA GLY F 108 7.93 -5.13 26.92
C GLY F 108 7.56 -5.61 28.31
N PHE F 109 8.57 -5.89 29.12
CA PHE F 109 8.42 -6.52 30.42
C PHE F 109 8.84 -5.59 31.56
N HIS F 110 8.11 -5.65 32.67
CA HIS F 110 8.35 -4.75 33.81
C HIS F 110 8.01 -5.43 35.15
N GLY F 111 8.20 -6.74 35.23
CA GLY F 111 8.05 -7.47 36.46
C GLY F 111 9.29 -7.26 37.30
N ASP F 112 9.23 -7.68 38.56
CA ASP F 112 10.27 -7.37 39.57
C ASP F 112 11.41 -8.42 39.66
N GLY F 113 11.16 -9.62 39.18
CA GLY F 113 12.16 -10.68 39.19
C GLY F 113 12.22 -11.43 40.52
N THR F 114 11.20 -11.25 41.37
CA THR F 114 11.09 -11.98 42.64
C THR F 114 9.79 -12.75 42.69
N THR F 115 8.68 -12.06 42.41
CA THR F 115 7.38 -12.70 42.29
C THR F 115 6.88 -12.82 40.85
N VAL F 116 7.34 -11.94 39.96
CA VAL F 116 6.91 -11.96 38.56
C VAL F 116 8.13 -12.08 37.67
N PHE F 117 8.21 -13.20 36.95
CA PHE F 117 9.33 -13.53 36.06
C PHE F 117 8.91 -13.41 34.60
N LEU F 118 9.91 -13.47 33.72
CA LEU F 118 9.68 -13.43 32.28
C LEU F 118 8.63 -14.45 31.85
N ASP F 119 8.60 -15.61 32.50
CA ASP F 119 7.65 -16.66 32.13
C ASP F 119 6.47 -16.76 33.07
N THR F 120 6.16 -15.73 33.82
CA THR F 120 4.97 -15.82 34.66
C THR F 120 3.74 -15.63 33.78
N GLU F 121 2.76 -16.52 33.93
CA GLU F 121 1.55 -16.51 33.11
C GLU F 121 0.46 -15.63 33.76
N THR F 122 0.31 -15.71 35.09
CA THR F 122 -0.67 -14.88 35.82
C THR F 122 -0.06 -14.44 37.16
N PRO F 123 0.04 -13.14 37.43
CA PRO F 123 -0.18 -12.02 36.48
C PRO F 123 1.09 -11.74 35.66
N SER F 124 0.97 -11.75 34.34
CA SER F 124 2.13 -11.57 33.49
C SER F 124 2.72 -10.18 33.70
N GLY F 125 4.05 -10.06 33.64
CA GLY F 125 4.71 -8.74 33.65
C GLY F 125 4.91 -8.10 32.29
N TRP F 126 4.27 -8.67 31.27
CA TRP F 126 4.37 -8.17 29.91
C TRP F 126 3.12 -7.44 29.51
N ASP F 127 3.31 -6.30 28.85
CA ASP F 127 2.17 -5.51 28.41
C ASP F 127 1.28 -6.25 27.44
N ILE F 128 1.90 -7.15 26.68
CA ILE F 128 1.16 -7.95 25.72
C ILE F 128 0.00 -8.74 26.36
N ALA F 129 -0.04 -8.91 27.67
CA ALA F 129 -1.15 -9.64 28.31
C ALA F 129 -2.47 -8.89 28.21
N LYS F 130 -2.39 -7.55 28.11
CA LYS F 130 -3.57 -6.72 27.85
C LYS F 130 -4.26 -6.97 26.50
N LEU F 131 -3.55 -7.59 25.55
CA LEU F 131 -4.16 -7.96 24.27
C LEU F 131 -4.86 -9.34 24.28
N VAL F 132 -4.68 -10.11 25.34
CA VAL F 132 -5.20 -11.47 25.36
C VAL F 132 -6.71 -11.45 25.54
N GLY F 133 -7.39 -12.33 24.80
CA GLY F 133 -8.74 -12.70 25.17
C GLY F 133 -9.82 -12.29 24.21
N GLY F 134 -9.46 -11.65 23.10
CA GLY F 134 -10.45 -11.25 22.08
C GLY F 134 -10.83 -9.76 22.08
N ASN F 135 -10.74 -9.12 20.91
CA ASN F 135 -11.20 -7.73 20.70
C ASN F 135 -10.46 -6.70 21.58
N LYS F 136 -9.16 -6.93 21.79
CA LYS F 136 -8.29 -6.01 22.52
C LYS F 136 -7.46 -5.19 21.54
N SER F 137 -7.08 -3.99 21.97
CA SER F 137 -6.55 -2.98 21.09
C SER F 137 -5.31 -2.44 21.68
N TRP F 138 -4.44 -1.92 20.82
CA TRP F 138 -3.24 -1.18 21.24
C TRP F 138 -3.17 0.15 20.49
N SER F 139 -2.72 1.18 21.17
CA SER F 139 -2.73 2.53 20.64
C SER F 139 -1.34 3.16 20.65
N SER F 140 -1.02 3.87 19.55
CA SER F 140 0.29 4.50 19.40
C SER F 140 0.14 5.91 18.88
N LYS F 141 1.09 6.76 19.20
CA LYS F 141 1.10 8.09 18.71
C LYS F 141 1.98 8.19 17.47
N ILE F 142 1.50 8.84 16.43
CA ILE F 142 2.40 9.20 15.32
C ILE F 142 3.38 10.28 15.81
N PRO F 143 4.68 10.10 15.56
CA PRO F 143 5.67 11.05 16.08
C PRO F 143 5.42 12.53 15.69
N ASP F 144 5.65 13.45 16.61
CA ASP F 144 5.42 14.88 16.34
C ASP F 144 6.34 15.38 15.23
N GLY F 145 5.82 16.24 14.36
CA GLY F 145 6.62 16.79 13.26
C GLY F 145 6.89 15.89 12.06
N LEU F 146 6.36 14.67 12.05
CA LEU F 146 6.68 13.73 10.99
C LEU F 146 6.39 14.31 9.60
N ALA F 147 7.36 14.18 8.70
CA ALA F 147 7.23 14.76 7.36
C ALA F 147 6.05 14.13 6.66
N PRO F 148 5.24 14.95 5.96
CA PRO F 148 4.10 14.33 5.29
C PRO F 148 4.48 13.31 4.21
N GLY F 149 3.60 12.33 4.02
CA GLY F 149 3.71 11.42 2.90
C GLY F 149 2.93 10.15 3.07
N ASN F 150 3.25 9.15 2.26
CA ASN F 150 2.62 7.84 2.32
C ASN F 150 3.48 6.90 3.12
N TYR F 151 2.96 6.46 4.28
CA TYR F 151 3.68 5.57 5.15
C TYR F 151 3.00 4.19 5.25
N LEU F 152 3.80 3.16 5.54
CA LEU F 152 3.21 1.94 6.04
C LEU F 152 3.37 1.93 7.54
N VAL F 153 2.38 1.38 8.23
CA VAL F 153 2.50 1.07 9.65
C VAL F 153 2.46 -0.44 9.83
N ARG F 154 3.37 -0.93 10.65
CA ARG F 154 3.51 -2.35 10.88
C ARG F 154 3.32 -2.62 12.37
N HIS F 155 2.42 -3.53 12.67
CA HIS F 155 2.22 -3.99 14.01
C HIS F 155 2.79 -5.39 14.11
N GLU F 156 3.52 -5.65 15.18
CA GLU F 156 4.20 -6.92 15.37
C GLU F 156 4.12 -7.32 16.83
N LEU F 157 3.60 -8.52 17.06
CA LEU F 157 3.68 -9.20 18.34
C LEU F 157 4.67 -10.32 18.20
N ILE F 158 5.54 -10.49 19.19
CA ILE F 158 6.53 -11.53 19.20
C ILE F 158 6.25 -12.35 20.43
N ALA F 159 5.67 -13.55 20.25
CA ALA F 159 5.29 -14.38 21.37
C ALA F 159 6.50 -15.22 21.77
N LEU F 160 6.76 -15.23 23.07
CA LEU F 160 7.98 -15.81 23.62
C LEU F 160 7.76 -16.96 24.62
N HIS F 161 6.52 -17.45 24.78
CA HIS F 161 6.20 -18.58 25.70
C HIS F 161 7.13 -19.78 25.55
N GLN F 162 7.57 -20.07 24.32
CA GLN F 162 8.39 -21.24 24.03
C GLN F 162 9.84 -20.85 23.97
N ALA F 163 10.63 -21.44 24.84
CA ALA F 163 12.04 -21.15 24.93
C ALA F 163 12.74 -21.47 23.62
N ASN F 164 13.58 -20.55 23.16
CA ASN F 164 14.33 -20.69 21.90
C ASN F 164 13.49 -20.74 20.58
N ASN F 165 12.19 -20.43 20.65
CA ASN F 165 11.29 -20.47 19.46
C ASN F 165 10.32 -19.32 19.44
N PRO F 166 10.84 -18.14 19.12
CA PRO F 166 10.04 -16.96 19.00
C PRO F 166 9.06 -17.09 17.83
N GLN F 167 7.92 -16.41 17.96
CA GLN F 167 6.86 -16.47 16.99
C GLN F 167 6.49 -15.07 16.65
N PHE F 168 6.61 -14.70 15.39
CA PHE F 168 6.32 -13.33 15.04
C PHE F 168 4.95 -13.27 14.38
N TYR F 169 4.16 -12.26 14.75
CA TYR F 169 2.84 -12.03 14.13
C TYR F 169 2.76 -10.62 13.59
N PRO F 170 3.01 -10.44 12.28
CA PRO F 170 3.00 -9.09 11.73
C PRO F 170 1.88 -8.79 10.72
N GLU F 171 1.47 -7.51 10.68
CA GLU F 171 0.52 -6.98 9.67
C GLU F 171 0.85 -5.51 9.35
N CYS F 172 0.57 -5.09 8.11
CA CYS F 172 0.87 -3.75 7.68
C CYS F 172 -0.37 -3.06 7.16
N ALA F 173 -0.35 -1.73 7.24
CA ALA F 173 -1.46 -0.93 6.75
C ALA F 173 -0.96 0.42 6.23
N GLN F 174 -1.82 1.09 5.48
CA GLN F 174 -1.42 2.28 4.76
C GLN F 174 -1.98 3.55 5.42
N ILE F 175 -1.08 4.49 5.70
CA ILE F 175 -1.40 5.72 6.36
C ILE F 175 -0.88 6.87 5.52
N LYS F 176 -1.76 7.81 5.17
CA LYS F 176 -1.30 9.06 4.59
C LYS F 176 -1.11 10.10 5.70
N VAL F 177 0.14 10.46 5.94
CA VAL F 177 0.47 11.44 6.95
C VAL F 177 0.43 12.85 6.34
N THR F 178 -0.47 13.70 6.84
CA THR F 178 -0.61 15.08 6.34
C THR F 178 0.27 16.09 7.09
N GLY F 179 0.14 17.37 6.73
CA GLY F 179 0.73 18.48 7.49
C GLY F 179 2.04 18.93 6.89
N SER F 180 2.79 19.75 7.62
CA SER F 180 3.98 20.42 7.09
C SER F 180 5.27 20.15 7.90
N GLY F 181 5.27 19.04 8.61
CA GLY F 181 6.47 18.61 9.32
C GLY F 181 7.62 18.22 8.41
N THR F 182 8.82 18.19 8.95
CA THR F 182 10.02 17.84 8.20
C THR F 182 10.84 16.76 8.88
N ALA F 183 10.32 16.27 10.01
CA ALA F 183 11.06 15.36 10.88
C ALA F 183 11.16 13.96 10.27
N GLU F 184 12.40 13.51 10.12
CA GLU F 184 12.74 12.26 9.50
C GLU F 184 13.81 11.55 10.31
N PRO F 185 13.57 10.27 10.65
CA PRO F 185 14.57 9.52 11.41
C PRO F 185 15.90 9.37 10.69
N ALA F 186 16.99 9.58 11.40
CA ALA F 186 18.33 9.32 10.88
C ALA F 186 18.53 7.82 10.68
N ALA F 187 19.66 7.46 10.06
CA ALA F 187 20.01 6.05 9.82
C ALA F 187 19.93 5.13 11.06
N SER F 188 20.47 5.61 12.17
CA SER F 188 20.48 4.88 13.45
C SER F 188 19.12 4.39 14.00
N TYR F 189 18.02 5.04 13.62
CA TYR F 189 16.68 4.69 14.11
C TYR F 189 15.97 3.76 13.13
N LYS F 190 16.62 3.44 12.00
CA LYS F 190 16.00 2.68 10.91
C LYS F 190 16.65 1.32 10.63
N ALA F 191 15.82 0.36 10.22
CA ALA F 191 16.25 -1.02 9.93
C ALA F 191 15.47 -1.64 8.76
N ALA F 192 16.02 -2.73 8.22
CA ALA F 192 15.35 -3.52 7.17
C ALA F 192 14.61 -4.64 7.86
N ILE F 193 13.50 -5.06 7.27
CA ILE F 193 12.69 -6.15 7.83
C ILE F 193 12.26 -7.08 6.72
N PRO F 194 12.69 -8.32 6.79
CA PRO F 194 13.62 -8.83 7.79
C PRO F 194 14.99 -8.16 7.77
N GLY F 195 15.72 -8.29 8.87
CA GLY F 195 17.09 -7.76 8.95
C GLY F 195 17.43 -7.14 10.29
N TYR F 196 16.45 -6.54 10.93
CA TYR F 196 16.65 -5.85 12.22
C TYR F 196 17.09 -6.74 13.38
N CYS F 197 16.86 -8.05 13.27
CA CYS F 197 17.35 -9.03 14.24
C CYS F 197 17.79 -10.32 13.56
N GLN F 198 18.64 -11.09 14.27
CA GLN F 198 19.07 -12.44 13.89
C GLN F 198 18.41 -13.43 14.83
N GLN F 199 18.14 -14.62 14.32
CA GLN F 199 17.59 -15.72 15.11
C GLN F 199 18.37 -15.96 16.43
N SER F 200 19.70 -15.98 16.32
CA SER F 200 20.55 -16.26 17.46
C SER F 200 20.66 -15.14 18.53
N ASP F 201 20.07 -13.97 18.29
CA ASP F 201 20.13 -12.88 19.26
C ASP F 201 19.51 -13.31 20.57
N PRO F 202 20.07 -12.84 21.69
CA PRO F 202 19.63 -13.25 23.02
C PRO F 202 18.29 -12.66 23.45
N ASN F 203 17.77 -11.70 22.70
CA ASN F 203 16.37 -11.22 22.91
C ASN F 203 15.38 -11.77 21.87
N ILE F 204 15.82 -12.79 21.13
CA ILE F 204 15.02 -13.51 20.14
C ILE F 204 14.96 -15.00 20.49
N SER F 205 16.06 -15.73 20.32
CA SER F 205 16.18 -17.12 20.81
C SER F 205 16.94 -17.24 22.13
N PHE F 206 16.21 -17.54 23.20
CA PHE F 206 16.80 -17.68 24.54
C PHE F 206 15.86 -18.48 25.45
N ASN F 207 16.39 -18.99 26.55
CA ASN F 207 15.61 -19.74 27.54
C ASN F 207 14.85 -18.81 28.49
N ILE F 208 13.61 -18.53 28.14
CA ILE F 208 12.74 -17.68 28.93
C ILE F 208 12.36 -18.28 30.29
N ASN F 209 12.53 -19.60 30.45
CA ASN F 209 12.20 -20.30 31.71
C ASN F 209 13.29 -20.30 32.80
N ASP F 210 14.47 -19.79 32.47
CA ASP F 210 15.58 -19.79 33.40
C ASP F 210 15.43 -18.61 34.36
N HIS F 211 14.96 -18.93 35.56
CA HIS F 211 14.80 -17.96 36.65
C HIS F 211 16.12 -17.46 37.23
N SER F 212 17.21 -18.13 36.86
CA SER F 212 18.55 -17.78 37.30
C SER F 212 19.06 -16.47 36.67
N LEU F 213 18.73 -16.25 35.41
CA LEU F 213 19.14 -15.07 34.66
C LEU F 213 18.36 -13.82 35.07
N PRO F 214 18.88 -12.64 34.71
CA PRO F 214 18.19 -11.39 34.96
C PRO F 214 16.82 -11.34 34.30
N GLN F 215 15.79 -11.09 35.08
CA GLN F 215 14.43 -10.99 34.56
C GLN F 215 14.20 -9.60 33.98
N GLU F 216 14.69 -9.44 32.77
CA GLU F 216 14.57 -8.21 32.04
C GLU F 216 14.62 -8.54 30.53
N TYR F 217 14.13 -7.62 29.72
CA TYR F 217 14.07 -7.85 28.29
C TYR F 217 14.39 -6.56 27.56
N LYS F 218 15.49 -6.60 26.81
CA LYS F 218 15.78 -5.55 25.89
C LYS F 218 15.01 -5.88 24.59
N ILE F 219 14.13 -4.98 24.23
CA ILE F 219 13.30 -5.12 23.04
C ILE F 219 14.18 -4.99 21.79
N PRO F 220 13.94 -5.86 20.79
CA PRO F 220 14.80 -5.81 19.60
C PRO F 220 14.60 -4.58 18.74
N GLY F 221 15.54 -4.34 17.83
CA GLY F 221 15.43 -3.24 16.89
C GLY F 221 15.97 -1.94 17.43
N PRO F 222 16.02 -0.90 16.59
CA PRO F 222 16.63 0.34 17.02
C PRO F 222 15.75 1.11 18.03
N PRO F 223 16.30 2.17 18.60
CA PRO F 223 15.50 2.93 19.56
C PRO F 223 14.26 3.57 18.93
N VAL F 224 13.26 3.86 19.75
CA VAL F 224 12.01 4.46 19.30
C VAL F 224 12.23 5.89 18.81
N PHE F 225 11.57 6.27 17.71
CA PHE F 225 11.70 7.60 17.14
C PHE F 225 10.57 8.48 17.67
N LYS F 226 10.95 9.63 18.21
CA LYS F 226 9.99 10.53 18.87
C LYS F 226 9.72 11.83 18.10
N GLY F 227 10.49 12.08 17.05
CA GLY F 227 10.39 13.33 16.32
C GLY F 227 10.86 14.50 17.16
N THR F 228 10.09 15.59 17.12
CA THR F 228 10.56 16.89 17.60
C THR F 228 10.52 17.12 19.12
CU CU G . 20.56 -16.70 0.91
CU CU H . 23.25 19.60 -19.09
CU CU I . -39.72 -7.03 6.12
CU CU J . -5.11 13.48 39.84
CU CU K . 2.28 -34.85 -10.18
CU CU L . -0.13 -18.61 19.09
#